data_2GPR
# 
_entry.id   2GPR 
# 
_audit_conform.dict_name       mmcif_pdbx.dic 
_audit_conform.dict_version    5.392 
_audit_conform.dict_location   http://mmcif.pdb.org/dictionaries/ascii/mmcif_pdbx.dic 
# 
loop_
_database_2.database_id 
_database_2.database_code 
_database_2.pdbx_database_accession 
_database_2.pdbx_DOI 
PDB   2GPR         pdb_00002gpr 10.2210/pdb2gpr/pdb 
WWPDB D_1000178148 ?            ?                   
# 
loop_
_pdbx_audit_revision_history.ordinal 
_pdbx_audit_revision_history.data_content_type 
_pdbx_audit_revision_history.major_revision 
_pdbx_audit_revision_history.minor_revision 
_pdbx_audit_revision_history.revision_date 
1 'Structure model' 1 0 1998-08-12 
2 'Structure model' 1 1 2008-03-24 
3 'Structure model' 1 2 2011-07-13 
4 'Structure model' 1 3 2023-08-09 
5 'Structure model' 1 4 2024-05-29 
# 
_pdbx_audit_revision_details.ordinal             1 
_pdbx_audit_revision_details.revision_ordinal    1 
_pdbx_audit_revision_details.data_content_type   'Structure model' 
_pdbx_audit_revision_details.provider            repository 
_pdbx_audit_revision_details.type                'Initial release' 
_pdbx_audit_revision_details.description         ? 
_pdbx_audit_revision_details.details             ? 
# 
loop_
_pdbx_audit_revision_group.ordinal 
_pdbx_audit_revision_group.revision_ordinal 
_pdbx_audit_revision_group.data_content_type 
_pdbx_audit_revision_group.group 
1 2 'Structure model' 'Version format compliance' 
2 3 'Structure model' 'Version format compliance' 
3 4 'Structure model' 'Database references'       
4 4 'Structure model' 'Refinement description'    
5 5 'Structure model' 'Data collection'           
# 
loop_
_pdbx_audit_revision_category.ordinal 
_pdbx_audit_revision_category.revision_ordinal 
_pdbx_audit_revision_category.data_content_type 
_pdbx_audit_revision_category.category 
1 4 'Structure model' database_2                    
2 4 'Structure model' pdbx_initial_refinement_model 
3 5 'Structure model' chem_comp_atom                
4 5 'Structure model' chem_comp_bond                
# 
loop_
_pdbx_audit_revision_item.ordinal 
_pdbx_audit_revision_item.revision_ordinal 
_pdbx_audit_revision_item.data_content_type 
_pdbx_audit_revision_item.item 
1 4 'Structure model' '_database_2.pdbx_DOI'                
2 4 'Structure model' '_database_2.pdbx_database_accession' 
# 
_pdbx_database_status.status_code                     REL 
_pdbx_database_status.entry_id                        2GPR 
_pdbx_database_status.recvd_initial_deposition_date   1998-05-19 
_pdbx_database_status.deposit_site                    ? 
_pdbx_database_status.process_site                    BNL 
_pdbx_database_status.SG_entry                        . 
_pdbx_database_status.pdb_format_compatible           Y 
_pdbx_database_status.status_code_mr                  ? 
_pdbx_database_status.status_code_sf                  ? 
_pdbx_database_status.status_code_cs                  ? 
_pdbx_database_status.status_code_nmr_data            ? 
_pdbx_database_status.methods_development_category    ? 
# 
loop_
_audit_author.name 
_audit_author.pdbx_ordinal 
'Huang, K.'    1 
'Herzberg, O.' 2 
# 
_citation.id                        primary 
_citation.title                     
'A promiscuous binding surface: crystal structure of the IIA domain of the glucose-specific permease from Mycoplasma capricolum.' 
_citation.journal_abbrev            Structure 
_citation.journal_volume            6 
_citation.page_first                697 
_citation.page_last                 710 
_citation.year                      1998 
_citation.journal_id_ASTM           STRUE6 
_citation.country                   UK 
_citation.journal_id_ISSN           0969-2126 
_citation.journal_id_CSD            2005 
_citation.book_publisher            ? 
_citation.pdbx_database_id_PubMed   9705652 
_citation.pdbx_database_id_DOI      '10.1016/S0969-2126(98)00072-0' 
# 
loop_
_citation_author.citation_id 
_citation_author.name 
_citation_author.ordinal 
_citation_author.identifier_ORCID 
primary 'Huang, K.'       1 ? 
primary 'Kapadia, G.'     2 ? 
primary 'Zhu, P.P.'       3 ? 
primary 'Peterkofsky, A.' 4 ? 
primary 'Herzberg, O.'    5 ? 
# 
loop_
_entity.id 
_entity.type 
_entity.src_method 
_entity.pdbx_description 
_entity.formula_weight 
_entity.pdbx_number_of_molecules 
_entity.pdbx_ec 
_entity.pdbx_mutation 
_entity.pdbx_fragment 
_entity.details 
1 polymer man 'GLUCOSE-PERMEASE IIA COMPONENT' 16723.242 1  2.7.1.69 ? 'DOMAIN IIA' ? 
2 water   nat water                            18.015    62 ?        ? ?            ? 
# 
_entity_poly.entity_id                      1 
_entity_poly.type                           'polypeptide(L)' 
_entity_poly.nstd_linkage                   no 
_entity_poly.nstd_monomer                   no 
_entity_poly.pdbx_seq_one_letter_code       
;MWFFNKNLKVLAPCDGTIITLDEVEDEVFKERMLGDGFAINPKSNDFHAPVSGKLVTAFPTKHAFGIQTKSGVEILLHIG
LDTVSLDGNGFESFVTQDQEVNAGDKLVTVDLKSVAKKVPSIKSPIIFTNNGGKTLEIVKMGEVKQGDVVAILK
;
_entity_poly.pdbx_seq_one_letter_code_can   
;MWFFNKNLKVLAPCDGTIITLDEVEDEVFKERMLGDGFAINPKSNDFHAPVSGKLVTAFPTKHAFGIQTKSGVEILLHIG
LDTVSLDGNGFESFVTQDQEVNAGDKLVTVDLKSVAKKVPSIKSPIIFTNNGGKTLEIVKMGEVKQGDVVAILK
;
_entity_poly.pdbx_strand_id                 A 
_entity_poly.pdbx_target_identifier         ? 
# 
_pdbx_entity_nonpoly.entity_id   2 
_pdbx_entity_nonpoly.name        water 
_pdbx_entity_nonpoly.comp_id     HOH 
# 
loop_
_entity_poly_seq.entity_id 
_entity_poly_seq.num 
_entity_poly_seq.mon_id 
_entity_poly_seq.hetero 
1 1   MET n 
1 2   TRP n 
1 3   PHE n 
1 4   PHE n 
1 5   ASN n 
1 6   LYS n 
1 7   ASN n 
1 8   LEU n 
1 9   LYS n 
1 10  VAL n 
1 11  LEU n 
1 12  ALA n 
1 13  PRO n 
1 14  CYS n 
1 15  ASP n 
1 16  GLY n 
1 17  THR n 
1 18  ILE n 
1 19  ILE n 
1 20  THR n 
1 21  LEU n 
1 22  ASP n 
1 23  GLU n 
1 24  VAL n 
1 25  GLU n 
1 26  ASP n 
1 27  GLU n 
1 28  VAL n 
1 29  PHE n 
1 30  LYS n 
1 31  GLU n 
1 32  ARG n 
1 33  MET n 
1 34  LEU n 
1 35  GLY n 
1 36  ASP n 
1 37  GLY n 
1 38  PHE n 
1 39  ALA n 
1 40  ILE n 
1 41  ASN n 
1 42  PRO n 
1 43  LYS n 
1 44  SER n 
1 45  ASN n 
1 46  ASP n 
1 47  PHE n 
1 48  HIS n 
1 49  ALA n 
1 50  PRO n 
1 51  VAL n 
1 52  SER n 
1 53  GLY n 
1 54  LYS n 
1 55  LEU n 
1 56  VAL n 
1 57  THR n 
1 58  ALA n 
1 59  PHE n 
1 60  PRO n 
1 61  THR n 
1 62  LYS n 
1 63  HIS n 
1 64  ALA n 
1 65  PHE n 
1 66  GLY n 
1 67  ILE n 
1 68  GLN n 
1 69  THR n 
1 70  LYS n 
1 71  SER n 
1 72  GLY n 
1 73  VAL n 
1 74  GLU n 
1 75  ILE n 
1 76  LEU n 
1 77  LEU n 
1 78  HIS n 
1 79  ILE n 
1 80  GLY n 
1 81  LEU n 
1 82  ASP n 
1 83  THR n 
1 84  VAL n 
1 85  SER n 
1 86  LEU n 
1 87  ASP n 
1 88  GLY n 
1 89  ASN n 
1 90  GLY n 
1 91  PHE n 
1 92  GLU n 
1 93  SER n 
1 94  PHE n 
1 95  VAL n 
1 96  THR n 
1 97  GLN n 
1 98  ASP n 
1 99  GLN n 
1 100 GLU n 
1 101 VAL n 
1 102 ASN n 
1 103 ALA n 
1 104 GLY n 
1 105 ASP n 
1 106 LYS n 
1 107 LEU n 
1 108 VAL n 
1 109 THR n 
1 110 VAL n 
1 111 ASP n 
1 112 LEU n 
1 113 LYS n 
1 114 SER n 
1 115 VAL n 
1 116 ALA n 
1 117 LYS n 
1 118 LYS n 
1 119 VAL n 
1 120 PRO n 
1 121 SER n 
1 122 ILE n 
1 123 LYS n 
1 124 SER n 
1 125 PRO n 
1 126 ILE n 
1 127 ILE n 
1 128 PHE n 
1 129 THR n 
1 130 ASN n 
1 131 ASN n 
1 132 GLY n 
1 133 GLY n 
1 134 LYS n 
1 135 THR n 
1 136 LEU n 
1 137 GLU n 
1 138 ILE n 
1 139 VAL n 
1 140 LYS n 
1 141 MET n 
1 142 GLY n 
1 143 GLU n 
1 144 VAL n 
1 145 LYS n 
1 146 GLN n 
1 147 GLY n 
1 148 ASP n 
1 149 VAL n 
1 150 VAL n 
1 151 ALA n 
1 152 ILE n 
1 153 LEU n 
1 154 LYS n 
# 
_entity_src_gen.entity_id                          1 
_entity_src_gen.pdbx_src_id                        1 
_entity_src_gen.pdbx_alt_source_flag               sample 
_entity_src_gen.pdbx_seq_type                      ? 
_entity_src_gen.pdbx_beg_seq_num                   ? 
_entity_src_gen.pdbx_end_seq_num                   ? 
_entity_src_gen.gene_src_common_name               ? 
_entity_src_gen.gene_src_genus                     Mycoplasma 
_entity_src_gen.pdbx_gene_src_gene                 ? 
_entity_src_gen.gene_src_species                   ? 
_entity_src_gen.gene_src_strain                    KID 
_entity_src_gen.gene_src_tissue                    ? 
_entity_src_gen.gene_src_tissue_fraction           ? 
_entity_src_gen.gene_src_details                   ? 
_entity_src_gen.pdbx_gene_src_fragment             ? 
_entity_src_gen.pdbx_gene_src_scientific_name      'Mycoplasma capricolum' 
_entity_src_gen.pdbx_gene_src_ncbi_taxonomy_id     2095 
_entity_src_gen.pdbx_gene_src_variant              ? 
_entity_src_gen.pdbx_gene_src_cell_line            ? 
_entity_src_gen.pdbx_gene_src_atcc                 'ATCC 27343' 
_entity_src_gen.pdbx_gene_src_organ                ? 
_entity_src_gen.pdbx_gene_src_organelle            ? 
_entity_src_gen.pdbx_gene_src_cell                 ? 
_entity_src_gen.pdbx_gene_src_cellular_location    CYTOPLASM 
_entity_src_gen.host_org_common_name               ? 
_entity_src_gen.pdbx_host_org_scientific_name      'Escherichia coli' 
_entity_src_gen.pdbx_host_org_ncbi_taxonomy_id     562 
_entity_src_gen.host_org_genus                     Escherichia 
_entity_src_gen.pdbx_host_org_gene                 ? 
_entity_src_gen.pdbx_host_org_organ                ? 
_entity_src_gen.host_org_species                   ? 
_entity_src_gen.pdbx_host_org_tissue               ? 
_entity_src_gen.pdbx_host_org_tissue_fraction      ? 
_entity_src_gen.pdbx_host_org_strain               ? 
_entity_src_gen.pdbx_host_org_variant              ? 
_entity_src_gen.pdbx_host_org_cell_line            ? 
_entity_src_gen.pdbx_host_org_atcc                 ? 
_entity_src_gen.pdbx_host_org_culture_collection   ? 
_entity_src_gen.pdbx_host_org_cell                 ? 
_entity_src_gen.pdbx_host_org_organelle            ? 
_entity_src_gen.pdbx_host_org_cellular_location    ? 
_entity_src_gen.pdbx_host_org_vector_type          ? 
_entity_src_gen.pdbx_host_org_vector               ? 
_entity_src_gen.host_org_details                   ? 
_entity_src_gen.expression_system_id               ? 
_entity_src_gen.plasmid_name                       ? 
_entity_src_gen.plasmid_details                    ? 
_entity_src_gen.pdbx_description                   ? 
# 
loop_
_chem_comp.id 
_chem_comp.type 
_chem_comp.mon_nstd_flag 
_chem_comp.name 
_chem_comp.pdbx_synonyms 
_chem_comp.formula 
_chem_comp.formula_weight 
ALA 'L-peptide linking' y ALANINE         ? 'C3 H7 N O2'     89.093  
ARG 'L-peptide linking' y ARGININE        ? 'C6 H15 N4 O2 1' 175.209 
ASN 'L-peptide linking' y ASPARAGINE      ? 'C4 H8 N2 O3'    132.118 
ASP 'L-peptide linking' y 'ASPARTIC ACID' ? 'C4 H7 N O4'     133.103 
CYS 'L-peptide linking' y CYSTEINE        ? 'C3 H7 N O2 S'   121.158 
GLN 'L-peptide linking' y GLUTAMINE       ? 'C5 H10 N2 O3'   146.144 
GLU 'L-peptide linking' y 'GLUTAMIC ACID' ? 'C5 H9 N O4'     147.129 
GLY 'peptide linking'   y GLYCINE         ? 'C2 H5 N O2'     75.067  
HIS 'L-peptide linking' y HISTIDINE       ? 'C6 H10 N3 O2 1' 156.162 
HOH non-polymer         . WATER           ? 'H2 O'           18.015  
ILE 'L-peptide linking' y ISOLEUCINE      ? 'C6 H13 N O2'    131.173 
LEU 'L-peptide linking' y LEUCINE         ? 'C6 H13 N O2'    131.173 
LYS 'L-peptide linking' y LYSINE          ? 'C6 H15 N2 O2 1' 147.195 
MET 'L-peptide linking' y METHIONINE      ? 'C5 H11 N O2 S'  149.211 
PHE 'L-peptide linking' y PHENYLALANINE   ? 'C9 H11 N O2'    165.189 
PRO 'L-peptide linking' y PROLINE         ? 'C5 H9 N O2'     115.130 
SER 'L-peptide linking' y SERINE          ? 'C3 H7 N O3'     105.093 
THR 'L-peptide linking' y THREONINE       ? 'C4 H9 N O3'     119.119 
TRP 'L-peptide linking' y TRYPTOPHAN      ? 'C11 H12 N2 O2'  204.225 
VAL 'L-peptide linking' y VALINE          ? 'C5 H11 N O2'    117.146 
# 
loop_
_pdbx_poly_seq_scheme.asym_id 
_pdbx_poly_seq_scheme.entity_id 
_pdbx_poly_seq_scheme.seq_id 
_pdbx_poly_seq_scheme.mon_id 
_pdbx_poly_seq_scheme.ndb_seq_num 
_pdbx_poly_seq_scheme.pdb_seq_num 
_pdbx_poly_seq_scheme.auth_seq_num 
_pdbx_poly_seq_scheme.pdb_mon_id 
_pdbx_poly_seq_scheme.auth_mon_id 
_pdbx_poly_seq_scheme.pdb_strand_id 
_pdbx_poly_seq_scheme.pdb_ins_code 
_pdbx_poly_seq_scheme.hetero 
A 1 1   MET 1   6   6   MET MET A . n 
A 1 2   TRP 2   7   7   TRP TRP A . n 
A 1 3   PHE 3   8   8   PHE PHE A . n 
A 1 4   PHE 4   9   9   PHE PHE A . n 
A 1 5   ASN 5   10  10  ASN ASN A . n 
A 1 6   LYS 6   11  11  LYS LYS A . n 
A 1 7   ASN 7   12  12  ASN ASN A . n 
A 1 8   LEU 8   13  13  LEU LEU A . n 
A 1 9   LYS 9   14  14  LYS LYS A . n 
A 1 10  VAL 10  15  15  VAL VAL A . n 
A 1 11  LEU 11  16  16  LEU LEU A . n 
A 1 12  ALA 12  17  17  ALA ALA A . n 
A 1 13  PRO 13  18  18  PRO PRO A . n 
A 1 14  CYS 14  19  19  CYS CYS A . n 
A 1 15  ASP 15  20  20  ASP ASP A . n 
A 1 16  GLY 16  21  21  GLY GLY A . n 
A 1 17  THR 17  22  22  THR THR A . n 
A 1 18  ILE 18  23  23  ILE ILE A . n 
A 1 19  ILE 19  24  24  ILE ILE A . n 
A 1 20  THR 20  25  25  THR THR A . n 
A 1 21  LEU 21  26  26  LEU LEU A . n 
A 1 22  ASP 22  27  27  ASP ASP A . n 
A 1 23  GLU 23  28  28  GLU GLU A . n 
A 1 24  VAL 24  29  29  VAL VAL A . n 
A 1 25  GLU 25  30  30  GLU GLU A . n 
A 1 26  ASP 26  31  31  ASP ASP A . n 
A 1 27  GLU 27  32  32  GLU GLU A . n 
A 1 28  VAL 28  33  33  VAL VAL A . n 
A 1 29  PHE 29  34  34  PHE PHE A . n 
A 1 30  LYS 30  35  35  LYS LYS A . n 
A 1 31  GLU 31  36  36  GLU GLU A . n 
A 1 32  ARG 32  37  37  ARG ARG A . n 
A 1 33  MET 33  38  38  MET MET A . n 
A 1 34  LEU 34  39  39  LEU LEU A . n 
A 1 35  GLY 35  40  40  GLY GLY A . n 
A 1 36  ASP 36  41  41  ASP ASP A . n 
A 1 37  GLY 37  42  42  GLY GLY A . n 
A 1 38  PHE 38  43  43  PHE PHE A . n 
A 1 39  ALA 39  44  44  ALA ALA A . n 
A 1 40  ILE 40  45  45  ILE ILE A . n 
A 1 41  ASN 41  46  46  ASN ASN A . n 
A 1 42  PRO 42  47  47  PRO PRO A . n 
A 1 43  LYS 43  48  48  LYS LYS A . n 
A 1 44  SER 44  49  49  SER SER A . n 
A 1 45  ASN 45  50  50  ASN ASN A . n 
A 1 46  ASP 46  51  51  ASP ASP A . n 
A 1 47  PHE 47  52  52  PHE PHE A . n 
A 1 48  HIS 48  53  53  HIS HIS A . n 
A 1 49  ALA 49  54  54  ALA ALA A . n 
A 1 50  PRO 50  55  55  PRO PRO A . n 
A 1 51  VAL 51  56  56  VAL VAL A . n 
A 1 52  SER 52  57  57  SER SER A . n 
A 1 53  GLY 53  58  58  GLY GLY A . n 
A 1 54  LYS 54  59  59  LYS LYS A . n 
A 1 55  LEU 55  60  60  LEU LEU A . n 
A 1 56  VAL 56  61  61  VAL VAL A . n 
A 1 57  THR 57  62  62  THR THR A . n 
A 1 58  ALA 58  63  63  ALA ALA A . n 
A 1 59  PHE 59  64  64  PHE PHE A . n 
A 1 60  PRO 60  65  65  PRO PRO A . n 
A 1 61  THR 61  66  66  THR THR A . n 
A 1 62  LYS 62  67  67  LYS LYS A . n 
A 1 63  HIS 63  68  68  HIS HIS A . n 
A 1 64  ALA 64  69  69  ALA ALA A . n 
A 1 65  PHE 65  70  70  PHE PHE A . n 
A 1 66  GLY 66  71  71  GLY GLY A . n 
A 1 67  ILE 67  72  72  ILE ILE A . n 
A 1 68  GLN 68  73  73  GLN GLN A . n 
A 1 69  THR 69  74  74  THR THR A . n 
A 1 70  LYS 70  75  75  LYS LYS A . n 
A 1 71  SER 71  76  76  SER SER A . n 
A 1 72  GLY 72  77  77  GLY GLY A . n 
A 1 73  VAL 73  78  78  VAL VAL A . n 
A 1 74  GLU 74  79  79  GLU GLU A . n 
A 1 75  ILE 75  80  80  ILE ILE A . n 
A 1 76  LEU 76  81  81  LEU LEU A . n 
A 1 77  LEU 77  82  82  LEU LEU A . n 
A 1 78  HIS 78  83  83  HIS HIS A . n 
A 1 79  ILE 79  84  84  ILE ILE A . n 
A 1 80  GLY 80  85  85  GLY GLY A . n 
A 1 81  LEU 81  86  86  LEU LEU A . n 
A 1 82  ASP 82  87  87  ASP ASP A . n 
A 1 83  THR 83  88  88  THR THR A . n 
A 1 84  VAL 84  89  89  VAL VAL A . n 
A 1 85  SER 85  90  90  SER SER A . n 
A 1 86  LEU 86  91  91  LEU LEU A . n 
A 1 87  ASP 87  92  92  ASP ASP A . n 
A 1 88  GLY 88  93  93  GLY GLY A . n 
A 1 89  ASN 89  94  94  ASN ASN A . n 
A 1 90  GLY 90  95  95  GLY GLY A . n 
A 1 91  PHE 91  96  96  PHE PHE A . n 
A 1 92  GLU 92  97  97  GLU GLU A . n 
A 1 93  SER 93  98  98  SER SER A . n 
A 1 94  PHE 94  99  99  PHE PHE A . n 
A 1 95  VAL 95  100 100 VAL VAL A . n 
A 1 96  THR 96  101 101 THR THR A . n 
A 1 97  GLN 97  102 102 GLN GLN A . n 
A 1 98  ASP 98  103 103 ASP ASP A . n 
A 1 99  GLN 99  104 104 GLN GLN A . n 
A 1 100 GLU 100 105 105 GLU GLU A . n 
A 1 101 VAL 101 106 106 VAL VAL A . n 
A 1 102 ASN 102 107 107 ASN ASN A . n 
A 1 103 ALA 103 108 108 ALA ALA A . n 
A 1 104 GLY 104 109 109 GLY GLY A . n 
A 1 105 ASP 105 110 110 ASP ASP A . n 
A 1 106 LYS 106 111 111 LYS LYS A . n 
A 1 107 LEU 107 112 112 LEU LEU A . n 
A 1 108 VAL 108 113 113 VAL VAL A . n 
A 1 109 THR 109 114 114 THR THR A . n 
A 1 110 VAL 110 115 115 VAL VAL A . n 
A 1 111 ASP 111 116 116 ASP ASP A . n 
A 1 112 LEU 112 117 117 LEU LEU A . n 
A 1 113 LYS 113 118 118 LYS LYS A . n 
A 1 114 SER 114 119 119 SER SER A . n 
A 1 115 VAL 115 120 120 VAL VAL A . n 
A 1 116 ALA 116 121 121 ALA ALA A . n 
A 1 117 LYS 117 122 122 LYS LYS A . n 
A 1 118 LYS 118 123 123 LYS LYS A . n 
A 1 119 VAL 119 124 124 VAL VAL A . n 
A 1 120 PRO 120 125 125 PRO PRO A . n 
A 1 121 SER 121 126 126 SER SER A . n 
A 1 122 ILE 122 127 127 ILE ILE A . n 
A 1 123 LYS 123 128 128 LYS LYS A . n 
A 1 124 SER 124 129 129 SER SER A . n 
A 1 125 PRO 125 130 130 PRO PRO A . n 
A 1 126 ILE 126 131 131 ILE ILE A . n 
A 1 127 ILE 127 132 132 ILE ILE A . n 
A 1 128 PHE 128 133 133 PHE PHE A . n 
A 1 129 THR 129 134 134 THR THR A . n 
A 1 130 ASN 130 135 135 ASN ASN A . n 
A 1 131 ASN 131 136 136 ASN ASN A . n 
A 1 132 GLY 132 137 137 GLY GLY A . n 
A 1 133 GLY 133 138 138 GLY GLY A . n 
A 1 134 LYS 134 139 139 LYS LYS A . n 
A 1 135 THR 135 140 140 THR THR A . n 
A 1 136 LEU 136 141 141 LEU LEU A . n 
A 1 137 GLU 137 142 142 GLU GLU A . n 
A 1 138 ILE 138 143 143 ILE ILE A . n 
A 1 139 VAL 139 144 144 VAL VAL A . n 
A 1 140 LYS 140 145 145 LYS LYS A . n 
A 1 141 MET 141 146 146 MET MET A . n 
A 1 142 GLY 142 147 147 GLY GLY A . n 
A 1 143 GLU 143 148 148 GLU GLU A . n 
A 1 144 VAL 144 149 149 VAL VAL A . n 
A 1 145 LYS 145 150 150 LYS LYS A . n 
A 1 146 GLN 146 151 151 GLN GLN A . n 
A 1 147 GLY 147 152 152 GLY GLY A . n 
A 1 148 ASP 148 153 153 ASP ASP A . n 
A 1 149 VAL 149 154 154 VAL VAL A . n 
A 1 150 VAL 150 155 155 VAL VAL A . n 
A 1 151 ALA 151 156 156 ALA ALA A . n 
A 1 152 ILE 152 157 157 ILE ILE A . n 
A 1 153 LEU 153 158 158 LEU LEU A . n 
A 1 154 LYS 154 159 159 LYS LYS A . n 
# 
loop_
_pdbx_nonpoly_scheme.asym_id 
_pdbx_nonpoly_scheme.entity_id 
_pdbx_nonpoly_scheme.mon_id 
_pdbx_nonpoly_scheme.ndb_seq_num 
_pdbx_nonpoly_scheme.pdb_seq_num 
_pdbx_nonpoly_scheme.auth_seq_num 
_pdbx_nonpoly_scheme.pdb_mon_id 
_pdbx_nonpoly_scheme.auth_mon_id 
_pdbx_nonpoly_scheme.pdb_strand_id 
_pdbx_nonpoly_scheme.pdb_ins_code 
B 2 HOH 1  160 1  HOH HOH A . 
B 2 HOH 2  161 2  HOH HOH A . 
B 2 HOH 3  162 3  HOH HOH A . 
B 2 HOH 4  163 4  HOH HOH A . 
B 2 HOH 5  164 5  HOH HOH A . 
B 2 HOH 6  165 6  HOH HOH A . 
B 2 HOH 7  166 7  HOH HOH A . 
B 2 HOH 8  167 8  HOH HOH A . 
B 2 HOH 9  168 9  HOH HOH A . 
B 2 HOH 10 169 10 HOH HOH A . 
B 2 HOH 11 170 11 HOH HOH A . 
B 2 HOH 12 171 12 HOH HOH A . 
B 2 HOH 13 172 13 HOH HOH A . 
B 2 HOH 14 173 14 HOH HOH A . 
B 2 HOH 15 174 15 HOH HOH A . 
B 2 HOH 16 175 16 HOH HOH A . 
B 2 HOH 17 176 17 HOH HOH A . 
B 2 HOH 18 177 18 HOH HOH A . 
B 2 HOH 19 178 19 HOH HOH A . 
B 2 HOH 20 179 20 HOH HOH A . 
B 2 HOH 21 180 21 HOH HOH A . 
B 2 HOH 22 181 22 HOH HOH A . 
B 2 HOH 23 182 23 HOH HOH A . 
B 2 HOH 24 183 24 HOH HOH A . 
B 2 HOH 25 184 25 HOH HOH A . 
B 2 HOH 26 185 26 HOH HOH A . 
B 2 HOH 27 186 27 HOH HOH A . 
B 2 HOH 28 187 28 HOH HOH A . 
B 2 HOH 29 188 29 HOH HOH A . 
B 2 HOH 30 189 30 HOH HOH A . 
B 2 HOH 31 190 31 HOH HOH A . 
B 2 HOH 32 191 32 HOH HOH A . 
B 2 HOH 33 192 33 HOH HOH A . 
B 2 HOH 34 193 34 HOH HOH A . 
B 2 HOH 35 194 35 HOH HOH A . 
B 2 HOH 36 195 36 HOH HOH A . 
B 2 HOH 37 196 37 HOH HOH A . 
B 2 HOH 38 197 38 HOH HOH A . 
B 2 HOH 39 198 39 HOH HOH A . 
B 2 HOH 40 199 40 HOH HOH A . 
B 2 HOH 41 200 41 HOH HOH A . 
B 2 HOH 42 201 42 HOH HOH A . 
B 2 HOH 43 202 43 HOH HOH A . 
B 2 HOH 44 203 44 HOH HOH A . 
B 2 HOH 45 204 45 HOH HOH A . 
B 2 HOH 46 205 46 HOH HOH A . 
B 2 HOH 47 206 47 HOH HOH A . 
B 2 HOH 48 207 48 HOH HOH A . 
B 2 HOH 49 208 49 HOH HOH A . 
B 2 HOH 50 209 50 HOH HOH A . 
B 2 HOH 51 210 51 HOH HOH A . 
B 2 HOH 52 211 52 HOH HOH A . 
B 2 HOH 53 212 53 HOH HOH A . 
B 2 HOH 54 213 54 HOH HOH A . 
B 2 HOH 55 214 55 HOH HOH A . 
B 2 HOH 56 215 56 HOH HOH A . 
B 2 HOH 57 216 57 HOH HOH A . 
B 2 HOH 58 217 58 HOH HOH A . 
B 2 HOH 59 218 59 HOH HOH A . 
B 2 HOH 60 219 60 HOH HOH A . 
B 2 HOH 61 220 61 HOH HOH A . 
B 2 HOH 62 221 62 HOH HOH A . 
# 
loop_
_pdbx_unobs_or_zero_occ_atoms.id 
_pdbx_unobs_or_zero_occ_atoms.PDB_model_num 
_pdbx_unobs_or_zero_occ_atoms.polymer_flag 
_pdbx_unobs_or_zero_occ_atoms.occupancy_flag 
_pdbx_unobs_or_zero_occ_atoms.auth_asym_id 
_pdbx_unobs_or_zero_occ_atoms.auth_comp_id 
_pdbx_unobs_or_zero_occ_atoms.auth_seq_id 
_pdbx_unobs_or_zero_occ_atoms.PDB_ins_code 
_pdbx_unobs_or_zero_occ_atoms.auth_atom_id 
_pdbx_unobs_or_zero_occ_atoms.label_alt_id 
_pdbx_unobs_or_zero_occ_atoms.label_asym_id 
_pdbx_unobs_or_zero_occ_atoms.label_comp_id 
_pdbx_unobs_or_zero_occ_atoms.label_seq_id 
_pdbx_unobs_or_zero_occ_atoms.label_atom_id 
1 1 Y 1 A TRP 7 ? CG  ? A TRP 2 CG  
2 1 Y 1 A TRP 7 ? CD1 ? A TRP 2 CD1 
3 1 Y 1 A TRP 7 ? CD2 ? A TRP 2 CD2 
4 1 Y 1 A TRP 7 ? NE1 ? A TRP 2 NE1 
5 1 Y 1 A TRP 7 ? CE2 ? A TRP 2 CE2 
6 1 Y 1 A TRP 7 ? CE3 ? A TRP 2 CE3 
7 1 Y 1 A TRP 7 ? CZ2 ? A TRP 2 CZ2 
8 1 Y 1 A TRP 7 ? CZ3 ? A TRP 2 CZ3 
9 1 Y 1 A TRP 7 ? CH2 ? A TRP 2 CH2 
# 
loop_
_software.name 
_software.classification 
_software.version 
_software.citation_id 
_software.pdbx_ordinal 
AMoRE  phasing          . ? 1 
TNT    refinement       5 ? 2 
XENGEN 'data reduction' . ? 3 
XENGEN 'data scaling'   . ? 4 
# 
_cell.entry_id           2GPR 
_cell.length_a           40.330 
_cell.length_b           47.650 
_cell.length_c           71.890 
_cell.angle_alpha        90.00 
_cell.angle_beta         90.00 
_cell.angle_gamma        90.00 
_cell.Z_PDB              4 
_cell.pdbx_unique_axis   ? 
# 
_symmetry.entry_id                         2GPR 
_symmetry.space_group_name_H-M             'P 21 21 21' 
_symmetry.pdbx_full_space_group_name_H-M   ? 
_symmetry.cell_setting                     ? 
_symmetry.Int_Tables_number                19 
# 
_exptl.entry_id          2GPR 
_exptl.method            'X-RAY DIFFRACTION' 
_exptl.crystals_number   1 
# 
_exptl_crystal.id                    1 
_exptl_crystal.density_meas          ? 
_exptl_crystal.density_Matthews      2.07 
_exptl_crystal.density_percent_sol   41.0 
_exptl_crystal.description           ? 
# 
_exptl_crystal_grow.crystal_id      1 
_exptl_crystal_grow.method          ? 
_exptl_crystal_grow.temp            ? 
_exptl_crystal_grow.temp_details    ? 
_exptl_crystal_grow.pH              7.5 
_exptl_crystal_grow.pdbx_pH_range   ? 
_exptl_crystal_grow.pdbx_details    'PROTEIN WAS CRYSTALLIZED FROM 20-30% PEG 3000, 0.3MM ZNCL2, 100MM TRIS-HCL BUFFER, PH 7.5.' 
# 
_diffrn.id                     1 
_diffrn.ambient_temp           298 
_diffrn.ambient_temp_details   ? 
_diffrn.crystal_id             1 
# 
_diffrn_detector.diffrn_id              1 
_diffrn_detector.detector               'AREA DETECTOR' 
_diffrn_detector.type                   SIEMENS 
_diffrn_detector.pdbx_collection_date   1995-11 
_diffrn_detector.details                ? 
# 
_diffrn_radiation.diffrn_id                        1 
_diffrn_radiation.wavelength_id                    1 
_diffrn_radiation.pdbx_monochromatic_or_laue_m_l   M 
_diffrn_radiation.monochromator                    'NI FILTER' 
_diffrn_radiation.pdbx_diffrn_protocol             ? 
_diffrn_radiation.pdbx_scattering_type             x-ray 
# 
_diffrn_radiation_wavelength.id           1 
_diffrn_radiation_wavelength.wavelength   1.5418 
_diffrn_radiation_wavelength.wt           1.0 
# 
_diffrn_source.diffrn_id                   1 
_diffrn_source.source                      'ROTATING ANODE' 
_diffrn_source.type                        'RIGAKU RUH2R' 
_diffrn_source.pdbx_synchrotron_site       ? 
_diffrn_source.pdbx_synchrotron_beamline   ? 
_diffrn_source.pdbx_wavelength             1.5418 
_diffrn_source.pdbx_wavelength_list        ? 
# 
_reflns.entry_id                     2GPR 
_reflns.observed_criterion_sigma_I   2 
_reflns.observed_criterion_sigma_F   ? 
_reflns.d_resolution_low             20 
_reflns.d_resolution_high            2.5 
_reflns.number_obs                   4952 
_reflns.number_all                   ? 
_reflns.percent_possible_obs         97 
_reflns.pdbx_Rmerge_I_obs            ? 
_reflns.pdbx_Rsym_value              0.0690000 
_reflns.pdbx_netI_over_sigmaI        28.3 
_reflns.B_iso_Wilson_estimate        ? 
_reflns.pdbx_redundancy              2.2 
_reflns.pdbx_diffrn_id               1 
_reflns.pdbx_ordinal                 1 
# 
_refine.entry_id                                 2GPR 
_refine.ls_number_reflns_obs                     4296 
_refine.ls_number_reflns_all                     ? 
_refine.pdbx_ls_sigma_I                          ? 
_refine.pdbx_ls_sigma_F                          2 
_refine.pdbx_data_cutoff_high_absF               ? 
_refine.pdbx_data_cutoff_low_absF                ? 
_refine.pdbx_data_cutoff_high_rms_absF           ? 
_refine.ls_d_res_low                             20.0 
_refine.ls_d_res_high                            2.5 
_refine.ls_percent_reflns_obs                    87 
_refine.ls_R_factor_obs                          0.1860000 
_refine.ls_R_factor_all                          ? 
_refine.ls_R_factor_R_work                       ? 
_refine.ls_R_factor_R_free                       ? 
_refine.ls_R_factor_R_free_error                 ? 
_refine.ls_R_factor_R_free_error_details         ? 
_refine.ls_percent_reflns_R_free                 ? 
_refine.ls_number_reflns_R_free                  ? 
_refine.ls_number_parameters                     ? 
_refine.ls_number_restraints                     ? 
_refine.occupancy_min                            ? 
_refine.occupancy_max                            ? 
_refine.B_iso_mean                               ? 
_refine.aniso_B[1][1]                            ? 
_refine.aniso_B[2][2]                            ? 
_refine.aniso_B[3][3]                            ? 
_refine.aniso_B[1][2]                            ? 
_refine.aniso_B[1][3]                            ? 
_refine.aniso_B[2][3]                            ? 
_refine.solvent_model_details                    'BABINET SCALING' 
_refine.solvent_model_param_ksol                 0.6 
_refine.solvent_model_param_bsol                 134.2 
_refine.pdbx_ls_cross_valid_method               ? 
_refine.details                                  ? 
_refine.pdbx_starting_model                      'PDB ENTRY 1GPR' 
_refine.pdbx_method_to_determine_struct          'MOLECULAR REPLACEMENT' 
_refine.pdbx_isotropic_thermal_model             'TNT BCORREL' 
_refine.pdbx_stereochemistry_target_values       'TNT PROTGEO' 
_refine.pdbx_stereochem_target_val_spec_case     ? 
_refine.pdbx_R_Free_selection_details            ? 
_refine.pdbx_overall_ESU_R                       ? 
_refine.pdbx_overall_ESU_R_Free                  ? 
_refine.overall_SU_ML                            ? 
_refine.overall_SU_B                             ? 
_refine.pdbx_refine_id                           'X-RAY DIFFRACTION' 
_refine.pdbx_diffrn_id                           1 
_refine.pdbx_TLS_residual_ADP_flag               ? 
_refine.correlation_coeff_Fo_to_Fc               ? 
_refine.correlation_coeff_Fo_to_Fc_free          ? 
_refine.pdbx_solvent_vdw_probe_radii             ? 
_refine.pdbx_solvent_ion_probe_radii             ? 
_refine.pdbx_solvent_shrinkage_radii             ? 
_refine.pdbx_overall_phase_error                 ? 
_refine.overall_SU_R_Cruickshank_DPI             ? 
_refine.pdbx_overall_SU_R_free_Cruickshank_DPI   ? 
_refine.pdbx_overall_SU_R_Blow_DPI               ? 
_refine.pdbx_overall_SU_R_free_Blow_DPI          ? 
# 
_refine_hist.pdbx_refine_id                   'X-RAY DIFFRACTION' 
_refine_hist.cycle_id                         LAST 
_refine_hist.pdbx_number_atoms_protein        1176 
_refine_hist.pdbx_number_atoms_nucleic_acid   0 
_refine_hist.pdbx_number_atoms_ligand         0 
_refine_hist.number_atoms_solvent             62 
_refine_hist.number_atoms_total               1238 
_refine_hist.d_res_high                       2.5 
_refine_hist.d_res_low                        20.0 
# 
loop_
_refine_ls_restr.type 
_refine_ls_restr.dev_ideal 
_refine_ls_restr.dev_ideal_target 
_refine_ls_restr.weight 
_refine_ls_restr.number 
_refine_ls_restr.pdbx_refine_id 
_refine_ls_restr.pdbx_restraint_function 
t_bond_d           0.018 ? ? ? 'X-RAY DIFFRACTION' ? 
t_angle_deg        2.28  ? ? ? 'X-RAY DIFFRACTION' ? 
t_dihedral_angle_d 20.2  ? ? ? 'X-RAY DIFFRACTION' ? 
t_incorr_chiral_ct 0     ? ? ? 'X-RAY DIFFRACTION' ? 
t_pseud_angle      ?     ? ? ? 'X-RAY DIFFRACTION' ? 
t_trig_c_planes    0.02  ? ? ? 'X-RAY DIFFRACTION' ? 
t_gen_planes       0.019 ? ? ? 'X-RAY DIFFRACTION' ? 
t_it               2.6   ? ? ? 'X-RAY DIFFRACTION' ? 
t_nbd              0.036 ? ? ? 'X-RAY DIFFRACTION' ? 
# 
_struct.entry_id                  2GPR 
_struct.title                     'GLUCOSE PERMEASE IIA FROM MYCOPLASMA CAPRICOLUM' 
_struct.pdbx_model_details        ? 
_struct.pdbx_CASP_flag            ? 
_struct.pdbx_model_type_details   ? 
# 
_struct_keywords.entry_id        2GPR 
_struct_keywords.pdbx_keywords   PHOSPHOTRANSFERASE 
_struct_keywords.text            'PHOSPHOTRANSFERASE, GLUCOSE PERMEASE, ENZYME IIA, MYCOPLASMA' 
# 
loop_
_struct_asym.id 
_struct_asym.pdbx_blank_PDB_chainid_flag 
_struct_asym.pdbx_modified 
_struct_asym.entity_id 
_struct_asym.details 
A N N 1 ? 
B N N 2 ? 
# 
_struct_ref.id                         1 
_struct_ref.db_name                    UNP 
_struct_ref.db_code                    PTGA_MYCCA 
_struct_ref.entity_id                  1 
_struct_ref.pdbx_db_accession          P45618 
_struct_ref.pdbx_align_begin           1 
_struct_ref.pdbx_seq_one_letter_code   
;MWFFNKNLKVLAPCDGTIITLDEVEDEVFKERMLGDGFAINPKSNDFHAPVSGKLVTAFPTKHAFGIQTKSGVEILLHIG
LDTVSLDGNGFESFVTQDQEVNAGDKLVTVDLKSVAKKVPSIKSPIIFTNNGGKTLEIVKMGEVKQGDVVAILK
;
_struct_ref.pdbx_db_isoform            ? 
# 
_struct_ref_seq.align_id                      1 
_struct_ref_seq.ref_id                        1 
_struct_ref_seq.pdbx_PDB_id_code              2GPR 
_struct_ref_seq.pdbx_strand_id                A 
_struct_ref_seq.seq_align_beg                 1 
_struct_ref_seq.pdbx_seq_align_beg_ins_code   ? 
_struct_ref_seq.seq_align_end                 154 
_struct_ref_seq.pdbx_seq_align_end_ins_code   ? 
_struct_ref_seq.pdbx_db_accession             P45618 
_struct_ref_seq.db_align_beg                  1 
_struct_ref_seq.pdbx_db_align_beg_ins_code    ? 
_struct_ref_seq.db_align_end                  154 
_struct_ref_seq.pdbx_db_align_end_ins_code    ? 
_struct_ref_seq.pdbx_auth_seq_align_beg       6 
_struct_ref_seq.pdbx_auth_seq_align_end       159 
# 
_pdbx_struct_assembly.id                   1 
_pdbx_struct_assembly.details              author_defined_assembly 
_pdbx_struct_assembly.method_details       ? 
_pdbx_struct_assembly.oligomeric_details   monomeric 
_pdbx_struct_assembly.oligomeric_count     1 
# 
_pdbx_struct_assembly_gen.assembly_id       1 
_pdbx_struct_assembly_gen.oper_expression   1 
_pdbx_struct_assembly_gen.asym_id_list      A,B 
# 
_pdbx_struct_oper_list.id                   1 
_pdbx_struct_oper_list.type                 'identity operation' 
_pdbx_struct_oper_list.name                 1_555 
_pdbx_struct_oper_list.symmetry_operation   x,y,z 
_pdbx_struct_oper_list.matrix[1][1]         1.0000000000 
_pdbx_struct_oper_list.matrix[1][2]         0.0000000000 
_pdbx_struct_oper_list.matrix[1][3]         0.0000000000 
_pdbx_struct_oper_list.vector[1]            0.0000000000 
_pdbx_struct_oper_list.matrix[2][1]         0.0000000000 
_pdbx_struct_oper_list.matrix[2][2]         1.0000000000 
_pdbx_struct_oper_list.matrix[2][3]         0.0000000000 
_pdbx_struct_oper_list.vector[2]            0.0000000000 
_pdbx_struct_oper_list.matrix[3][1]         0.0000000000 
_pdbx_struct_oper_list.matrix[3][2]         0.0000000000 
_pdbx_struct_oper_list.matrix[3][3]         1.0000000000 
_pdbx_struct_oper_list.vector[3]            0.0000000000 
# 
_struct_biol.id   1 
# 
loop_
_struct_conf.conf_type_id 
_struct_conf.id 
_struct_conf.pdbx_PDB_helix_id 
_struct_conf.beg_label_comp_id 
_struct_conf.beg_label_asym_id 
_struct_conf.beg_label_seq_id 
_struct_conf.pdbx_beg_PDB_ins_code 
_struct_conf.end_label_comp_id 
_struct_conf.end_label_asym_id 
_struct_conf.end_label_seq_id 
_struct_conf.pdbx_end_PDB_ins_code 
_struct_conf.beg_auth_comp_id 
_struct_conf.beg_auth_asym_id 
_struct_conf.beg_auth_seq_id 
_struct_conf.end_auth_comp_id 
_struct_conf.end_auth_asym_id 
_struct_conf.end_auth_seq_id 
_struct_conf.pdbx_PDB_helix_class 
_struct_conf.details 
_struct_conf.pdbx_PDB_helix_length 
HELX_P HELX_P1 1 LEU A 21  ? GLU A 23  ? LEU A 26  GLU A 28  5 ? 3 
HELX_P HELX_P2 2 GLU A 27  ? LYS A 30  ? GLU A 32  LYS A 35  1 ? 4 
HELX_P HELX_P3 3 THR A 83  ? LEU A 86  ? THR A 88  LEU A 91  5 ? 4 
HELX_P HELX_P4 4 LEU A 112 ? LYS A 118 ? LEU A 117 LYS A 123 1 ? 7 
# 
_struct_conf_type.id          HELX_P 
_struct_conf_type.criteria    ? 
_struct_conf_type.reference   ? 
# 
loop_
_struct_sheet.id 
_struct_sheet.type 
_struct_sheet.number_strands 
_struct_sheet.details 
A ? 7 ? 
B ? 3 ? 
C ? 2 ? 
# 
loop_
_struct_sheet_order.sheet_id 
_struct_sheet_order.range_id_1 
_struct_sheet_order.range_id_2 
_struct_sheet_order.offset 
_struct_sheet_order.sense 
A 1 2 ? anti-parallel 
A 2 3 ? anti-parallel 
A 3 4 ? anti-parallel 
A 4 5 ? anti-parallel 
A 5 6 ? anti-parallel 
A 6 7 ? anti-parallel 
B 1 2 ? anti-parallel 
B 2 3 ? anti-parallel 
C 1 2 ? anti-parallel 
# 
loop_
_struct_sheet_range.sheet_id 
_struct_sheet_range.id 
_struct_sheet_range.beg_label_comp_id 
_struct_sheet_range.beg_label_asym_id 
_struct_sheet_range.beg_label_seq_id 
_struct_sheet_range.pdbx_beg_PDB_ins_code 
_struct_sheet_range.end_label_comp_id 
_struct_sheet_range.end_label_asym_id 
_struct_sheet_range.end_label_seq_id 
_struct_sheet_range.pdbx_end_PDB_ins_code 
_struct_sheet_range.beg_auth_comp_id 
_struct_sheet_range.beg_auth_asym_id 
_struct_sheet_range.beg_auth_seq_id 
_struct_sheet_range.end_auth_comp_id 
_struct_sheet_range.end_auth_asym_id 
_struct_sheet_range.end_auth_seq_id 
A 1 GLY A 142 ? VAL A 144 ? GLY A 147 VAL A 149 
A 2 GLY A 16  ? ILE A 19  ? GLY A 21  ILE A 24  
A 3 ASP A 36  ? PRO A 42  ? ASP A 41  PRO A 47  
A 4 SER A 124 ? ASN A 130 ? SER A 129 ASN A 135 
A 5 GLU A 74  ? HIS A 78  ? GLU A 79  HIS A 83  
A 6 ALA A 64  ? GLN A 68  ? ALA A 69  GLN A 73  
A 7 LYS A 54  ? THR A 57  ? LYS A 59  THR A 62  
B 1 PHE A 91  ? SER A 93  ? PHE A 96  SER A 98  
B 2 LYS A 106 ? VAL A 110 ? LYS A 111 VAL A 115 
B 3 ASP A 46  ? HIS A 48  ? ASP A 51  HIS A 53  
C 1 LEU A 8   ? LEU A 11  ? LEU A 13  LEU A 16  
C 2 VAL A 149 ? LEU A 153 ? VAL A 154 LEU A 158 
# 
loop_
_pdbx_struct_sheet_hbond.sheet_id 
_pdbx_struct_sheet_hbond.range_id_1 
_pdbx_struct_sheet_hbond.range_id_2 
_pdbx_struct_sheet_hbond.range_1_label_atom_id 
_pdbx_struct_sheet_hbond.range_1_label_comp_id 
_pdbx_struct_sheet_hbond.range_1_label_asym_id 
_pdbx_struct_sheet_hbond.range_1_label_seq_id 
_pdbx_struct_sheet_hbond.range_1_PDB_ins_code 
_pdbx_struct_sheet_hbond.range_1_auth_atom_id 
_pdbx_struct_sheet_hbond.range_1_auth_comp_id 
_pdbx_struct_sheet_hbond.range_1_auth_asym_id 
_pdbx_struct_sheet_hbond.range_1_auth_seq_id 
_pdbx_struct_sheet_hbond.range_2_label_atom_id 
_pdbx_struct_sheet_hbond.range_2_label_comp_id 
_pdbx_struct_sheet_hbond.range_2_label_asym_id 
_pdbx_struct_sheet_hbond.range_2_label_seq_id 
_pdbx_struct_sheet_hbond.range_2_PDB_ins_code 
_pdbx_struct_sheet_hbond.range_2_auth_atom_id 
_pdbx_struct_sheet_hbond.range_2_auth_comp_id 
_pdbx_struct_sheet_hbond.range_2_auth_asym_id 
_pdbx_struct_sheet_hbond.range_2_auth_seq_id 
A 1 2 O GLY A 142 ? O GLY A 147 N ILE A 18  ? N ILE A 23  
A 2 3 O THR A 17  ? O THR A 22  N ASN A 41  ? N ASN A 46  
A 3 4 O ASP A 36  ? O ASP A 41  N PHE A 128 ? N PHE A 133 
A 4 5 O PRO A 125 ? O PRO A 130 N HIS A 78  ? N HIS A 83  
A 5 6 O ILE A 75  ? O ILE A 80  N ILE A 67  ? N ILE A 72  
A 6 7 O GLY A 66  ? O GLY A 71  N THR A 57  ? N THR A 62  
B 1 2 O GLU A 92  ? O GLU A 97  N THR A 109 ? N THR A 114 
B 2 3 O LEU A 107 ? O LEU A 112 N PHE A 47  ? N PHE A 52  
C 1 2 O LEU A 8   ? O LEU A 13  N LEU A 153 ? N LEU A 158 
# 
_pdbx_validate_close_contact.id               1 
_pdbx_validate_close_contact.PDB_model_num    1 
_pdbx_validate_close_contact.auth_atom_id_1   OE1 
_pdbx_validate_close_contact.auth_asym_id_1   A 
_pdbx_validate_close_contact.auth_comp_id_1   GLU 
_pdbx_validate_close_contact.auth_seq_id_1    105 
_pdbx_validate_close_contact.PDB_ins_code_1   ? 
_pdbx_validate_close_contact.label_alt_id_1   ? 
_pdbx_validate_close_contact.auth_atom_id_2   O 
_pdbx_validate_close_contact.auth_asym_id_2   A 
_pdbx_validate_close_contact.auth_comp_id_2   HOH 
_pdbx_validate_close_contact.auth_seq_id_2    167 
_pdbx_validate_close_contact.PDB_ins_code_2   ? 
_pdbx_validate_close_contact.label_alt_id_2   ? 
_pdbx_validate_close_contact.dist             2.00 
# 
_pdbx_validate_symm_contact.id                1 
_pdbx_validate_symm_contact.PDB_model_num     1 
_pdbx_validate_symm_contact.auth_atom_id_1    OD1 
_pdbx_validate_symm_contact.auth_asym_id_1    A 
_pdbx_validate_symm_contact.auth_comp_id_1    ASP 
_pdbx_validate_symm_contact.auth_seq_id_1     87 
_pdbx_validate_symm_contact.PDB_ins_code_1    ? 
_pdbx_validate_symm_contact.label_alt_id_1    ? 
_pdbx_validate_symm_contact.site_symmetry_1   1_555 
_pdbx_validate_symm_contact.auth_atom_id_2    NZ 
_pdbx_validate_symm_contact.auth_asym_id_2    A 
_pdbx_validate_symm_contact.auth_comp_id_2    LYS 
_pdbx_validate_symm_contact.auth_seq_id_2     159 
_pdbx_validate_symm_contact.PDB_ins_code_2    ? 
_pdbx_validate_symm_contact.label_alt_id_2    ? 
_pdbx_validate_symm_contact.site_symmetry_2   3_655 
_pdbx_validate_symm_contact.dist              1.95 
# 
loop_
_pdbx_validate_rmsd_bond.id 
_pdbx_validate_rmsd_bond.PDB_model_num 
_pdbx_validate_rmsd_bond.auth_atom_id_1 
_pdbx_validate_rmsd_bond.auth_asym_id_1 
_pdbx_validate_rmsd_bond.auth_comp_id_1 
_pdbx_validate_rmsd_bond.auth_seq_id_1 
_pdbx_validate_rmsd_bond.PDB_ins_code_1 
_pdbx_validate_rmsd_bond.label_alt_id_1 
_pdbx_validate_rmsd_bond.auth_atom_id_2 
_pdbx_validate_rmsd_bond.auth_asym_id_2 
_pdbx_validate_rmsd_bond.auth_comp_id_2 
_pdbx_validate_rmsd_bond.auth_seq_id_2 
_pdbx_validate_rmsd_bond.PDB_ins_code_2 
_pdbx_validate_rmsd_bond.label_alt_id_2 
_pdbx_validate_rmsd_bond.bond_value 
_pdbx_validate_rmsd_bond.bond_target_value 
_pdbx_validate_rmsd_bond.bond_deviation 
_pdbx_validate_rmsd_bond.bond_standard_deviation 
_pdbx_validate_rmsd_bond.linker_flag 
1 1 CD A GLU 32  ? ? OE2 A GLU 32  ? ? 1.331 1.252 0.079 0.011 N 
2 1 CD A GLU 36  ? ? OE1 A GLU 36  ? ? 1.325 1.252 0.073 0.011 N 
3 1 CD A GLU 97  ? ? OE2 A GLU 97  ? ? 1.338 1.252 0.086 0.011 N 
4 1 CB A GLU 142 ? ? CG  A GLU 142 ? ? 1.636 1.517 0.119 0.019 N 
5 1 CG A GLU 142 ? ? CD  A GLU 142 ? ? 1.629 1.515 0.114 0.015 N 
6 1 CD A GLU 148 ? ? OE2 A GLU 148 ? ? 1.328 1.252 0.076 0.011 N 
# 
loop_
_pdbx_validate_rmsd_angle.id 
_pdbx_validate_rmsd_angle.PDB_model_num 
_pdbx_validate_rmsd_angle.auth_atom_id_1 
_pdbx_validate_rmsd_angle.auth_asym_id_1 
_pdbx_validate_rmsd_angle.auth_comp_id_1 
_pdbx_validate_rmsd_angle.auth_seq_id_1 
_pdbx_validate_rmsd_angle.PDB_ins_code_1 
_pdbx_validate_rmsd_angle.label_alt_id_1 
_pdbx_validate_rmsd_angle.auth_atom_id_2 
_pdbx_validate_rmsd_angle.auth_asym_id_2 
_pdbx_validate_rmsd_angle.auth_comp_id_2 
_pdbx_validate_rmsd_angle.auth_seq_id_2 
_pdbx_validate_rmsd_angle.PDB_ins_code_2 
_pdbx_validate_rmsd_angle.label_alt_id_2 
_pdbx_validate_rmsd_angle.auth_atom_id_3 
_pdbx_validate_rmsd_angle.auth_asym_id_3 
_pdbx_validate_rmsd_angle.auth_comp_id_3 
_pdbx_validate_rmsd_angle.auth_seq_id_3 
_pdbx_validate_rmsd_angle.PDB_ins_code_3 
_pdbx_validate_rmsd_angle.label_alt_id_3 
_pdbx_validate_rmsd_angle.angle_value 
_pdbx_validate_rmsd_angle.angle_target_value 
_pdbx_validate_rmsd_angle.angle_deviation 
_pdbx_validate_rmsd_angle.angle_standard_deviation 
_pdbx_validate_rmsd_angle.linker_flag 
1  1 CB  A ASP 27  ? ? CG A ASP 27  ? ? OD1 A ASP 27  ? ? 112.72 118.30 -5.58 0.90 N 
2  1 CB  A ASP 31  ? ? CG A ASP 31  ? ? OD1 A ASP 31  ? ? 124.39 118.30 6.09  0.90 N 
3  1 CB  A ASP 31  ? ? CG A ASP 31  ? ? OD2 A ASP 31  ? ? 111.99 118.30 -6.31 0.90 N 
4  1 NE  A ARG 37  ? ? CZ A ARG 37  ? ? NH1 A ARG 37  ? ? 123.99 120.30 3.69  0.50 N 
5  1 CB  A ASP 51  ? ? CG A ASP 51  ? ? OD2 A ASP 51  ? ? 124.21 118.30 5.91  0.90 N 
6  1 CB  A ASP 87  ? ? CG A ASP 87  ? ? OD2 A ASP 87  ? ? 112.34 118.30 -5.96 0.90 N 
7  1 CB  A ASP 103 ? ? CG A ASP 103 ? ? OD1 A ASP 103 ? ? 111.70 118.30 -6.60 0.90 N 
8  1 CB  A ASP 103 ? ? CG A ASP 103 ? ? OD2 A ASP 103 ? ? 124.70 118.30 6.40  0.90 N 
9  1 CB  A ASP 110 ? ? CG A ASP 110 ? ? OD1 A ASP 110 ? ? 112.62 118.30 -5.68 0.90 N 
10 1 OE1 A GLU 142 ? ? CD A GLU 142 ? ? OE2 A GLU 142 ? ? 115.31 123.30 -7.99 1.20 N 
11 1 CB  A ASP 153 ? ? CG A ASP 153 ? ? OD1 A ASP 153 ? ? 112.78 118.30 -5.52 0.90 N 
12 1 CB  A ASP 153 ? ? CG A ASP 153 ? ? OD2 A ASP 153 ? ? 123.97 118.30 5.67  0.90 N 
# 
loop_
_pdbx_validate_torsion.id 
_pdbx_validate_torsion.PDB_model_num 
_pdbx_validate_torsion.auth_comp_id 
_pdbx_validate_torsion.auth_asym_id 
_pdbx_validate_torsion.auth_seq_id 
_pdbx_validate_torsion.PDB_ins_code 
_pdbx_validate_torsion.label_alt_id 
_pdbx_validate_torsion.phi 
_pdbx_validate_torsion.psi 
1 1 ASN A 10  ? ? -179.20 141.58 
2 1 ASP A 31  ? ? -167.73 115.18 
3 1 ASP A 87  ? ? 62.10   -3.73  
4 1 ASP A 103 ? ? 75.55   -6.60  
5 1 ASN A 136 ? ? -128.58 -82.05 
6 1 LYS A 139 ? ? -44.04  30.37  
# 
loop_
_chem_comp_atom.comp_id 
_chem_comp_atom.atom_id 
_chem_comp_atom.type_symbol 
_chem_comp_atom.pdbx_aromatic_flag 
_chem_comp_atom.pdbx_stereo_config 
_chem_comp_atom.pdbx_ordinal 
ALA N    N N N 1   
ALA CA   C N S 2   
ALA C    C N N 3   
ALA O    O N N 4   
ALA CB   C N N 5   
ALA OXT  O N N 6   
ALA H    H N N 7   
ALA H2   H N N 8   
ALA HA   H N N 9   
ALA HB1  H N N 10  
ALA HB2  H N N 11  
ALA HB3  H N N 12  
ALA HXT  H N N 13  
ARG N    N N N 14  
ARG CA   C N S 15  
ARG C    C N N 16  
ARG O    O N N 17  
ARG CB   C N N 18  
ARG CG   C N N 19  
ARG CD   C N N 20  
ARG NE   N N N 21  
ARG CZ   C N N 22  
ARG NH1  N N N 23  
ARG NH2  N N N 24  
ARG OXT  O N N 25  
ARG H    H N N 26  
ARG H2   H N N 27  
ARG HA   H N N 28  
ARG HB2  H N N 29  
ARG HB3  H N N 30  
ARG HG2  H N N 31  
ARG HG3  H N N 32  
ARG HD2  H N N 33  
ARG HD3  H N N 34  
ARG HE   H N N 35  
ARG HH11 H N N 36  
ARG HH12 H N N 37  
ARG HH21 H N N 38  
ARG HH22 H N N 39  
ARG HXT  H N N 40  
ASN N    N N N 41  
ASN CA   C N S 42  
ASN C    C N N 43  
ASN O    O N N 44  
ASN CB   C N N 45  
ASN CG   C N N 46  
ASN OD1  O N N 47  
ASN ND2  N N N 48  
ASN OXT  O N N 49  
ASN H    H N N 50  
ASN H2   H N N 51  
ASN HA   H N N 52  
ASN HB2  H N N 53  
ASN HB3  H N N 54  
ASN HD21 H N N 55  
ASN HD22 H N N 56  
ASN HXT  H N N 57  
ASP N    N N N 58  
ASP CA   C N S 59  
ASP C    C N N 60  
ASP O    O N N 61  
ASP CB   C N N 62  
ASP CG   C N N 63  
ASP OD1  O N N 64  
ASP OD2  O N N 65  
ASP OXT  O N N 66  
ASP H    H N N 67  
ASP H2   H N N 68  
ASP HA   H N N 69  
ASP HB2  H N N 70  
ASP HB3  H N N 71  
ASP HD2  H N N 72  
ASP HXT  H N N 73  
CYS N    N N N 74  
CYS CA   C N R 75  
CYS C    C N N 76  
CYS O    O N N 77  
CYS CB   C N N 78  
CYS SG   S N N 79  
CYS OXT  O N N 80  
CYS H    H N N 81  
CYS H2   H N N 82  
CYS HA   H N N 83  
CYS HB2  H N N 84  
CYS HB3  H N N 85  
CYS HG   H N N 86  
CYS HXT  H N N 87  
GLN N    N N N 88  
GLN CA   C N S 89  
GLN C    C N N 90  
GLN O    O N N 91  
GLN CB   C N N 92  
GLN CG   C N N 93  
GLN CD   C N N 94  
GLN OE1  O N N 95  
GLN NE2  N N N 96  
GLN OXT  O N N 97  
GLN H    H N N 98  
GLN H2   H N N 99  
GLN HA   H N N 100 
GLN HB2  H N N 101 
GLN HB3  H N N 102 
GLN HG2  H N N 103 
GLN HG3  H N N 104 
GLN HE21 H N N 105 
GLN HE22 H N N 106 
GLN HXT  H N N 107 
GLU N    N N N 108 
GLU CA   C N S 109 
GLU C    C N N 110 
GLU O    O N N 111 
GLU CB   C N N 112 
GLU CG   C N N 113 
GLU CD   C N N 114 
GLU OE1  O N N 115 
GLU OE2  O N N 116 
GLU OXT  O N N 117 
GLU H    H N N 118 
GLU H2   H N N 119 
GLU HA   H N N 120 
GLU HB2  H N N 121 
GLU HB3  H N N 122 
GLU HG2  H N N 123 
GLU HG3  H N N 124 
GLU HE2  H N N 125 
GLU HXT  H N N 126 
GLY N    N N N 127 
GLY CA   C N N 128 
GLY C    C N N 129 
GLY O    O N N 130 
GLY OXT  O N N 131 
GLY H    H N N 132 
GLY H2   H N N 133 
GLY HA2  H N N 134 
GLY HA3  H N N 135 
GLY HXT  H N N 136 
HIS N    N N N 137 
HIS CA   C N S 138 
HIS C    C N N 139 
HIS O    O N N 140 
HIS CB   C N N 141 
HIS CG   C Y N 142 
HIS ND1  N Y N 143 
HIS CD2  C Y N 144 
HIS CE1  C Y N 145 
HIS NE2  N Y N 146 
HIS OXT  O N N 147 
HIS H    H N N 148 
HIS H2   H N N 149 
HIS HA   H N N 150 
HIS HB2  H N N 151 
HIS HB3  H N N 152 
HIS HD1  H N N 153 
HIS HD2  H N N 154 
HIS HE1  H N N 155 
HIS HE2  H N N 156 
HIS HXT  H N N 157 
HOH O    O N N 158 
HOH H1   H N N 159 
HOH H2   H N N 160 
ILE N    N N N 161 
ILE CA   C N S 162 
ILE C    C N N 163 
ILE O    O N N 164 
ILE CB   C N S 165 
ILE CG1  C N N 166 
ILE CG2  C N N 167 
ILE CD1  C N N 168 
ILE OXT  O N N 169 
ILE H    H N N 170 
ILE H2   H N N 171 
ILE HA   H N N 172 
ILE HB   H N N 173 
ILE HG12 H N N 174 
ILE HG13 H N N 175 
ILE HG21 H N N 176 
ILE HG22 H N N 177 
ILE HG23 H N N 178 
ILE HD11 H N N 179 
ILE HD12 H N N 180 
ILE HD13 H N N 181 
ILE HXT  H N N 182 
LEU N    N N N 183 
LEU CA   C N S 184 
LEU C    C N N 185 
LEU O    O N N 186 
LEU CB   C N N 187 
LEU CG   C N N 188 
LEU CD1  C N N 189 
LEU CD2  C N N 190 
LEU OXT  O N N 191 
LEU H    H N N 192 
LEU H2   H N N 193 
LEU HA   H N N 194 
LEU HB2  H N N 195 
LEU HB3  H N N 196 
LEU HG   H N N 197 
LEU HD11 H N N 198 
LEU HD12 H N N 199 
LEU HD13 H N N 200 
LEU HD21 H N N 201 
LEU HD22 H N N 202 
LEU HD23 H N N 203 
LEU HXT  H N N 204 
LYS N    N N N 205 
LYS CA   C N S 206 
LYS C    C N N 207 
LYS O    O N N 208 
LYS CB   C N N 209 
LYS CG   C N N 210 
LYS CD   C N N 211 
LYS CE   C N N 212 
LYS NZ   N N N 213 
LYS OXT  O N N 214 
LYS H    H N N 215 
LYS H2   H N N 216 
LYS HA   H N N 217 
LYS HB2  H N N 218 
LYS HB3  H N N 219 
LYS HG2  H N N 220 
LYS HG3  H N N 221 
LYS HD2  H N N 222 
LYS HD3  H N N 223 
LYS HE2  H N N 224 
LYS HE3  H N N 225 
LYS HZ1  H N N 226 
LYS HZ2  H N N 227 
LYS HZ3  H N N 228 
LYS HXT  H N N 229 
MET N    N N N 230 
MET CA   C N S 231 
MET C    C N N 232 
MET O    O N N 233 
MET CB   C N N 234 
MET CG   C N N 235 
MET SD   S N N 236 
MET CE   C N N 237 
MET OXT  O N N 238 
MET H    H N N 239 
MET H2   H N N 240 
MET HA   H N N 241 
MET HB2  H N N 242 
MET HB3  H N N 243 
MET HG2  H N N 244 
MET HG3  H N N 245 
MET HE1  H N N 246 
MET HE2  H N N 247 
MET HE3  H N N 248 
MET HXT  H N N 249 
PHE N    N N N 250 
PHE CA   C N S 251 
PHE C    C N N 252 
PHE O    O N N 253 
PHE CB   C N N 254 
PHE CG   C Y N 255 
PHE CD1  C Y N 256 
PHE CD2  C Y N 257 
PHE CE1  C Y N 258 
PHE CE2  C Y N 259 
PHE CZ   C Y N 260 
PHE OXT  O N N 261 
PHE H    H N N 262 
PHE H2   H N N 263 
PHE HA   H N N 264 
PHE HB2  H N N 265 
PHE HB3  H N N 266 
PHE HD1  H N N 267 
PHE HD2  H N N 268 
PHE HE1  H N N 269 
PHE HE2  H N N 270 
PHE HZ   H N N 271 
PHE HXT  H N N 272 
PRO N    N N N 273 
PRO CA   C N S 274 
PRO C    C N N 275 
PRO O    O N N 276 
PRO CB   C N N 277 
PRO CG   C N N 278 
PRO CD   C N N 279 
PRO OXT  O N N 280 
PRO H    H N N 281 
PRO HA   H N N 282 
PRO HB2  H N N 283 
PRO HB3  H N N 284 
PRO HG2  H N N 285 
PRO HG3  H N N 286 
PRO HD2  H N N 287 
PRO HD3  H N N 288 
PRO HXT  H N N 289 
SER N    N N N 290 
SER CA   C N S 291 
SER C    C N N 292 
SER O    O N N 293 
SER CB   C N N 294 
SER OG   O N N 295 
SER OXT  O N N 296 
SER H    H N N 297 
SER H2   H N N 298 
SER HA   H N N 299 
SER HB2  H N N 300 
SER HB3  H N N 301 
SER HG   H N N 302 
SER HXT  H N N 303 
THR N    N N N 304 
THR CA   C N S 305 
THR C    C N N 306 
THR O    O N N 307 
THR CB   C N R 308 
THR OG1  O N N 309 
THR CG2  C N N 310 
THR OXT  O N N 311 
THR H    H N N 312 
THR H2   H N N 313 
THR HA   H N N 314 
THR HB   H N N 315 
THR HG1  H N N 316 
THR HG21 H N N 317 
THR HG22 H N N 318 
THR HG23 H N N 319 
THR HXT  H N N 320 
TRP N    N N N 321 
TRP CA   C N S 322 
TRP C    C N N 323 
TRP O    O N N 324 
TRP CB   C N N 325 
TRP CG   C Y N 326 
TRP CD1  C Y N 327 
TRP CD2  C Y N 328 
TRP NE1  N Y N 329 
TRP CE2  C Y N 330 
TRP CE3  C Y N 331 
TRP CZ2  C Y N 332 
TRP CZ3  C Y N 333 
TRP CH2  C Y N 334 
TRP OXT  O N N 335 
TRP H    H N N 336 
TRP H2   H N N 337 
TRP HA   H N N 338 
TRP HB2  H N N 339 
TRP HB3  H N N 340 
TRP HD1  H N N 341 
TRP HE1  H N N 342 
TRP HE3  H N N 343 
TRP HZ2  H N N 344 
TRP HZ3  H N N 345 
TRP HH2  H N N 346 
TRP HXT  H N N 347 
VAL N    N N N 348 
VAL CA   C N S 349 
VAL C    C N N 350 
VAL O    O N N 351 
VAL CB   C N N 352 
VAL CG1  C N N 353 
VAL CG2  C N N 354 
VAL OXT  O N N 355 
VAL H    H N N 356 
VAL H2   H N N 357 
VAL HA   H N N 358 
VAL HB   H N N 359 
VAL HG11 H N N 360 
VAL HG12 H N N 361 
VAL HG13 H N N 362 
VAL HG21 H N N 363 
VAL HG22 H N N 364 
VAL HG23 H N N 365 
VAL HXT  H N N 366 
# 
loop_
_chem_comp_bond.comp_id 
_chem_comp_bond.atom_id_1 
_chem_comp_bond.atom_id_2 
_chem_comp_bond.value_order 
_chem_comp_bond.pdbx_aromatic_flag 
_chem_comp_bond.pdbx_stereo_config 
_chem_comp_bond.pdbx_ordinal 
ALA N   CA   sing N N 1   
ALA N   H    sing N N 2   
ALA N   H2   sing N N 3   
ALA CA  C    sing N N 4   
ALA CA  CB   sing N N 5   
ALA CA  HA   sing N N 6   
ALA C   O    doub N N 7   
ALA C   OXT  sing N N 8   
ALA CB  HB1  sing N N 9   
ALA CB  HB2  sing N N 10  
ALA CB  HB3  sing N N 11  
ALA OXT HXT  sing N N 12  
ARG N   CA   sing N N 13  
ARG N   H    sing N N 14  
ARG N   H2   sing N N 15  
ARG CA  C    sing N N 16  
ARG CA  CB   sing N N 17  
ARG CA  HA   sing N N 18  
ARG C   O    doub N N 19  
ARG C   OXT  sing N N 20  
ARG CB  CG   sing N N 21  
ARG CB  HB2  sing N N 22  
ARG CB  HB3  sing N N 23  
ARG CG  CD   sing N N 24  
ARG CG  HG2  sing N N 25  
ARG CG  HG3  sing N N 26  
ARG CD  NE   sing N N 27  
ARG CD  HD2  sing N N 28  
ARG CD  HD3  sing N N 29  
ARG NE  CZ   sing N N 30  
ARG NE  HE   sing N N 31  
ARG CZ  NH1  sing N N 32  
ARG CZ  NH2  doub N N 33  
ARG NH1 HH11 sing N N 34  
ARG NH1 HH12 sing N N 35  
ARG NH2 HH21 sing N N 36  
ARG NH2 HH22 sing N N 37  
ARG OXT HXT  sing N N 38  
ASN N   CA   sing N N 39  
ASN N   H    sing N N 40  
ASN N   H2   sing N N 41  
ASN CA  C    sing N N 42  
ASN CA  CB   sing N N 43  
ASN CA  HA   sing N N 44  
ASN C   O    doub N N 45  
ASN C   OXT  sing N N 46  
ASN CB  CG   sing N N 47  
ASN CB  HB2  sing N N 48  
ASN CB  HB3  sing N N 49  
ASN CG  OD1  doub N N 50  
ASN CG  ND2  sing N N 51  
ASN ND2 HD21 sing N N 52  
ASN ND2 HD22 sing N N 53  
ASN OXT HXT  sing N N 54  
ASP N   CA   sing N N 55  
ASP N   H    sing N N 56  
ASP N   H2   sing N N 57  
ASP CA  C    sing N N 58  
ASP CA  CB   sing N N 59  
ASP CA  HA   sing N N 60  
ASP C   O    doub N N 61  
ASP C   OXT  sing N N 62  
ASP CB  CG   sing N N 63  
ASP CB  HB2  sing N N 64  
ASP CB  HB3  sing N N 65  
ASP CG  OD1  doub N N 66  
ASP CG  OD2  sing N N 67  
ASP OD2 HD2  sing N N 68  
ASP OXT HXT  sing N N 69  
CYS N   CA   sing N N 70  
CYS N   H    sing N N 71  
CYS N   H2   sing N N 72  
CYS CA  C    sing N N 73  
CYS CA  CB   sing N N 74  
CYS CA  HA   sing N N 75  
CYS C   O    doub N N 76  
CYS C   OXT  sing N N 77  
CYS CB  SG   sing N N 78  
CYS CB  HB2  sing N N 79  
CYS CB  HB3  sing N N 80  
CYS SG  HG   sing N N 81  
CYS OXT HXT  sing N N 82  
GLN N   CA   sing N N 83  
GLN N   H    sing N N 84  
GLN N   H2   sing N N 85  
GLN CA  C    sing N N 86  
GLN CA  CB   sing N N 87  
GLN CA  HA   sing N N 88  
GLN C   O    doub N N 89  
GLN C   OXT  sing N N 90  
GLN CB  CG   sing N N 91  
GLN CB  HB2  sing N N 92  
GLN CB  HB3  sing N N 93  
GLN CG  CD   sing N N 94  
GLN CG  HG2  sing N N 95  
GLN CG  HG3  sing N N 96  
GLN CD  OE1  doub N N 97  
GLN CD  NE2  sing N N 98  
GLN NE2 HE21 sing N N 99  
GLN NE2 HE22 sing N N 100 
GLN OXT HXT  sing N N 101 
GLU N   CA   sing N N 102 
GLU N   H    sing N N 103 
GLU N   H2   sing N N 104 
GLU CA  C    sing N N 105 
GLU CA  CB   sing N N 106 
GLU CA  HA   sing N N 107 
GLU C   O    doub N N 108 
GLU C   OXT  sing N N 109 
GLU CB  CG   sing N N 110 
GLU CB  HB2  sing N N 111 
GLU CB  HB3  sing N N 112 
GLU CG  CD   sing N N 113 
GLU CG  HG2  sing N N 114 
GLU CG  HG3  sing N N 115 
GLU CD  OE1  doub N N 116 
GLU CD  OE2  sing N N 117 
GLU OE2 HE2  sing N N 118 
GLU OXT HXT  sing N N 119 
GLY N   CA   sing N N 120 
GLY N   H    sing N N 121 
GLY N   H2   sing N N 122 
GLY CA  C    sing N N 123 
GLY CA  HA2  sing N N 124 
GLY CA  HA3  sing N N 125 
GLY C   O    doub N N 126 
GLY C   OXT  sing N N 127 
GLY OXT HXT  sing N N 128 
HIS N   CA   sing N N 129 
HIS N   H    sing N N 130 
HIS N   H2   sing N N 131 
HIS CA  C    sing N N 132 
HIS CA  CB   sing N N 133 
HIS CA  HA   sing N N 134 
HIS C   O    doub N N 135 
HIS C   OXT  sing N N 136 
HIS CB  CG   sing N N 137 
HIS CB  HB2  sing N N 138 
HIS CB  HB3  sing N N 139 
HIS CG  ND1  sing Y N 140 
HIS CG  CD2  doub Y N 141 
HIS ND1 CE1  doub Y N 142 
HIS ND1 HD1  sing N N 143 
HIS CD2 NE2  sing Y N 144 
HIS CD2 HD2  sing N N 145 
HIS CE1 NE2  sing Y N 146 
HIS CE1 HE1  sing N N 147 
HIS NE2 HE2  sing N N 148 
HIS OXT HXT  sing N N 149 
HOH O   H1   sing N N 150 
HOH O   H2   sing N N 151 
ILE N   CA   sing N N 152 
ILE N   H    sing N N 153 
ILE N   H2   sing N N 154 
ILE CA  C    sing N N 155 
ILE CA  CB   sing N N 156 
ILE CA  HA   sing N N 157 
ILE C   O    doub N N 158 
ILE C   OXT  sing N N 159 
ILE CB  CG1  sing N N 160 
ILE CB  CG2  sing N N 161 
ILE CB  HB   sing N N 162 
ILE CG1 CD1  sing N N 163 
ILE CG1 HG12 sing N N 164 
ILE CG1 HG13 sing N N 165 
ILE CG2 HG21 sing N N 166 
ILE CG2 HG22 sing N N 167 
ILE CG2 HG23 sing N N 168 
ILE CD1 HD11 sing N N 169 
ILE CD1 HD12 sing N N 170 
ILE CD1 HD13 sing N N 171 
ILE OXT HXT  sing N N 172 
LEU N   CA   sing N N 173 
LEU N   H    sing N N 174 
LEU N   H2   sing N N 175 
LEU CA  C    sing N N 176 
LEU CA  CB   sing N N 177 
LEU CA  HA   sing N N 178 
LEU C   O    doub N N 179 
LEU C   OXT  sing N N 180 
LEU CB  CG   sing N N 181 
LEU CB  HB2  sing N N 182 
LEU CB  HB3  sing N N 183 
LEU CG  CD1  sing N N 184 
LEU CG  CD2  sing N N 185 
LEU CG  HG   sing N N 186 
LEU CD1 HD11 sing N N 187 
LEU CD1 HD12 sing N N 188 
LEU CD1 HD13 sing N N 189 
LEU CD2 HD21 sing N N 190 
LEU CD2 HD22 sing N N 191 
LEU CD2 HD23 sing N N 192 
LEU OXT HXT  sing N N 193 
LYS N   CA   sing N N 194 
LYS N   H    sing N N 195 
LYS N   H2   sing N N 196 
LYS CA  C    sing N N 197 
LYS CA  CB   sing N N 198 
LYS CA  HA   sing N N 199 
LYS C   O    doub N N 200 
LYS C   OXT  sing N N 201 
LYS CB  CG   sing N N 202 
LYS CB  HB2  sing N N 203 
LYS CB  HB3  sing N N 204 
LYS CG  CD   sing N N 205 
LYS CG  HG2  sing N N 206 
LYS CG  HG3  sing N N 207 
LYS CD  CE   sing N N 208 
LYS CD  HD2  sing N N 209 
LYS CD  HD3  sing N N 210 
LYS CE  NZ   sing N N 211 
LYS CE  HE2  sing N N 212 
LYS CE  HE3  sing N N 213 
LYS NZ  HZ1  sing N N 214 
LYS NZ  HZ2  sing N N 215 
LYS NZ  HZ3  sing N N 216 
LYS OXT HXT  sing N N 217 
MET N   CA   sing N N 218 
MET N   H    sing N N 219 
MET N   H2   sing N N 220 
MET CA  C    sing N N 221 
MET CA  CB   sing N N 222 
MET CA  HA   sing N N 223 
MET C   O    doub N N 224 
MET C   OXT  sing N N 225 
MET CB  CG   sing N N 226 
MET CB  HB2  sing N N 227 
MET CB  HB3  sing N N 228 
MET CG  SD   sing N N 229 
MET CG  HG2  sing N N 230 
MET CG  HG3  sing N N 231 
MET SD  CE   sing N N 232 
MET CE  HE1  sing N N 233 
MET CE  HE2  sing N N 234 
MET CE  HE3  sing N N 235 
MET OXT HXT  sing N N 236 
PHE N   CA   sing N N 237 
PHE N   H    sing N N 238 
PHE N   H2   sing N N 239 
PHE CA  C    sing N N 240 
PHE CA  CB   sing N N 241 
PHE CA  HA   sing N N 242 
PHE C   O    doub N N 243 
PHE C   OXT  sing N N 244 
PHE CB  CG   sing N N 245 
PHE CB  HB2  sing N N 246 
PHE CB  HB3  sing N N 247 
PHE CG  CD1  doub Y N 248 
PHE CG  CD2  sing Y N 249 
PHE CD1 CE1  sing Y N 250 
PHE CD1 HD1  sing N N 251 
PHE CD2 CE2  doub Y N 252 
PHE CD2 HD2  sing N N 253 
PHE CE1 CZ   doub Y N 254 
PHE CE1 HE1  sing N N 255 
PHE CE2 CZ   sing Y N 256 
PHE CE2 HE2  sing N N 257 
PHE CZ  HZ   sing N N 258 
PHE OXT HXT  sing N N 259 
PRO N   CA   sing N N 260 
PRO N   CD   sing N N 261 
PRO N   H    sing N N 262 
PRO CA  C    sing N N 263 
PRO CA  CB   sing N N 264 
PRO CA  HA   sing N N 265 
PRO C   O    doub N N 266 
PRO C   OXT  sing N N 267 
PRO CB  CG   sing N N 268 
PRO CB  HB2  sing N N 269 
PRO CB  HB3  sing N N 270 
PRO CG  CD   sing N N 271 
PRO CG  HG2  sing N N 272 
PRO CG  HG3  sing N N 273 
PRO CD  HD2  sing N N 274 
PRO CD  HD3  sing N N 275 
PRO OXT HXT  sing N N 276 
SER N   CA   sing N N 277 
SER N   H    sing N N 278 
SER N   H2   sing N N 279 
SER CA  C    sing N N 280 
SER CA  CB   sing N N 281 
SER CA  HA   sing N N 282 
SER C   O    doub N N 283 
SER C   OXT  sing N N 284 
SER CB  OG   sing N N 285 
SER CB  HB2  sing N N 286 
SER CB  HB3  sing N N 287 
SER OG  HG   sing N N 288 
SER OXT HXT  sing N N 289 
THR N   CA   sing N N 290 
THR N   H    sing N N 291 
THR N   H2   sing N N 292 
THR CA  C    sing N N 293 
THR CA  CB   sing N N 294 
THR CA  HA   sing N N 295 
THR C   O    doub N N 296 
THR C   OXT  sing N N 297 
THR CB  OG1  sing N N 298 
THR CB  CG2  sing N N 299 
THR CB  HB   sing N N 300 
THR OG1 HG1  sing N N 301 
THR CG2 HG21 sing N N 302 
THR CG2 HG22 sing N N 303 
THR CG2 HG23 sing N N 304 
THR OXT HXT  sing N N 305 
TRP N   CA   sing N N 306 
TRP N   H    sing N N 307 
TRP N   H2   sing N N 308 
TRP CA  C    sing N N 309 
TRP CA  CB   sing N N 310 
TRP CA  HA   sing N N 311 
TRP C   O    doub N N 312 
TRP C   OXT  sing N N 313 
TRP CB  CG   sing N N 314 
TRP CB  HB2  sing N N 315 
TRP CB  HB3  sing N N 316 
TRP CG  CD1  doub Y N 317 
TRP CG  CD2  sing Y N 318 
TRP CD1 NE1  sing Y N 319 
TRP CD1 HD1  sing N N 320 
TRP CD2 CE2  doub Y N 321 
TRP CD2 CE3  sing Y N 322 
TRP NE1 CE2  sing Y N 323 
TRP NE1 HE1  sing N N 324 
TRP CE2 CZ2  sing Y N 325 
TRP CE3 CZ3  doub Y N 326 
TRP CE3 HE3  sing N N 327 
TRP CZ2 CH2  doub Y N 328 
TRP CZ2 HZ2  sing N N 329 
TRP CZ3 CH2  sing Y N 330 
TRP CZ3 HZ3  sing N N 331 
TRP CH2 HH2  sing N N 332 
TRP OXT HXT  sing N N 333 
VAL N   CA   sing N N 334 
VAL N   H    sing N N 335 
VAL N   H2   sing N N 336 
VAL CA  C    sing N N 337 
VAL CA  CB   sing N N 338 
VAL CA  HA   sing N N 339 
VAL C   O    doub N N 340 
VAL C   OXT  sing N N 341 
VAL CB  CG1  sing N N 342 
VAL CB  CG2  sing N N 343 
VAL CB  HB   sing N N 344 
VAL CG1 HG11 sing N N 345 
VAL CG1 HG12 sing N N 346 
VAL CG1 HG13 sing N N 347 
VAL CG2 HG21 sing N N 348 
VAL CG2 HG22 sing N N 349 
VAL CG2 HG23 sing N N 350 
VAL OXT HXT  sing N N 351 
# 
_pdbx_initial_refinement_model.id               1 
_pdbx_initial_refinement_model.entity_id_list   ? 
_pdbx_initial_refinement_model.type             'experimental model' 
_pdbx_initial_refinement_model.source_name      PDB 
_pdbx_initial_refinement_model.accession_code   1GPR 
_pdbx_initial_refinement_model.details          'PDB ENTRY 1GPR' 
# 
_atom_sites.entry_id                    2GPR 
_atom_sites.fract_transf_matrix[1][1]   -0.00468283 
_atom_sites.fract_transf_matrix[1][2]   0.02393888 
_atom_sites.fract_transf_matrix[1][3]   0.00444894 
_atom_sites.fract_transf_matrix[2][1]   0.00855159 
_atom_sites.fract_transf_matrix[2][2]   0.00510576 
_atom_sites.fract_transf_matrix[2][3]   -0.01847197 
_atom_sites.fract_transf_matrix[3][1]   -0.01242812 
_atom_sites.fract_transf_matrix[3][2]   -0.00129532 
_atom_sites.fract_transf_matrix[3][3]   -0.00611163 
_atom_sites.fract_transf_vector[1]      0.447679 
_atom_sites.fract_transf_vector[2]      0.463152 
_atom_sites.fract_transf_vector[3]      0.143950 
# 
loop_
_atom_type.symbol 
C 
N 
O 
S 
# 
loop_
_atom_site.group_PDB 
_atom_site.id 
_atom_site.type_symbol 
_atom_site.label_atom_id 
_atom_site.label_alt_id 
_atom_site.label_comp_id 
_atom_site.label_asym_id 
_atom_site.label_entity_id 
_atom_site.label_seq_id 
_atom_site.pdbx_PDB_ins_code 
_atom_site.Cartn_x 
_atom_site.Cartn_y 
_atom_site.Cartn_z 
_atom_site.occupancy 
_atom_site.B_iso_or_equiv 
_atom_site.pdbx_formal_charge 
_atom_site.auth_seq_id 
_atom_site.auth_comp_id 
_atom_site.auth_asym_id 
_atom_site.auth_atom_id 
_atom_site.pdbx_PDB_model_num 
ATOM   1    N N   . MET A 1 1   ? -13.464 -19.717 6.032   1.00 62.33 ? 6   MET A N   1 
ATOM   2    C CA  . MET A 1 1   ? -14.437 -20.266 5.080   1.00 64.13 ? 6   MET A CA  1 
ATOM   3    C C   . MET A 1 1   ? -14.951 -19.238 4.060   1.00 64.39 ? 6   MET A C   1 
ATOM   4    O O   . MET A 1 1   ? -14.880 -18.022 4.269   1.00 63.97 ? 6   MET A O   1 
ATOM   5    C CB  . MET A 1 1   ? -15.634 -20.984 5.786   1.00 65.91 ? 6   MET A CB  1 
ATOM   6    C CG  . MET A 1 1   ? -16.059 -22.285 5.090   1.00 67.42 ? 6   MET A CG  1 
ATOM   7    S SD  . MET A 1 1   ? -17.505 -22.150 3.984   1.00 67.78 ? 6   MET A SD  1 
ATOM   8    C CE  . MET A 1 1   ? -17.277 -23.584 2.899   1.00 66.55 ? 6   MET A CE  1 
ATOM   9    N N   . TRP A 1 2   ? -15.492 -19.779 2.953   1.00 64.89 ? 7   TRP A N   1 
ATOM   10   C CA  . TRP A 1 2   ? -16.120 -19.036 1.856   1.00 62.93 ? 7   TRP A CA  1 
ATOM   11   C C   . TRP A 1 2   ? -17.504 -19.654 1.529   1.00 62.37 ? 7   TRP A C   1 
ATOM   12   O O   . TRP A 1 2   ? -17.582 -20.838 1.213   1.00 62.55 ? 7   TRP A O   1 
ATOM   13   C CB  . TRP A 1 2   ? -15.221 -19.075 0.630   1.00 61.00 ? 7   TRP A CB  1 
ATOM   14   N N   . PHE A 1 3   ? -18.586 -18.845 1.579   1.00 61.70 ? 8   PHE A N   1 
ATOM   15   C CA  . PHE A 1 3   ? -19.982 -19.308 1.345   1.00 61.98 ? 8   PHE A CA  1 
ATOM   16   C C   . PHE A 1 3   ? -20.762 -18.405 0.362   1.00 62.77 ? 8   PHE A C   1 
ATOM   17   O O   . PHE A 1 3   ? -21.332 -17.349 0.734   1.00 61.79 ? 8   PHE A O   1 
ATOM   18   C CB  . PHE A 1 3   ? -20.689 -19.304 2.709   1.00 60.47 ? 8   PHE A CB  1 
ATOM   19   C CG  . PHE A 1 3   ? -19.882 -18.425 3.653   1.00 59.79 ? 8   PHE A CG  1 
ATOM   20   C CD1 . PHE A 1 3   ? -18.811 -18.976 4.359   1.00 58.01 ? 8   PHE A CD1 1 
ATOM   21   C CD2 . PHE A 1 3   ? -20.114 -17.047 3.768   1.00 60.33 ? 8   PHE A CD2 1 
ATOM   22   C CE1 . PHE A 1 3   ? -18.013 -18.196 5.197   1.00 58.25 ? 8   PHE A CE1 1 
ATOM   23   C CE2 . PHE A 1 3   ? -19.332 -16.252 4.612   1.00 59.81 ? 8   PHE A CE2 1 
ATOM   24   C CZ  . PHE A 1 3   ? -18.271 -16.829 5.315   1.00 59.21 ? 8   PHE A CZ  1 
ATOM   25   N N   . PHE A 1 4   ? -20.810 -18.801 -0.924  1.00 62.35 ? 9   PHE A N   1 
ATOM   26   C CA  . PHE A 1 4   ? -21.463 -18.018 -2.050  1.00 60.54 ? 9   PHE A CA  1 
ATOM   27   C C   . PHE A 1 4   ? -20.756 -16.627 -2.298  1.00 60.85 ? 9   PHE A C   1 
ATOM   28   O O   . PHE A 1 4   ? -21.317 -15.705 -2.877  1.00 59.56 ? 9   PHE A O   1 
ATOM   29   C CB  . PHE A 1 4   ? -23.020 -17.894 -2.081  1.00 54.68 ? 9   PHE A CB  1 
ATOM   30   C CG  . PHE A 1 4   ? -23.870 -19.124 -1.802  1.00 48.41 ? 9   PHE A CG  1 
ATOM   31   C CD1 . PHE A 1 4   ? -23.689 -20.345 -2.449  1.00 45.97 ? 9   PHE A CD1 1 
ATOM   32   C CD2 . PHE A 1 4   ? -24.942 -19.001 -0.914  1.00 46.20 ? 9   PHE A CD2 1 
ATOM   33   C CE1 . PHE A 1 4   ? -24.517 -21.436 -2.163  1.00 44.41 ? 9   PHE A CE1 1 
ATOM   34   C CE2 . PHE A 1 4   ? -25.779 -20.088 -0.622  1.00 44.73 ? 9   PHE A CE2 1 
ATOM   35   C CZ  . PHE A 1 4   ? -25.571 -21.306 -1.261  1.00 43.28 ? 9   PHE A CZ  1 
ATOM   36   N N   . ASN A 1 5   ? -19.473 -16.548 -1.902  1.00 60.05 ? 10  ASN A N   1 
ATOM   37   C CA  . ASN A 1 5   ? -18.788 -15.308 -2.061  1.00 59.04 ? 10  ASN A CA  1 
ATOM   38   C C   . ASN A 1 5   ? -17.363 -15.431 -1.579  1.00 56.94 ? 10  ASN A C   1 
ATOM   39   O O   . ASN A 1 5   ? -17.068 -16.072 -0.559  1.00 57.29 ? 10  ASN A O   1 
ATOM   40   C CB  . ASN A 1 5   ? -19.591 -14.237 -1.237  1.00 60.75 ? 10  ASN A CB  1 
ATOM   41   C CG  . ASN A 1 5   ? -19.042 -12.803 -1.079  1.00 60.68 ? 10  ASN A CG  1 
ATOM   42   O OD1 . ASN A 1 5   ? -17.940 -12.587 -0.543  1.00 61.69 ? 10  ASN A OD1 1 
ATOM   43   N ND2 . ASN A 1 5   ? -19.909 -11.818 -1.325  1.00 59.38 ? 10  ASN A ND2 1 
ATOM   44   N N   . LYS A 1 6   ? -16.474 -14.788 -2.300  1.00 54.23 ? 11  LYS A N   1 
ATOM   45   C CA  . LYS A 1 6   ? -15.104 -14.726 -1.867  1.00 50.66 ? 11  LYS A CA  1 
ATOM   46   C C   . LYS A 1 6   ? -14.693 -13.269 -1.761  1.00 42.61 ? 11  LYS A C   1 
ATOM   47   O O   . LYS A 1 6   ? -15.042 -12.442 -2.605  1.00 41.46 ? 11  LYS A O   1 
ATOM   48   C CB  . LYS A 1 6   ? -14.121 -15.619 -2.635  1.00 55.41 ? 11  LYS A CB  1 
ATOM   49   C CG  . LYS A 1 6   ? -14.085 -15.370 -4.141  1.00 60.28 ? 11  LYS A CG  1 
ATOM   50   C CD  . LYS A 1 6   ? -12.672 -15.370 -4.748  1.00 64.33 ? 11  LYS A CD  1 
ATOM   51   C CE  . LYS A 1 6   ? -11.909 -14.031 -4.614  1.00 67.64 ? 11  LYS A CE  1 
ATOM   52   N NZ  . LYS A 1 6   ? -12.456 -12.921 -5.436  1.00 68.67 ? 11  LYS A NZ  1 
ATOM   53   N N   . ASN A 1 7   ? -14.051 -12.951 -0.655  1.00 38.83 ? 12  ASN A N   1 
ATOM   54   C CA  . ASN A 1 7   ? -13.588 -11.603 -0.364  1.00 35.00 ? 12  ASN A CA  1 
ATOM   55   C C   . ASN A 1 7   ? -12.076 -11.477 -0.469  1.00 30.71 ? 12  ASN A C   1 
ATOM   56   O O   . ASN A 1 7   ? -11.347 -12.454 -0.725  1.00 26.36 ? 12  ASN A O   1 
ATOM   57   C CB  . ASN A 1 7   ? -14.099 -11.038 0.978   1.00 35.60 ? 12  ASN A CB  1 
ATOM   58   C CG  . ASN A 1 7   ? -13.579 -11.748 2.243   1.00 37.48 ? 12  ASN A CG  1 
ATOM   59   O OD1 . ASN A 1 7   ? -13.855 -12.922 2.499   1.00 36.61 ? 12  ASN A OD1 1 
ATOM   60   N ND2 . ASN A 1 7   ? -12.922 -10.994 3.121   1.00 40.76 ? 12  ASN A ND2 1 
ATOM   61   N N   . LEU A 1 8   ? -11.609 -10.230 -0.379  1.00 28.73 ? 13  LEU A N   1 
ATOM   62   C CA  . LEU A 1 8   ? -10.201 -9.991  -0.402  1.00 24.41 ? 13  LEU A CA  1 
ATOM   63   C C   . LEU A 1 8   ? -9.770  -9.339  0.887   1.00 21.17 ? 13  LEU A C   1 
ATOM   64   O O   . LEU A 1 8   ? -10.256 -8.313  1.286   1.00 22.39 ? 13  LEU A O   1 
ATOM   65   C CB  . LEU A 1 8   ? -9.683  -9.219  -1.623  1.00 26.44 ? 13  LEU A CB  1 
ATOM   66   C CG  . LEU A 1 8   ? -8.160  -8.977  -1.506  1.00 25.20 ? 13  LEU A CG  1 
ATOM   67   C CD1 . LEU A 1 8   ? -7.385  -9.792  -2.508  1.00 17.83 ? 13  LEU A CD1 1 
ATOM   68   C CD2 . LEU A 1 8   ? -7.816  -7.503  -1.577  1.00 27.51 ? 13  LEU A CD2 1 
ATOM   69   N N   . LYS A 1 9   ? -8.891  -9.965  1.568   1.00 22.56 ? 14  LYS A N   1 
ATOM   70   C CA  . LYS A 1 9   ? -8.419  -9.412  2.813   1.00 25.54 ? 14  LYS A CA  1 
ATOM   71   C C   . LYS A 1 9   ? -7.168  -8.589  2.592   1.00 24.70 ? 14  LYS A C   1 
ATOM   72   O O   . LYS A 1 9   ? -6.212  -9.054  1.965   1.00 23.73 ? 14  LYS A O   1 
ATOM   73   C CB  . LYS A 1 9   ? -8.111  -10.533 3.766   1.00 29.06 ? 14  LYS A CB  1 
ATOM   74   C CG  . LYS A 1 9   ? -9.288  -10.857 4.652   1.00 35.44 ? 14  LYS A CG  1 
ATOM   75   C CD  . LYS A 1 9   ? -9.050  -12.153 5.467   1.00 41.05 ? 14  LYS A CD  1 
ATOM   76   C CE  . LYS A 1 9   ? -7.544  -12.383 5.672   1.00 44.99 ? 14  LYS A CE  1 
ATOM   77   N NZ  . LYS A 1 9   ? -7.219  -13.626 6.415   1.00 47.23 ? 14  LYS A NZ  1 
ATOM   78   N N   . VAL A 1 10  ? -7.141  -7.349  3.091   1.00 24.82 ? 15  VAL A N   1 
ATOM   79   C CA  . VAL A 1 10  ? -5.943  -6.575  2.905   1.00 23.04 ? 15  VAL A CA  1 
ATOM   80   C C   . VAL A 1 10  ? -5.196  -6.405  4.198   1.00 22.96 ? 15  VAL A C   1 
ATOM   81   O O   . VAL A 1 10  ? -5.825  -6.100  5.155   1.00 25.03 ? 15  VAL A O   1 
ATOM   82   C CB  . VAL A 1 10  ? -6.021  -5.378  1.910   1.00 23.34 ? 15  VAL A CB  1 
ATOM   83   C CG1 . VAL A 1 10  ? -7.185  -5.462  0.926   1.00 19.09 ? 15  VAL A CG1 1 
ATOM   84   C CG2 . VAL A 1 10  ? -5.854  -3.988  2.489   1.00 25.72 ? 15  VAL A CG2 1 
ATOM   85   N N   . LEU A 1 11  ? -3.876  -6.704  4.261   1.00 22.26 ? 16  LEU A N   1 
ATOM   86   C CA  . LEU A 1 11  ? -3.097  -6.556  5.519   1.00 20.68 ? 16  LEU A CA  1 
ATOM   87   C C   . LEU A 1 11  ? -2.384  -5.193  5.665   1.00 26.50 ? 16  LEU A C   1 
ATOM   88   O O   . LEU A 1 11  ? -2.258  -4.389  4.737   1.00 33.08 ? 16  LEU A O   1 
ATOM   89   C CB  . LEU A 1 11  ? -2.072  -7.704  5.810   1.00 15.28 ? 16  LEU A CB  1 
ATOM   90   C CG  . LEU A 1 11  ? -2.484  -9.141  5.471   1.00 12.06 ? 16  LEU A CG  1 
ATOM   91   C CD1 . LEU A 1 11  ? -1.422  -10.116 5.933   1.00 9.49  ? 16  LEU A CD1 1 
ATOM   92   C CD2 . LEU A 1 11  ? -3.831  -9.539  6.060   1.00 12.66 ? 16  LEU A CD2 1 
ATOM   93   N N   . ALA A 1 12  ? -1.886  -4.919  6.840   1.00 24.89 ? 17  ALA A N   1 
ATOM   94   C CA  . ALA A 1 12  ? -1.114  -3.731  7.009   1.00 25.37 ? 17  ALA A CA  1 
ATOM   95   C C   . ALA A 1 12  ? 0.343   -4.064  6.652   1.00 27.75 ? 17  ALA A C   1 
ATOM   96   O O   . ALA A 1 12  ? 0.879   -5.036  7.160   1.00 30.01 ? 17  ALA A O   1 
ATOM   97   C CB  . ALA A 1 12  ? -1.221  -3.295  8.440   1.00 26.62 ? 17  ALA A CB  1 
ATOM   98   N N   . PRO A 1 13  ? 0.963   -3.304  5.722   1.00 27.00 ? 18  PRO A N   1 
ATOM   99   C CA  . PRO A 1 13  ? 2.359   -3.501  5.260   1.00 22.22 ? 18  PRO A CA  1 
ATOM   100  C C   . PRO A 1 13  ? 3.459   -3.002  6.228   1.00 19.57 ? 18  PRO A C   1 
ATOM   101  O O   . PRO A 1 13  ? 4.636   -3.349  6.127   1.00 15.28 ? 18  PRO A O   1 
ATOM   102  C CB  . PRO A 1 13  ? 2.471   -2.705  3.988   1.00 21.40 ? 18  PRO A CB  1 
ATOM   103  C CG  . PRO A 1 13  ? 1.275   -1.776  3.938   1.00 22.66 ? 18  PRO A CG  1 
ATOM   104  C CD  . PRO A 1 13  ? 0.217   -2.389  4.815   1.00 26.23 ? 18  PRO A CD  1 
ATOM   105  N N   . CYS A 1 14  ? 3.071   -2.164  7.180   1.00 20.22 ? 19  CYS A N   1 
ATOM   106  C CA  . CYS A 1 14  ? 3.961   -1.722  8.212   1.00 22.40 ? 19  CYS A CA  1 
ATOM   107  C C   . CYS A 1 14  ? 3.192   -1.469  9.523   1.00 26.92 ? 19  CYS A C   1 
ATOM   108  O O   . CYS A 1 14  ? 1.949   -1.634  9.631   1.00 26.92 ? 19  CYS A O   1 
ATOM   109  C CB  . CYS A 1 14  ? 4.759   -0.503  7.820   1.00 22.86 ? 19  CYS A CB  1 
ATOM   110  S SG  . CYS A 1 14  ? 3.663   0.848   7.473   1.00 24.29 ? 19  CYS A SG  1 
ATOM   111  N N   . ASP A 1 15  ? 3.924   -1.114  10.538  1.00 27.99 ? 20  ASP A N   1 
ATOM   112  C CA  . ASP A 1 15  ? 3.257   -0.835  11.750  1.00 32.06 ? 20  ASP A CA  1 
ATOM   113  C C   . ASP A 1 15  ? 2.829   0.616   11.653  1.00 33.74 ? 20  ASP A C   1 
ATOM   114  O O   . ASP A 1 15  ? 3.420   1.359   10.892  1.00 35.67 ? 20  ASP A O   1 
ATOM   115  C CB  . ASP A 1 15  ? 4.168   -1.145  12.978  1.00 34.98 ? 20  ASP A CB  1 
ATOM   116  C CG  . ASP A 1 15  ? 4.239   -2.621  13.396  1.00 37.61 ? 20  ASP A CG  1 
ATOM   117  O OD1 . ASP A 1 15  ? 3.585   -3.476  12.614  1.00 35.82 ? 20  ASP A OD1 1 
ATOM   118  O OD2 . ASP A 1 15  ? 4.821   -2.977  14.411  1.00 40.22 ? 20  ASP A OD2 1 
ATOM   119  N N   . GLY A 1 16  ? 1.767   1.018   12.361  1.00 33.79 ? 21  GLY A N   1 
ATOM   120  C CA  . GLY A 1 16  ? 1.304   2.416   12.330  1.00 31.96 ? 21  GLY A CA  1 
ATOM   121  C C   . GLY A 1 16  ? -0.211  2.552   12.432  1.00 30.63 ? 21  GLY A C   1 
ATOM   122  O O   . GLY A 1 16  ? -0.907  1.640   12.878  1.00 30.22 ? 21  GLY A O   1 
ATOM   123  N N   . THR A 1 17  ? -0.715  3.708   11.994  1.00 28.50 ? 22  THR A N   1 
ATOM   124  C CA  . THR A 1 17  ? -2.125  3.968   12.045  1.00 26.40 ? 22  THR A CA  1 
ATOM   125  C C   . THR A 1 17  ? -2.746  4.032   10.678  1.00 25.83 ? 22  THR A C   1 
ATOM   126  O O   . THR A 1 17  ? -2.322  4.802   9.828   1.00 26.19 ? 22  THR A O   1 
ATOM   127  C CB  . THR A 1 17  ? -2.332  5.358   12.647  1.00 27.46 ? 22  THR A CB  1 
ATOM   128  O OG1 . THR A 1 17  ? -1.413  5.544   13.682  1.00 30.36 ? 22  THR A OG1 1 
ATOM   129  C CG2 . THR A 1 17  ? -3.775  5.582   13.107  1.00 25.71 ? 22  THR A CG2 1 
ATOM   130  N N   . ILE A 1 18  ? -3.823  3.317   10.489  1.00 25.29 ? 23  ILE A N   1 
ATOM   131  C CA  . ILE A 1 18  ? -4.553  3.469   9.276   1.00 24.58 ? 23  ILE A CA  1 
ATOM   132  C C   . ILE A 1 18  ? -5.318  4.777   9.446   1.00 25.30 ? 23  ILE A C   1 
ATOM   133  O O   . ILE A 1 18  ? -5.852  5.039   10.518  1.00 26.67 ? 23  ILE A O   1 
ATOM   134  C CB  . ILE A 1 18  ? -5.468  2.285   9.000   1.00 25.10 ? 23  ILE A CB  1 
ATOM   135  C CG1 . ILE A 1 18  ? -4.614  1.003   8.877   1.00 29.39 ? 23  ILE A CG1 1 
ATOM   136  C CG2 . ILE A 1 18  ? -6.300  2.519   7.726   1.00 22.59 ? 23  ILE A CG2 1 
ATOM   137  C CD1 . ILE A 1 18  ? -3.555  1.075   7.757   1.00 30.50 ? 23  ILE A CD1 1 
ATOM   138  N N   . ILE A 1 19  ? -5.233  5.651   8.459   1.00 25.05 ? 24  ILE A N   1 
ATOM   139  C CA  . ILE A 1 19  ? -5.904  6.932   8.457   1.00 23.02 ? 24  ILE A CA  1 
ATOM   140  C C   . ILE A 1 19  ? -6.649  6.925   7.138   1.00 23.37 ? 24  ILE A C   1 
ATOM   141  O O   . ILE A 1 19  ? -6.456  5.991   6.374   1.00 24.14 ? 24  ILE A O   1 
ATOM   142  C CB  . ILE A 1 19  ? -4.886  8.097   8.533   1.00 23.97 ? 24  ILE A CB  1 
ATOM   143  C CG1 . ILE A 1 19  ? -4.038  8.177   7.249   1.00 24.08 ? 24  ILE A CG1 1 
ATOM   144  C CG2 . ILE A 1 19  ? -3.913  7.892   9.683   1.00 23.73 ? 24  ILE A CG2 1 
ATOM   145  C CD1 . ILE A 1 19  ? -2.629  8.664   7.535   1.00 23.36 ? 24  ILE A CD1 1 
ATOM   146  N N   . THR A 1 20  ? -7.459  7.950   6.852   1.00 22.24 ? 25  THR A N   1 
ATOM   147  C CA  . THR A 1 20  ? -8.231  8.027   5.608   1.00 21.51 ? 25  THR A CA  1 
ATOM   148  C C   . THR A 1 20  ? -7.479  8.769   4.545   1.00 21.64 ? 25  THR A C   1 
ATOM   149  O O   . THR A 1 20  ? -6.453  9.393   4.836   1.00 23.24 ? 25  THR A O   1 
ATOM   150  C CB  . THR A 1 20  ? -9.642  8.652   5.799   1.00 20.66 ? 25  THR A CB  1 
ATOM   151  O OG1 . THR A 1 20  ? -9.559  9.959   6.367   1.00 24.37 ? 25  THR A OG1 1 
ATOM   152  C CG2 . THR A 1 20  ? -10.532 7.767   6.669   1.00 15.63 ? 25  THR A CG2 1 
ATOM   153  N N   . LEU A 1 21  ? -7.994  8.683   3.317   1.00 19.70 ? 26  LEU A N   1 
ATOM   154  C CA  . LEU A 1 21  ? -7.372  9.348   2.203   1.00 22.20 ? 26  LEU A CA  1 
ATOM   155  C C   . LEU A 1 21  ? -7.569  10.851  2.337   1.00 24.44 ? 26  LEU A C   1 
ATOM   156  O O   . LEU A 1 21  ? -6.817  11.701  1.836   1.00 21.80 ? 26  LEU A O   1 
ATOM   157  C CB  . LEU A 1 21  ? -7.926  8.880   0.850   1.00 23.58 ? 26  LEU A CB  1 
ATOM   158  C CG  . LEU A 1 21  ? -7.398  7.522   0.377   1.00 25.07 ? 26  LEU A CG  1 
ATOM   159  C CD1 . LEU A 1 21  ? -7.984  7.234   -0.998  1.00 26.08 ? 26  LEU A CD1 1 
ATOM   160  C CD2 . LEU A 1 21  ? -5.857  7.468   0.321   1.00 23.66 ? 26  LEU A CD2 1 
ATOM   161  N N   . ASP A 1 22  ? -8.593  11.186  3.015   1.00 27.40 ? 27  ASP A N   1 
ATOM   162  C CA  . ASP A 1 22  ? -8.863  12.569  3.190   1.00 32.53 ? 27  ASP A CA  1 
ATOM   163  C C   . ASP A 1 22  ? -7.809  13.167  4.102   1.00 37.82 ? 27  ASP A C   1 
ATOM   164  O O   . ASP A 1 22  ? -7.581  14.373  4.131   1.00 41.75 ? 27  ASP A O   1 
ATOM   165  C CB  . ASP A 1 22  ? -10.301 12.804  3.694   1.00 35.31 ? 27  ASP A CB  1 
ATOM   166  C CG  . ASP A 1 22  ? -11.226 11.648  3.369   1.00 38.35 ? 27  ASP A CG  1 
ATOM   167  O OD1 . ASP A 1 22  ? -10.681 10.492  3.590   1.00 42.70 ? 27  ASP A OD1 1 
ATOM   168  O OD2 . ASP A 1 22  ? -12.318 11.813  2.906   1.00 36.85 ? 27  ASP A OD2 1 
ATOM   169  N N   . GLU A 1 23  ? -7.109  12.311  4.836   1.00 38.88 ? 28  GLU A N   1 
ATOM   170  C CA  . GLU A 1 23  ? -6.068  12.804  5.696   1.00 41.39 ? 28  GLU A CA  1 
ATOM   171  C C   . GLU A 1 23  ? -4.718  12.878  4.996   1.00 44.81 ? 28  GLU A C   1 
ATOM   172  O O   . GLU A 1 23  ? -3.686  13.067  5.645   1.00 46.25 ? 28  GLU A O   1 
ATOM   173  C CB  . GLU A 1 23  ? -5.957  11.995  6.971   1.00 44.32 ? 28  GLU A CB  1 
ATOM   174  C CG  . GLU A 1 23  ? -7.161  12.216  7.905   1.00 48.48 ? 28  GLU A CG  1 
ATOM   175  C CD  . GLU A 1 23  ? -7.512  10.982  8.721   1.00 52.96 ? 28  GLU A CD  1 
ATOM   176  O OE1 . GLU A 1 23  ? -6.566  10.648  9.574   1.00 54.33 ? 28  GLU A OE1 1 
ATOM   177  O OE2 . GLU A 1 23  ? -8.565  10.345  8.584   1.00 54.19 ? 28  GLU A OE2 1 
ATOM   178  N N   . VAL A 1 24  ? -4.734  12.711  3.665   1.00 45.73 ? 29  VAL A N   1 
ATOM   179  C CA  . VAL A 1 24  ? -3.544  12.749  2.819   1.00 45.10 ? 29  VAL A CA  1 
ATOM   180  C C   . VAL A 1 24  ? -3.445  14.059  2.065   1.00 42.33 ? 29  VAL A C   1 
ATOM   181  O O   . VAL A 1 24  ? -4.396  14.492  1.421   1.00 41.39 ? 29  VAL A O   1 
ATOM   182  C CB  . VAL A 1 24  ? -3.560  11.603  1.846   1.00 46.58 ? 29  VAL A CB  1 
ATOM   183  C CG1 . VAL A 1 24  ? -2.341  11.683  0.926   1.00 49.34 ? 29  VAL A CG1 1 
ATOM   184  C CG2 . VAL A 1 24  ? -3.637  10.285  2.591   1.00 44.53 ? 29  VAL A CG2 1 
ATOM   185  N N   . GLU A 1 25  ? -2.292  14.705  2.181   1.00 41.88 ? 30  GLU A N   1 
ATOM   186  C CA  . GLU A 1 25  ? -2.045  16.020  1.609   1.00 42.02 ? 30  GLU A CA  1 
ATOM   187  C C   . GLU A 1 25  ? -1.572  15.982  0.168   1.00 40.54 ? 30  GLU A C   1 
ATOM   188  O O   . GLU A 1 25  ? -0.446  16.360  -0.127  1.00 44.21 ? 30  GLU A O   1 
ATOM   189  C CB  . GLU A 1 25  ? -1.012  16.763  2.462   1.00 43.68 ? 30  GLU A CB  1 
ATOM   190  C CG  . GLU A 1 25  ? 0.175   15.853  2.766   1.00 46.33 ? 30  GLU A CG  1 
ATOM   191  C CD  . GLU A 1 25  ? -0.126  14.960  3.927   1.00 49.85 ? 30  GLU A CD  1 
ATOM   192  O OE1 . GLU A 1 25  ? -0.546  15.637  4.967   1.00 50.84 ? 30  GLU A OE1 1 
ATOM   193  O OE2 . GLU A 1 25  ? -0.115  13.734  3.868   1.00 51.23 ? 30  GLU A OE2 1 
ATOM   194  N N   . ASP A 1 26  ? -2.430  15.519  -0.703  1.00 34.83 ? 31  ASP A N   1 
ATOM   195  C CA  . ASP A 1 26  ? -2.130  15.387  -2.099  1.00 30.25 ? 31  ASP A CA  1 
ATOM   196  C C   . ASP A 1 26  ? -3.399  15.115  -2.892  1.00 28.31 ? 31  ASP A C   1 
ATOM   197  O O   . ASP A 1 26  ? -3.979  14.033  -2.797  1.00 25.55 ? 31  ASP A O   1 
ATOM   198  C CB  . ASP A 1 26  ? -1.144  14.252  -2.319  1.00 29.43 ? 31  ASP A CB  1 
ATOM   199  C CG  . ASP A 1 26  ? -0.965  13.920  -3.758  1.00 32.28 ? 31  ASP A CG  1 
ATOM   200  O OD1 . ASP A 1 26  ? -1.828  13.469  -4.463  1.00 34.17 ? 31  ASP A OD1 1 
ATOM   201  O OD2 . ASP A 1 26  ? 0.270   13.994  -4.121  1.00 34.75 ? 31  ASP A OD2 1 
ATOM   202  N N   . GLU A 1 27  ? -3.726  16.072  -3.740  1.00 29.79 ? 32  GLU A N   1 
ATOM   203  C CA  . GLU A 1 27  ? -4.872  16.092  -4.619  1.00 31.61 ? 32  GLU A CA  1 
ATOM   204  C C   . GLU A 1 27  ? -5.206  14.735  -5.194  1.00 28.18 ? 32  GLU A C   1 
ATOM   205  O O   . GLU A 1 27  ? -6.320  14.229  -5.067  1.00 26.97 ? 32  GLU A O   1 
ATOM   206  C CB  . GLU A 1 27  ? -4.573  17.109  -5.753  1.00 40.40 ? 32  GLU A CB  1 
ATOM   207  C CG  . GLU A 1 27  ? -4.650  16.509  -7.175  1.00 48.56 ? 32  GLU A CG  1 
ATOM   208  C CD  . GLU A 1 27  ? -3.448  16.766  -8.070  1.00 56.11 ? 32  GLU A CD  1 
ATOM   209  O OE1 . GLU A 1 27  ? -2.494  17.462  -7.744  1.00 57.64 ? 32  GLU A OE1 1 
ATOM   210  O OE2 . GLU A 1 27  ? -3.574  16.210  -9.273  1.00 59.31 ? 32  GLU A OE2 1 
ATOM   211  N N   . VAL A 1 28  ? -4.204  14.120  -5.814  1.00 24.33 ? 33  VAL A N   1 
ATOM   212  C CA  . VAL A 1 28  ? -4.406  12.848  -6.445  1.00 20.46 ? 33  VAL A CA  1 
ATOM   213  C C   . VAL A 1 28  ? -4.968  11.772  -5.507  1.00 21.12 ? 33  VAL A C   1 
ATOM   214  O O   . VAL A 1 28  ? -5.851  10.982  -5.873  1.00 19.45 ? 33  VAL A O   1 
ATOM   215  C CB  . VAL A 1 28  ? -3.157  12.369  -7.126  1.00 17.17 ? 33  VAL A CB  1 
ATOM   216  C CG1 . VAL A 1 28  ? -3.238  10.878  -7.341  1.00 17.30 ? 33  VAL A CG1 1 
ATOM   217  C CG2 . VAL A 1 28  ? -2.892  13.097  -8.434  1.00 16.88 ? 33  VAL A CG2 1 
ATOM   218  N N   . PHE A 1 29  ? -4.416  11.728  -4.295  1.00 25.37 ? 34  PHE A N   1 
ATOM   219  C CA  . PHE A 1 29  ? -4.761  10.733  -3.305  1.00 24.34 ? 34  PHE A CA  1 
ATOM   220  C C   . PHE A 1 29  ? -6.025  11.030  -2.563  1.00 24.53 ? 34  PHE A C   1 
ATOM   221  O O   . PHE A 1 29  ? -6.958  10.250  -2.573  1.00 22.79 ? 34  PHE A O   1 
ATOM   222  C CB  . PHE A 1 29  ? -3.600  10.488  -2.357  1.00 25.84 ? 34  PHE A CB  1 
ATOM   223  C CG  . PHE A 1 29  ? -2.436  9.853   -3.067  1.00 26.12 ? 34  PHE A CG  1 
ATOM   224  C CD1 . PHE A 1 29  ? -2.609  8.700   -3.830  1.00 26.64 ? 34  PHE A CD1 1 
ATOM   225  C CD2 . PHE A 1 29  ? -1.141  10.342  -2.903  1.00 27.87 ? 34  PHE A CD2 1 
ATOM   226  C CE1 . PHE A 1 29  ? -1.550  8.077   -4.493  1.00 27.07 ? 34  PHE A CE1 1 
ATOM   227  C CE2 . PHE A 1 29  ? -0.065  9.725   -3.528  1.00 28.06 ? 34  PHE A CE2 1 
ATOM   228  C CZ  . PHE A 1 29  ? -0.269  8.606   -4.334  1.00 28.29 ? 34  PHE A CZ  1 
ATOM   229  N N   . LYS A 1 30  ? -6.047  12.195  -1.930  1.00 30.22 ? 35  LYS A N   1 
ATOM   230  C CA  . LYS A 1 30  ? -7.154  12.648  -1.115  1.00 32.03 ? 35  LYS A CA  1 
ATOM   231  C C   . LYS A 1 30  ? -8.442  12.767  -1.874  1.00 37.19 ? 35  LYS A C   1 
ATOM   232  O O   . LYS A 1 30  ? -9.504  12.513  -1.315  1.00 42.25 ? 35  LYS A O   1 
ATOM   233  C CB  . LYS A 1 30  ? -6.809  13.856  -0.271  1.00 29.08 ? 35  LYS A CB  1 
ATOM   234  C CG  . LYS A 1 30  ? -7.857  14.902  -0.247  1.00 29.23 ? 35  LYS A CG  1 
ATOM   235  C CD  . LYS A 1 30  ? -7.505  16.070  -1.137  1.00 34.03 ? 35  LYS A CD  1 
ATOM   236  C CE  . LYS A 1 30  ? -6.101  16.592  -0.869  1.00 38.18 ? 35  LYS A CE  1 
ATOM   237  N NZ  . LYS A 1 30  ? -5.791  17.956  -1.385  1.00 38.58 ? 35  LYS A NZ  1 
ATOM   238  N N   . GLU A 1 31  ? -8.333  13.073  -3.161  1.00 36.63 ? 36  GLU A N   1 
ATOM   239  C CA  . GLU A 1 31  ? -9.483  13.207  -4.034  1.00 38.11 ? 36  GLU A CA  1 
ATOM   240  C C   . GLU A 1 31  ? -9.887  11.903  -4.662  1.00 34.08 ? 36  GLU A C   1 
ATOM   241  O O   . GLU A 1 31  ? -10.862 11.830  -5.382  1.00 31.31 ? 36  GLU A O   1 
ATOM   242  C CB  . GLU A 1 31  ? -9.217  14.213  -5.157  1.00 46.04 ? 36  GLU A CB  1 
ATOM   243  C CG  . GLU A 1 31  ? -9.635  15.633  -4.818  1.00 54.19 ? 36  GLU A CG  1 
ATOM   244  C CD  . GLU A 1 31  ? -8.699  16.689  -5.256  1.00 62.43 ? 36  GLU A CD  1 
ATOM   245  O OE1 . GLU A 1 31  ? -8.920  17.071  -6.505  1.00 64.23 ? 36  GLU A OE1 1 
ATOM   246  O OE2 . GLU A 1 31  ? -7.736  17.044  -4.571  1.00 65.61 ? 36  GLU A OE2 1 
ATOM   247  N N   . ARG A 1 32  ? -9.093  10.872  -4.443  1.00 35.66 ? 37  ARG A N   1 
ATOM   248  C CA  . ARG A 1 32  ? -9.385  9.552   -5.011  1.00 34.99 ? 37  ARG A CA  1 
ATOM   249  C C   . ARG A 1 32  ? -9.428  9.535   -6.523  1.00 32.71 ? 37  ARG A C   1 
ATOM   250  O O   . ARG A 1 32  ? -10.218 8.814   -7.086  1.00 30.01 ? 37  ARG A O   1 
ATOM   251  C CB  . ARG A 1 32  ? -10.740 9.048   -4.538  1.00 35.19 ? 37  ARG A CB  1 
ATOM   252  C CG  . ARG A 1 32  ? -10.736 8.363   -3.189  1.00 34.73 ? 37  ARG A CG  1 
ATOM   253  C CD  . ARG A 1 32  ? -11.866 8.895   -2.333  1.00 35.18 ? 37  ARG A CD  1 
ATOM   254  N NE  . ARG A 1 32  ? -11.808 8.454   -0.950  1.00 35.97 ? 37  ARG A NE  1 
ATOM   255  C CZ  . ARG A 1 32  ? -11.527 9.194   0.124   1.00 34.26 ? 37  ARG A CZ  1 
ATOM   256  N NH1 . ARG A 1 32  ? -11.187 10.477  0.074   1.00 33.87 ? 37  ARG A NH1 1 
ATOM   257  N NH2 . ARG A 1 32  ? -11.593 8.606   1.308   1.00 33.92 ? 37  ARG A NH2 1 
ATOM   258  N N   . MET A 1 33  ? -8.582  10.330  -7.182  1.00 34.40 ? 38  MET A N   1 
ATOM   259  C CA  . MET A 1 33  ? -8.552  10.426  -8.654  1.00 31.58 ? 38  MET A CA  1 
ATOM   260  C C   . MET A 1 33  ? -8.359  9.087   -9.360  1.00 33.82 ? 38  MET A C   1 
ATOM   261  O O   . MET A 1 33  ? -9.050  8.771   -10.320 1.00 33.90 ? 38  MET A O   1 
ATOM   262  C CB  . MET A 1 33  ? -7.519  11.466  -9.120  1.00 29.44 ? 38  MET A CB  1 
ATOM   263  C CG  . MET A 1 33  ? -8.000  12.865  -8.816  1.00 32.51 ? 38  MET A CG  1 
ATOM   264  S SD  . MET A 1 33  ? -6.735  14.119  -8.991  1.00 34.53 ? 38  MET A SD  1 
ATOM   265  C CE  . MET A 1 33  ? -5.585  13.116  -9.973  1.00 35.30 ? 38  MET A CE  1 
ATOM   266  N N   . LEU A 1 34  ? -7.437  8.270   -8.848  1.00 34.89 ? 39  LEU A N   1 
ATOM   267  C CA  . LEU A 1 34  ? -7.111  6.998   -9.449  1.00 36.70 ? 39  LEU A CA  1 
ATOM   268  C C   . LEU A 1 34  ? -7.803  5.816   -8.811  1.00 37.09 ? 39  LEU A C   1 
ATOM   269  O O   . LEU A 1 34  ? -7.789  4.700   -9.326  1.00 34.03 ? 39  LEU A O   1 
ATOM   270  C CB  . LEU A 1 34  ? -5.588  6.794   -9.487  1.00 38.29 ? 39  LEU A CB  1 
ATOM   271  C CG  . LEU A 1 34  ? -4.949  7.488   -10.683 1.00 39.12 ? 39  LEU A CG  1 
ATOM   272  C CD1 . LEU A 1 34  ? -3.448  7.212   -10.710 1.00 38.03 ? 39  LEU A CD1 1 
ATOM   273  C CD2 . LEU A 1 34  ? -5.600  6.982   -11.979 1.00 39.32 ? 39  LEU A CD2 1 
ATOM   274  N N   . GLY A 1 35  ? -8.414  6.066   -7.661  1.00 39.45 ? 40  GLY A N   1 
ATOM   275  C CA  . GLY A 1 35  ? -9.070  5.005   -6.946  1.00 37.95 ? 40  GLY A CA  1 
ATOM   276  C C   . GLY A 1 35  ? -9.281  5.376   -5.507  1.00 36.12 ? 40  GLY A C   1 
ATOM   277  O O   . GLY A 1 35  ? -8.981  6.503   -5.112  1.00 32.47 ? 40  GLY A O   1 
ATOM   278  N N   . ASP A 1 36  ? -9.802  4.375   -4.749  1.00 38.08 ? 41  ASP A N   1 
ATOM   279  C CA  . ASP A 1 36  ? -10.159 4.455   -3.324  1.00 37.74 ? 41  ASP A CA  1 
ATOM   280  C C   . ASP A 1 36  ? -9.247  3.608   -2.499  1.00 30.48 ? 41  ASP A C   1 
ATOM   281  O O   . ASP A 1 36  ? -8.350  2.992   -3.042  1.00 30.27 ? 41  ASP A O   1 
ATOM   282  C CB  . ASP A 1 36  ? -11.616 4.003   -3.077  1.00 46.26 ? 41  ASP A CB  1 
ATOM   283  C CG  . ASP A 1 36  ? -12.304 4.746   -1.955  1.00 53.90 ? 41  ASP A CG  1 
ATOM   284  O OD1 . ASP A 1 36  ? -11.503 4.998   -0.928  1.00 55.76 ? 41  ASP A OD1 1 
ATOM   285  O OD2 . ASP A 1 36  ? -13.473 5.112   -2.015  1.00 56.53 ? 41  ASP A OD2 1 
ATOM   286  N N   . GLY A 1 37  ? -9.466  3.611   -1.185  1.00 28.45 ? 42  GLY A N   1 
ATOM   287  C CA  . GLY A 1 37  ? -8.656  2.828   -0.223  1.00 26.72 ? 42  GLY A CA  1 
ATOM   288  C C   . GLY A 1 37  ? -8.367  3.645   1.008   1.00 23.68 ? 42  GLY A C   1 
ATOM   289  O O   . GLY A 1 37  ? -9.172  4.434   1.434   1.00 25.37 ? 42  GLY A O   1 
ATOM   290  N N   . PHE A 1 38  ? -7.189  3.530   1.532   1.00 20.49 ? 43  PHE A N   1 
ATOM   291  C CA  . PHE A 1 38  ? -6.830  4.295   2.717   1.00 17.32 ? 43  PHE A CA  1 
ATOM   292  C C   . PHE A 1 38  ? -5.308  4.597   2.785   1.00 22.14 ? 43  PHE A C   1 
ATOM   293  O O   . PHE A 1 38  ? -4.614  4.568   1.793   1.00 25.71 ? 43  PHE A O   1 
ATOM   294  C CB  . PHE A 1 38  ? -7.272  3.576   3.939   1.00 10.71 ? 43  PHE A CB  1 
ATOM   295  C CG  . PHE A 1 38  ? -6.789  2.164   3.835   1.00 11.00 ? 43  PHE A CG  1 
ATOM   296  C CD1 . PHE A 1 38  ? -7.500  1.224   3.097   1.00 10.81 ? 43  PHE A CD1 1 
ATOM   297  C CD2 . PHE A 1 38  ? -5.589  1.774   4.417   1.00 13.12 ? 43  PHE A CD2 1 
ATOM   298  C CE1 . PHE A 1 38  ? -7.061  -0.085  2.949   1.00 12.10 ? 43  PHE A CE1 1 
ATOM   299  C CE2 . PHE A 1 38  ? -5.129  0.458   4.290   1.00 15.15 ? 43  PHE A CE2 1 
ATOM   300  C CZ  . PHE A 1 38  ? -5.860  -0.468  3.547   1.00 13.08 ? 43  PHE A CZ  1 
ATOM   301  N N   . ALA A 1 39  ? -4.788  4.927   3.948   1.00 22.34 ? 44  ALA A N   1 
ATOM   302  C CA  . ALA A 1 39  ? -3.382  5.246   4.071   1.00 21.17 ? 44  ALA A CA  1 
ATOM   303  C C   . ALA A 1 39  ? -2.802  4.778   5.407   1.00 21.88 ? 44  ALA A C   1 
ATOM   304  O O   . ALA A 1 39  ? -3.446  4.199   6.264   1.00 22.26 ? 44  ALA A O   1 
ATOM   305  C CB  . ALA A 1 39  ? -3.109  6.734   3.827   1.00 19.96 ? 44  ALA A CB  1 
ATOM   306  N N   . ILE A 1 40  ? -1.564  5.007   5.549   1.00 23.24 ? 45  ILE A N   1 
ATOM   307  C CA  . ILE A 1 40  ? -0.925  4.564   6.691   1.00 27.48 ? 45  ILE A CA  1 
ATOM   308  C C   . ILE A 1 40  ? 0.173   5.497   7.083   1.00 32.25 ? 45  ILE A C   1 
ATOM   309  O O   . ILE A 1 40  ? 0.901   6.034   6.244   1.00 29.90 ? 45  ILE A O   1 
ATOM   310  C CB  . ILE A 1 40  ? -0.510  3.058   6.620   1.00 30.49 ? 45  ILE A CB  1 
ATOM   311  C CG1 . ILE A 1 40  ? -0.293  2.462   8.037   1.00 34.71 ? 45  ILE A CG1 1 
ATOM   312  C CG2 . ILE A 1 40  ? 0.723   2.779   5.743   1.00 28.12 ? 45  ILE A CG2 1 
ATOM   313  C CD1 . ILE A 1 40  ? -0.116  0.931   8.051   1.00 35.78 ? 45  ILE A CD1 1 
ATOM   314  N N   . ASN A 1 41  ? 0.181   5.754   8.405   1.00 38.34 ? 46  ASN A N   1 
ATOM   315  C CA  . ASN A 1 41  ? 1.210   6.481   9.104   1.00 36.68 ? 46  ASN A CA  1 
ATOM   316  C C   . ASN A 1 41  ? 2.221   5.439   9.572   1.00 33.03 ? 46  ASN A C   1 
ATOM   317  O O   . ASN A 1 41  ? 2.022   4.771   10.633  1.00 33.98 ? 46  ASN A O   1 
ATOM   318  C CB  . ASN A 1 41  ? 0.668   7.259   10.282  1.00 37.92 ? 46  ASN A CB  1 
ATOM   319  C CG  . ASN A 1 41  ? 1.132   8.646   10.146  1.00 41.55 ? 46  ASN A CG  1 
ATOM   320  O OD1 . ASN A 1 41  ? 2.309   8.868   9.827   1.00 42.91 ? 46  ASN A OD1 1 
ATOM   321  N ND2 . ASN A 1 41  ? 0.167   9.558   10.097  1.00 44.32 ? 46  ASN A ND2 1 
ATOM   322  N N   . PRO A 1 42  ? 3.257   5.244   8.726   1.00 28.60 ? 47  PRO A N   1 
ATOM   323  C CA  . PRO A 1 42  ? 4.274   4.277   9.000   1.00 29.22 ? 47  PRO A CA  1 
ATOM   324  C C   . PRO A 1 42  ? 5.010   4.555   10.311  1.00 29.17 ? 47  PRO A C   1 
ATOM   325  O O   . PRO A 1 42  ? 5.603   5.606   10.511  1.00 26.89 ? 47  PRO A O   1 
ATOM   326  C CB  . PRO A 1 42  ? 5.279   4.312   7.835   1.00 30.06 ? 47  PRO A CB  1 
ATOM   327  C CG  . PRO A 1 42  ? 4.935   5.532   7.006   1.00 30.25 ? 47  PRO A CG  1 
ATOM   328  C CD  . PRO A 1 42  ? 3.643   6.100   7.576   1.00 29.38 ? 47  PRO A CD  1 
ATOM   329  N N   . LYS A 1 43  ? 4.942   3.577   11.187  1.00 31.42 ? 48  LYS A N   1 
ATOM   330  C CA  . LYS A 1 43  ? 5.650   3.591   12.422  1.00 33.74 ? 48  LYS A CA  1 
ATOM   331  C C   . LYS A 1 43  ? 6.931   2.860   12.209  1.00 36.17 ? 48  LYS A C   1 
ATOM   332  O O   . LYS A 1 43  ? 7.947   3.246   12.788  1.00 41.60 ? 48  LYS A O   1 
ATOM   333  C CB  . LYS A 1 43  ? 4.921   2.903   13.539  1.00 35.36 ? 48  LYS A CB  1 
ATOM   334  C CG  . LYS A 1 43  ? 3.731   3.669   14.046  1.00 39.59 ? 48  LYS A CG  1 
ATOM   335  C CD  . LYS A 1 43  ? 3.147   2.966   15.260  1.00 44.62 ? 48  LYS A CD  1 
ATOM   336  C CE  . LYS A 1 43  ? 1.763   3.458   15.648  1.00 45.86 ? 48  LYS A CE  1 
ATOM   337  N NZ  . LYS A 1 43  ? 1.820   4.721   16.397  1.00 45.19 ? 48  LYS A NZ  1 
ATOM   338  N N   . SER A 1 44  ? 6.858   1.758   11.427  1.00 34.19 ? 49  SER A N   1 
ATOM   339  C CA  . SER A 1 44  ? 8.026   0.911   11.102  1.00 34.81 ? 49  SER A CA  1 
ATOM   340  C C   . SER A 1 44  ? 8.661   1.239   9.740   1.00 32.04 ? 49  SER A C   1 
ATOM   341  O O   . SER A 1 44  ? 8.187   2.076   9.021   1.00 31.98 ? 49  SER A O   1 
ATOM   342  C CB  . SER A 1 44  ? 7.797   -0.588  11.288  1.00 37.64 ? 49  SER A CB  1 
ATOM   343  O OG  . SER A 1 44  ? 6.903   -1.081  10.304  1.00 42.07 ? 49  SER A OG  1 
ATOM   344  N N   . ASN A 1 45  ? 9.753   0.582   9.392   1.00 29.94 ? 50  ASN A N   1 
ATOM   345  C CA  . ASN A 1 45  ? 10.391  0.892   8.143   1.00 31.41 ? 50  ASN A CA  1 
ATOM   346  C C   . ASN A 1 45  ? 10.059  -0.063  7.047   1.00 32.82 ? 50  ASN A C   1 
ATOM   347  O O   . ASN A 1 45  ? 9.946   0.323   5.860   1.00 35.75 ? 50  ASN A O   1 
ATOM   348  C CB  . ASN A 1 45  ? 11.889  0.945   8.320   1.00 33.51 ? 50  ASN A CB  1 
ATOM   349  C CG  . ASN A 1 45  ? 12.206  1.635   9.611   1.00 36.23 ? 50  ASN A CG  1 
ATOM   350  O OD1 . ASN A 1 45  ? 12.295  0.942   10.640  1.00 41.89 ? 50  ASN A OD1 1 
ATOM   351  N ND2 . ASN A 1 45  ? 12.134  2.986   9.620   1.00 31.55 ? 50  ASN A ND2 1 
ATOM   352  N N   . ASP A 1 46  ? 9.897   -1.302  7.462   1.00 29.75 ? 51  ASP A N   1 
ATOM   353  C CA  . ASP A 1 46  ? 9.555   -2.367  6.560   1.00 30.58 ? 51  ASP A CA  1 
ATOM   354  C C   . ASP A 1 46  ? 8.115   -2.304  6.019   1.00 32.00 ? 51  ASP A C   1 
ATOM   355  O O   . ASP A 1 46  ? 7.134   -2.172  6.736   1.00 35.89 ? 51  ASP A O   1 
ATOM   356  C CB  . ASP A 1 46  ? 9.985   -3.721  7.099   1.00 31.46 ? 51  ASP A CB  1 
ATOM   357  C CG  . ASP A 1 46  ? 11.382  -3.643  7.730   1.00 34.94 ? 51  ASP A CG  1 
ATOM   358  O OD1 . ASP A 1 46  ? 12.210  -2.858  7.073   1.00 36.66 ? 51  ASP A OD1 1 
ATOM   359  O OD2 . ASP A 1 46  ? 11.725  -4.273  8.728   1.00 34.67 ? 51  ASP A OD2 1 
ATOM   360  N N   . PHE A 1 47  ? 8.005   -2.299  4.713   1.00 26.83 ? 52  PHE A N   1 
ATOM   361  C CA  . PHE A 1 47  ? 6.738   -2.294  4.105   1.00 21.25 ? 52  PHE A CA  1 
ATOM   362  C C   . PHE A 1 47  ? 6.604   -3.652  3.483   1.00 23.44 ? 52  PHE A C   1 
ATOM   363  O O   . PHE A 1 47  ? 7.565   -4.124  2.857   1.00 23.14 ? 52  PHE A O   1 
ATOM   364  C CB  . PHE A 1 47  ? 6.598   -1.171  3.093   1.00 18.38 ? 52  PHE A CB  1 
ATOM   365  C CG  . PHE A 1 47  ? 6.477   0.169   3.732   1.00 13.06 ? 52  PHE A CG  1 
ATOM   366  C CD1 . PHE A 1 47  ? 7.583   0.746   4.350   1.00 12.29 ? 52  PHE A CD1 1 
ATOM   367  C CD2 . PHE A 1 47  ? 5.264   0.859   3.710   1.00 10.99 ? 52  PHE A CD2 1 
ATOM   368  C CE1 . PHE A 1 47  ? 7.460   1.991   4.957   1.00 13.36 ? 52  PHE A CE1 1 
ATOM   369  C CE2 . PHE A 1 47  ? 5.118   2.106   4.322   1.00 8.34  ? 52  PHE A CE2 1 
ATOM   370  C CZ  . PHE A 1 47  ? 6.220   2.640   4.988   1.00 11.50 ? 52  PHE A CZ  1 
ATOM   371  N N   . HIS A 1 48  ? 5.452   -4.316  3.749   1.00 22.88 ? 53  HIS A N   1 
ATOM   372  C CA  . HIS A 1 48  ? 5.218   -5.664  3.303   1.00 20.66 ? 53  HIS A CA  1 
ATOM   373  C C   . HIS A 1 48  ? 4.073   -5.691  2.354   1.00 20.44 ? 53  HIS A C   1 
ATOM   374  O O   . HIS A 1 48  ? 3.287   -4.800  2.341   1.00 23.00 ? 53  HIS A O   1 
ATOM   375  C CB  . HIS A 1 48  ? 4.886   -6.599  4.492   1.00 24.75 ? 53  HIS A CB  1 
ATOM   376  C CG  . HIS A 1 48  ? 6.046   -6.900  5.390   1.00 27.65 ? 53  HIS A CG  1 
ATOM   377  N ND1 . HIS A 1 48  ? 6.429   -6.030  6.389   1.00 30.19 ? 53  HIS A ND1 1 
ATOM   378  C CD2 . HIS A 1 48  ? 6.937   -7.929  5.386   1.00 28.27 ? 53  HIS A CD2 1 
ATOM   379  C CE1 . HIS A 1 48  ? 7.512   -6.558  6.980   1.00 30.37 ? 53  HIS A CE1 1 
ATOM   380  N NE2 . HIS A 1 48  ? 7.838   -7.701  6.400   1.00 28.79 ? 53  HIS A NE2 1 
ATOM   381  N N   . ALA A 1 49  ? 3.942   -6.748  1.602   1.00 18.39 ? 54  ALA A N   1 
ATOM   382  C CA  . ALA A 1 49  ? 2.829   -6.893  0.739   1.00 16.84 ? 54  ALA A CA  1 
ATOM   383  C C   . ALA A 1 49  ? 1.490   -7.049  1.519   1.00 19.73 ? 54  ALA A C   1 
ATOM   384  O O   . ALA A 1 49  ? 1.324   -7.886  2.418   1.00 21.79 ? 54  ALA A O   1 
ATOM   385  C CB  . ALA A 1 49  ? 3.087   -8.075  -0.189  1.00 13.95 ? 54  ALA A CB  1 
ATOM   386  N N   . PRO A 1 50  ? 0.505   -6.278  1.103   1.00 22.37 ? 55  PRO A N   1 
ATOM   387  C CA  . PRO A 1 50  ? -0.848  -6.276  1.672   1.00 23.40 ? 55  PRO A CA  1 
ATOM   388  C C   . PRO A 1 50  ? -1.703  -7.444  1.238   1.00 25.57 ? 55  PRO A C   1 
ATOM   389  O O   . PRO A 1 50  ? -2.672  -7.776  1.879   1.00 29.44 ? 55  PRO A O   1 
ATOM   390  C CB  . PRO A 1 50  ? -1.493  -5.004  1.145   1.00 25.16 ? 55  PRO A CB  1 
ATOM   391  C CG  . PRO A 1 50  ? -0.438  -4.234  0.308   1.00 25.55 ? 55  PRO A CG  1 
ATOM   392  C CD  . PRO A 1 50  ? 0.856   -5.010  0.394   1.00 23.44 ? 55  PRO A CD  1 
ATOM   393  N N   . VAL A 1 51  ? -1.364  -8.018  0.096   1.00 25.89 ? 56  VAL A N   1 
ATOM   394  C CA  . VAL A 1 51  ? -2.027  -9.175  -0.498  1.00 24.91 ? 56  VAL A CA  1 
ATOM   395  C C   . VAL A 1 51  ? -1.034  -9.995  -1.321  1.00 23.29 ? 56  VAL A C   1 
ATOM   396  O O   . VAL A 1 51  ? 0.178   -9.689  -1.471  1.00 22.61 ? 56  VAL A O   1 
ATOM   397  C CB  . VAL A 1 51  ? -3.219  -8.806  -1.375  1.00 27.30 ? 56  VAL A CB  1 
ATOM   398  C CG1 . VAL A 1 51  ? -4.231  -7.968  -0.608  1.00 23.80 ? 56  VAL A CG1 1 
ATOM   399  C CG2 . VAL A 1 51  ? -2.700  -8.040  -2.597  1.00 32.55 ? 56  VAL A CG2 1 
ATOM   400  N N   . SER A 1 52  ? -1.543  -11.049 -1.879  1.00 23.26 ? 57  SER A N   1 
ATOM   401  C CA  . SER A 1 52  ? -0.732  -11.850 -2.734  1.00 22.69 ? 57  SER A CA  1 
ATOM   402  C C   . SER A 1 52  ? -1.096  -11.573 -4.176  1.00 20.20 ? 57  SER A C   1 
ATOM   403  O O   . SER A 1 52  ? -2.258  -11.370 -4.510  1.00 19.41 ? 57  SER A O   1 
ATOM   404  C CB  . SER A 1 52  ? -0.863  -13.285 -2.377  1.00 25.40 ? 57  SER A CB  1 
ATOM   405  O OG  . SER A 1 52  ? -0.670  -13.360 -0.985  1.00 29.26 ? 57  SER A OG  1 
ATOM   406  N N   . GLY A 1 53  ? -0.086  -11.502 -5.031  1.00 20.24 ? 58  GLY A N   1 
ATOM   407  C CA  . GLY A 1 53  ? -0.322  -11.226 -6.448  1.00 19.21 ? 58  GLY A CA  1 
ATOM   408  C C   . GLY A 1 53  ? 0.983   -10.999 -7.149  1.00 20.36 ? 58  GLY A C   1 
ATOM   409  O O   . GLY A 1 53  ? 2.023   -11.413 -6.635  1.00 25.71 ? 58  GLY A O   1 
ATOM   410  N N   . LYS A 1 54  ? 0.926   -10.340 -8.294  1.00 20.05 ? 59  LYS A N   1 
ATOM   411  C CA  . LYS A 1 54  ? 2.100   -10.029 -9.091  1.00 22.57 ? 59  LYS A CA  1 
ATOM   412  C C   . LYS A 1 54  ? 2.492   -8.578  -9.000  1.00 20.91 ? 59  LYS A C   1 
ATOM   413  O O   . LYS A 1 54  ? 1.661   -7.657  -9.155  1.00 16.50 ? 59  LYS A O   1 
ATOM   414  C CB  . LYS A 1 54  ? 1.823   -10.313 -10.531 1.00 29.44 ? 59  LYS A CB  1 
ATOM   415  C CG  . LYS A 1 54  ? 2.969   -11.037 -11.176 1.00 36.83 ? 59  LYS A CG  1 
ATOM   416  C CD  . LYS A 1 54  ? 3.135   -10.642 -12.614 1.00 43.11 ? 59  LYS A CD  1 
ATOM   417  C CE  . LYS A 1 54  ? 1.875   -10.823 -13.421 1.00 49.16 ? 59  LYS A CE  1 
ATOM   418  N NZ  . LYS A 1 54  ? 2.191   -10.672 -14.848 1.00 52.89 ? 59  LYS A NZ  1 
ATOM   419  N N   . LEU A 1 55  ? 3.772   -8.363  -8.762  1.00 23.70 ? 60  LEU A N   1 
ATOM   420  C CA  . LEU A 1 55  ? 4.288   -7.007  -8.703  1.00 27.37 ? 60  LEU A CA  1 
ATOM   421  C C   . LEU A 1 55  ? 4.275   -6.501  -10.146 1.00 30.53 ? 60  LEU A C   1 
ATOM   422  O O   . LEU A 1 55  ? 5.288   -6.534  -10.868 1.00 30.84 ? 60  LEU A O   1 
ATOM   423  C CB  . LEU A 1 55  ? 5.741   -7.017  -8.194  1.00 29.05 ? 60  LEU A CB  1 
ATOM   424  C CG  . LEU A 1 55  ? 6.108   -6.017  -7.103  1.00 32.37 ? 60  LEU A CG  1 
ATOM   425  C CD1 . LEU A 1 55  ? 7.594   -6.136  -6.771  1.00 34.33 ? 60  LEU A CD1 1 
ATOM   426  C CD2 . LEU A 1 55  ? 5.851   -4.602  -7.541  1.00 34.22 ? 60  LEU A CD2 1 
ATOM   427  N N   . VAL A 1 56  ? 3.097   -6.135  -10.600 1.00 32.60 ? 61  VAL A N   1 
ATOM   428  C CA  . VAL A 1 56  ? 2.916   -5.667  -11.960 1.00 31.42 ? 61  VAL A CA  1 
ATOM   429  C C   . VAL A 1 56  ? 3.490   -4.310  -12.114 1.00 29.85 ? 61  VAL A C   1 
ATOM   430  O O   . VAL A 1 56  ? 3.894   -3.974  -13.190 1.00 29.37 ? 61  VAL A O   1 
ATOM   431  C CB  . VAL A 1 56  ? 1.451   -5.634  -12.370 1.00 33.66 ? 61  VAL A CB  1 
ATOM   432  C CG1 . VAL A 1 56  ? 1.321   -5.010  -13.757 1.00 35.53 ? 61  VAL A CG1 1 
ATOM   433  C CG2 . VAL A 1 56  ? 0.871   -7.059  -12.341 1.00 34.77 ? 61  VAL A CG2 1 
ATOM   434  N N   . THR A 1 57  ? 3.485   -3.528  -11.015 1.00 30.39 ? 62  THR A N   1 
ATOM   435  C CA  . THR A 1 57  ? 4.038   -2.163  -10.994 1.00 26.91 ? 62  THR A CA  1 
ATOM   436  C C   . THR A 1 57  ? 5.208   -2.019  -10.070 1.00 24.71 ? 62  THR A C   1 
ATOM   437  O O   . THR A 1 57  ? 5.036   -2.015  -8.884  1.00 24.70 ? 62  THR A O   1 
ATOM   438  C CB  . THR A 1 57  ? 3.074   -1.118  -10.449 1.00 22.97 ? 62  THR A CB  1 
ATOM   439  O OG1 . THR A 1 57  ? 1.949   -0.910  -11.290 1.00 24.27 ? 62  THR A OG1 1 
ATOM   440  C CG2 . THR A 1 57  ? 3.865   0.159   -10.261 1.00 19.69 ? 62  THR A CG2 1 
ATOM   441  N N   . ALA A 1 58  ? 6.362   -1.739  -10.568 1.00 21.73 ? 63  ALA A N   1 
ATOM   442  C CA  . ALA A 1 58  ? 7.426   -1.470  -9.648  1.00 22.02 ? 63  ALA A CA  1 
ATOM   443  C C   . ALA A 1 58  ? 8.274   -0.396  -10.268 1.00 26.73 ? 63  ALA A C   1 
ATOM   444  O O   . ALA A 1 58  ? 7.965   0.048   -11.328 1.00 33.52 ? 63  ALA A O   1 
ATOM   445  C CB  . ALA A 1 58  ? 8.196   -2.738  -9.275  1.00 21.46 ? 63  ALA A CB  1 
ATOM   446  N N   . PHE A 1 59  ? 9.302   0.070   -9.647  1.00 26.38 ? 64  PHE A N   1 
ATOM   447  C CA  . PHE A 1 59  ? 10.064  1.124   -10.277 1.00 26.94 ? 64  PHE A CA  1 
ATOM   448  C C   . PHE A 1 59  ? 11.488  1.218   -9.726  1.00 30.77 ? 64  PHE A C   1 
ATOM   449  O O   . PHE A 1 59  ? 11.793  0.876   -8.587  1.00 31.82 ? 64  PHE A O   1 
ATOM   450  C CB  . PHE A 1 59  ? 9.442   2.494   -10.030 1.00 25.58 ? 64  PHE A CB  1 
ATOM   451  C CG  . PHE A 1 59  ? 7.988   2.672   -10.368 1.00 27.84 ? 64  PHE A CG  1 
ATOM   452  C CD1 . PHE A 1 59  ? 7.620   3.134   -11.635 1.00 27.46 ? 64  PHE A CD1 1 
ATOM   453  C CD2 . PHE A 1 59  ? 6.991   2.548   -9.394  1.00 26.67 ? 64  PHE A CD2 1 
ATOM   454  C CE1 . PHE A 1 59  ? 6.289   3.420   -11.937 1.00 24.37 ? 64  PHE A CE1 1 
ATOM   455  C CE2 . PHE A 1 59  ? 5.656   2.828   -9.691  1.00 23.69 ? 64  PHE A CE2 1 
ATOM   456  C CZ  . PHE A 1 59  ? 5.306   3.275   -10.959 1.00 21.55 ? 64  PHE A CZ  1 
ATOM   457  N N   . PRO A 1 60  ? 12.353  1.762   -10.529 1.00 31.14 ? 65  PRO A N   1 
ATOM   458  C CA  . PRO A 1 60  ? 13.754  1.947   -10.160 1.00 30.59 ? 65  PRO A CA  1 
ATOM   459  C C   . PRO A 1 60  ? 13.887  2.817   -8.928  1.00 27.84 ? 65  PRO A C   1 
ATOM   460  O O   . PRO A 1 60  ? 14.908  2.870   -8.242  1.00 28.07 ? 65  PRO A O   1 
ATOM   461  C CB  . PRO A 1 60  ? 14.380  2.716   -11.333 1.00 31.04 ? 65  PRO A CB  1 
ATOM   462  C CG  . PRO A 1 60  ? 13.270  3.024   -12.335 1.00 30.86 ? 65  PRO A CG  1 
ATOM   463  C CD  . PRO A 1 60  ? 12.014  2.317   -11.855 1.00 30.36 ? 65  PRO A CD  1 
ATOM   464  N N   . THR A 1 61  ? 12.868  3.588   -8.742  1.00 26.33 ? 66  THR A N   1 
ATOM   465  C CA  . THR A 1 61  ? 12.841  4.513   -7.656  1.00 26.98 ? 66  THR A CA  1 
ATOM   466  C C   . THR A 1 61  ? 12.380  3.857   -6.338  1.00 26.38 ? 66  THR A C   1 
ATOM   467  O O   . THR A 1 61  ? 12.553  4.401   -5.256  1.00 24.79 ? 66  THR A O   1 
ATOM   468  C CB  . THR A 1 61  ? 12.051  5.741   -8.080  1.00 25.90 ? 66  THR A CB  1 
ATOM   469  O OG1 . THR A 1 61  ? 10.828  5.290   -8.631  1.00 26.75 ? 66  THR A OG1 1 
ATOM   470  C CG2 . THR A 1 61  ? 12.898  6.543   -9.086  1.00 19.20 ? 66  THR A CG2 1 
ATOM   471  N N   . LYS A 1 62  ? 11.792  2.674   -6.459  1.00 27.73 ? 67  LYS A N   1 
ATOM   472  C CA  . LYS A 1 62  ? 11.377  1.825   -5.340  1.00 26.96 ? 67  LYS A CA  1 
ATOM   473  C C   . LYS A 1 62  ? 10.400  2.427   -4.335  1.00 24.19 ? 67  LYS A C   1 
ATOM   474  O O   . LYS A 1 62  ? 10.348  1.997   -3.186  1.00 23.48 ? 67  LYS A O   1 
ATOM   475  C CB  . LYS A 1 62  ? 12.653  1.373   -4.632  1.00 26.24 ? 67  LYS A CB  1 
ATOM   476  C CG  . LYS A 1 62  ? 13.618  0.706   -5.606  1.00 24.78 ? 67  LYS A CG  1 
ATOM   477  C CD  . LYS A 1 62  ? 15.045  0.556   -5.096  1.00 24.25 ? 67  LYS A CD  1 
ATOM   478  C CE  . LYS A 1 62  ? 15.958  1.759   -5.418  1.00 23.17 ? 67  LYS A CE  1 
ATOM   479  N NZ  . LYS A 1 62  ? 16.835  2.165   -4.271  1.00 22.44 ? 67  LYS A NZ  1 
ATOM   480  N N   . HIS A 1 63  ? 9.645   3.417   -4.756  1.00 23.25 ? 68  HIS A N   1 
ATOM   481  C CA  . HIS A 1 63  ? 8.772   4.150   -3.845  1.00 21.88 ? 68  HIS A CA  1 
ATOM   482  C C   . HIS A 1 63  ? 7.310   3.722   -3.923  1.00 19.23 ? 68  HIS A C   1 
ATOM   483  O O   . HIS A 1 63  ? 6.485   4.206   -3.134  1.00 17.40 ? 68  HIS A O   1 
ATOM   484  C CB  . HIS A 1 63  ? 8.860   5.663   -4.146  1.00 22.00 ? 68  HIS A CB  1 
ATOM   485  C CG  . HIS A 1 63  ? 8.304   5.923   -5.521  1.00 28.49 ? 68  HIS A CG  1 
ATOM   486  N ND1 . HIS A 1 63  ? 8.877   5.354   -6.663  1.00 31.44 ? 68  HIS A ND1 1 
ATOM   487  C CD2 . HIS A 1 63  ? 7.199   6.613   -5.925  1.00 30.76 ? 68  HIS A CD2 1 
ATOM   488  C CE1 . HIS A 1 63  ? 8.137   5.727   -7.720  1.00 31.87 ? 68  HIS A CE1 1 
ATOM   489  N NE2 . HIS A 1 63  ? 7.132   6.502   -7.316  1.00 31.56 ? 68  HIS A NE2 1 
ATOM   490  N N   . ALA A 1 64  ? 6.987   2.885   -4.918  1.00 17.01 ? 69  ALA A N   1 
ATOM   491  C CA  . ALA A 1 64  ? 5.616   2.477   -5.106  1.00 17.08 ? 69  ALA A CA  1 
ATOM   492  C C   . ALA A 1 64  ? 5.513   1.026   -5.611  1.00 19.10 ? 69  ALA A C   1 
ATOM   493  O O   . ALA A 1 64  ? 6.289   0.614   -6.432  1.00 21.28 ? 69  ALA A O   1 
ATOM   494  C CB  . ALA A 1 64  ? 4.962   3.480   -6.018  1.00 15.91 ? 69  ALA A CB  1 
ATOM   495  N N   . PHE A 1 65  ? 4.579   0.219   -5.090  1.00 17.50 ? 70  PHE A N   1 
ATOM   496  C CA  . PHE A 1 65  ? 4.522   -1.144  -5.503  1.00 18.88 ? 70  PHE A CA  1 
ATOM   497  C C   . PHE A 1 65  ? 3.140   -1.505  -5.927  1.00 21.04 ? 70  PHE A C   1 
ATOM   498  O O   . PHE A 1 65  ? 2.246   -1.335  -5.149  1.00 25.76 ? 70  PHE A O   1 
ATOM   499  C CB  . PHE A 1 65  ? 4.964   -2.022  -4.318  1.00 21.24 ? 70  PHE A CB  1 
ATOM   500  C CG  . PHE A 1 65  ? 6.388   -1.737  -3.933  1.00 22.88 ? 70  PHE A CG  1 
ATOM   501  C CD1 . PHE A 1 65  ? 7.427   -2.379  -4.607  1.00 26.25 ? 70  PHE A CD1 1 
ATOM   502  C CD2 . PHE A 1 65  ? 6.725   -0.727  -3.031  1.00 23.42 ? 70  PHE A CD2 1 
ATOM   503  C CE1 . PHE A 1 65  ? 8.770   -2.092  -4.332  1.00 27.50 ? 70  PHE A CE1 1 
ATOM   504  C CE2 . PHE A 1 65  ? 8.063   -0.441  -2.728  1.00 26.96 ? 70  PHE A CE2 1 
ATOM   505  C CZ  . PHE A 1 65  ? 9.092   -1.129  -3.372  1.00 28.09 ? 70  PHE A CZ  1 
ATOM   506  N N   . GLY A 1 66  ? 2.987   -2.036  -7.131  1.00 18.90 ? 71  GLY A N   1 
ATOM   507  C CA  . GLY A 1 66  ? 1.705   -2.444  -7.676  1.00 17.78 ? 71  GLY A CA  1 
ATOM   508  C C   . GLY A 1 66  ? 1.529   -3.966  -7.703  1.00 21.09 ? 71  GLY A C   1 
ATOM   509  O O   . GLY A 1 66  ? 2.334   -4.732  -8.257  1.00 22.29 ? 71  GLY A O   1 
ATOM   510  N N   . ILE A 1 67  ? 0.449   -4.421  -7.076  1.00 22.98 ? 72  ILE A N   1 
ATOM   511  C CA  . ILE A 1 67  ? 0.210   -5.842  -6.968  1.00 21.87 ? 72  ILE A CA  1 
ATOM   512  C C   . ILE A 1 67  ? -1.099  -6.158  -7.576  1.00 24.74 ? 72  ILE A C   1 
ATOM   513  O O   . ILE A 1 67  ? -2.099  -5.475  -7.361  1.00 26.95 ? 72  ILE A O   1 
ATOM   514  C CB  . ILE A 1 67  ? 0.339   -6.383  -5.514  1.00 19.17 ? 72  ILE A CB  1 
ATOM   515  C CG1 . ILE A 1 67  ? 1.795   -6.273  -4.997  1.00 15.49 ? 72  ILE A CG1 1 
ATOM   516  C CG2 . ILE A 1 67  ? -0.108  -7.850  -5.464  1.00 16.29 ? 72  ILE A CG2 1 
ATOM   517  C CD1 . ILE A 1 67  ? 1.956   -5.880  -3.539  1.00 15.13 ? 72  ILE A CD1 1 
ATOM   518  N N   . GLN A 1 68  ? -1.079  -7.157  -8.394  1.00 26.30 ? 73  GLN A N   1 
ATOM   519  C CA  . GLN A 1 68  ? -2.273  -7.572  -9.056  1.00 30.75 ? 73  GLN A CA  1 
ATOM   520  C C   . GLN A 1 68  ? -2.562  -8.991  -8.612  1.00 33.00 ? 73  GLN A C   1 
ATOM   521  O O   . GLN A 1 68  ? -1.715  -9.862  -8.723  1.00 30.49 ? 73  GLN A O   1 
ATOM   522  C CB  . GLN A 1 68  ? -2.125  -7.354  -10.606 1.00 34.04 ? 73  GLN A CB  1 
ATOM   523  C CG  . GLN A 1 68  ? -3.195  -7.952  -11.554 1.00 36.38 ? 73  GLN A CG  1 
ATOM   524  C CD  . GLN A 1 68  ? -2.601  -8.327  -12.925 1.00 39.15 ? 73  GLN A CD  1 
ATOM   525  O OE1 . GLN A 1 68  ? -2.065  -9.454  -13.124 1.00 40.84 ? 73  GLN A OE1 1 
ATOM   526  N NE2 . GLN A 1 68  ? -2.625  -7.364  -13.859 1.00 37.71 ? 73  GLN A NE2 1 
ATOM   527  N N   . THR A 1 69  ? -3.713  -9.166  -7.964  1.00 38.96 ? 74  THR A N   1 
ATOM   528  C CA  . THR A 1 69  ? -4.161  -10.469 -7.501  1.00 43.37 ? 74  THR A CA  1 
ATOM   529  C C   . THR A 1 69  ? -4.678  -11.285 -8.671  1.00 43.98 ? 74  THR A C   1 
ATOM   530  O O   . THR A 1 69  ? -4.907  -10.775 -9.777  1.00 41.78 ? 74  THR A O   1 
ATOM   531  C CB  . THR A 1 69  ? -5.294  -10.343 -6.473  1.00 46.61 ? 74  THR A CB  1 
ATOM   532  O OG1 . THR A 1 69  ? -6.456  -9.840  -7.108  1.00 47.92 ? 74  THR A OG1 1 
ATOM   533  C CG2 . THR A 1 69  ? -4.886  -9.395  -5.359  1.00 47.16 ? 74  THR A CG2 1 
ATOM   534  N N   . LYS A 1 70  ? -4.908  -12.551 -8.413  1.00 47.10 ? 75  LYS A N   1 
ATOM   535  C CA  . LYS A 1 70  ? -5.406  -13.398 -9.460  1.00 50.56 ? 75  LYS A CA  1 
ATOM   536  C C   . LYS A 1 70  ? -6.731  -12.876 -10.056 1.00 50.83 ? 75  LYS A C   1 
ATOM   537  O O   . LYS A 1 70  ? -7.033  -13.106 -11.234 1.00 51.83 ? 75  LYS A O   1 
ATOM   538  C CB  . LYS A 1 70  ? -5.447  -14.862 -9.039  1.00 54.34 ? 75  LYS A CB  1 
ATOM   539  C CG  . LYS A 1 70  ? -6.528  -15.161 -8.011  1.00 56.75 ? 75  LYS A CG  1 
ATOM   540  C CD  . LYS A 1 70  ? -6.365  -16.491 -7.265  1.00 56.30 ? 75  LYS A CD  1 
ATOM   541  C CE  . LYS A 1 70  ? -5.160  -16.547 -6.325  1.00 55.09 ? 75  LYS A CE  1 
ATOM   542  N NZ  . LYS A 1 70  ? -4.973  -15.332 -5.516  1.00 53.15 ? 75  LYS A NZ  1 
ATOM   543  N N   . SER A 1 71  ? -7.482  -12.114 -9.236  1.00 48.90 ? 76  SER A N   1 
ATOM   544  C CA  . SER A 1 71  ? -8.767  -11.520 -9.574  1.00 45.55 ? 76  SER A CA  1 
ATOM   545  C C   . SER A 1 71  ? -8.658  -10.266 -10.424 1.00 48.08 ? 76  SER A C   1 
ATOM   546  O O   . SER A 1 71  ? -9.647  -9.622  -10.808 1.00 50.88 ? 76  SER A O   1 
ATOM   547  C CB  . SER A 1 71  ? -9.477  -11.206 -8.315  1.00 44.13 ? 76  SER A CB  1 
ATOM   548  O OG  . SER A 1 71  ? -8.564  -11.416 -7.267  1.00 45.92 ? 76  SER A OG  1 
ATOM   549  N N   . GLY A 1 72  ? -7.465  -9.880  -10.743 1.00 46.13 ? 77  GLY A N   1 
ATOM   550  C CA  . GLY A 1 72  ? -7.386  -8.733  -11.582 1.00 44.27 ? 77  GLY A CA  1 
ATOM   551  C C   . GLY A 1 72  ? -7.442  -7.424  -10.852 1.00 42.28 ? 77  GLY A C   1 
ATOM   552  O O   . GLY A 1 72  ? -6.923  -6.456  -11.359 1.00 46.38 ? 77  GLY A O   1 
ATOM   553  N N   . VAL A 1 73  ? -8.072  -7.375  -9.694  1.00 36.72 ? 78  VAL A N   1 
ATOM   554  C CA  . VAL A 1 73  ? -8.047  -6.144  -8.909  1.00 34.83 ? 78  VAL A CA  1 
ATOM   555  C C   . VAL A 1 73  ? -6.588  -5.700  -8.568  1.00 30.82 ? 78  VAL A C   1 
ATOM   556  O O   . VAL A 1 73  ? -5.726  -6.452  -8.111  1.00 29.73 ? 78  VAL A O   1 
ATOM   557  C CB  . VAL A 1 73  ? -8.833  -6.304  -7.601  1.00 37.88 ? 78  VAL A CB  1 
ATOM   558  C CG1 . VAL A 1 73  ? -9.697  -7.554  -7.622  1.00 38.11 ? 78  VAL A CG1 1 
ATOM   559  C CG2 . VAL A 1 73  ? -7.916  -6.308  -6.372  1.00 37.03 ? 78  VAL A CG2 1 
ATOM   560  N N   . GLU A 1 74  ? -6.270  -4.474  -8.818  1.00 30.37 ? 79  GLU A N   1 
ATOM   561  C CA  . GLU A 1 74  ? -4.928  -4.037  -8.501  1.00 30.46 ? 79  GLU A CA  1 
ATOM   562  C C   . GLU A 1 74  ? -4.931  -3.084  -7.360  1.00 29.44 ? 79  GLU A C   1 
ATOM   563  O O   . GLU A 1 74  ? -5.665  -2.108  -7.369  1.00 31.23 ? 79  GLU A O   1 
ATOM   564  C CB  . GLU A 1 74  ? -4.184  -3.298  -9.630  1.00 28.84 ? 79  GLU A CB  1 
ATOM   565  C CG  . GLU A 1 74  ? -3.355  -4.230  -10.521 1.00 29.32 ? 79  GLU A CG  1 
ATOM   566  C CD  . GLU A 1 74  ? -3.282  -3.687  -11.921 1.00 31.18 ? 79  GLU A CD  1 
ATOM   567  O OE1 . GLU A 1 74  ? -4.376  -3.895  -12.603 1.00 34.11 ? 79  GLU A OE1 1 
ATOM   568  O OE2 . GLU A 1 74  ? -2.372  -3.033  -12.338 1.00 30.98 ? 79  GLU A OE2 1 
ATOM   569  N N   . ILE A 1 75  ? -4.034  -3.308  -6.443  1.00 24.60 ? 80  ILE A N   1 
ATOM   570  C CA  . ILE A 1 75  ? -3.903  -2.412  -5.382  1.00 22.39 ? 80  ILE A CA  1 
ATOM   571  C C   . ILE A 1 75  ? -2.517  -1.780  -5.376  1.00 21.62 ? 80  ILE A C   1 
ATOM   572  O O   . ILE A 1 75  ? -1.483  -2.441  -5.548  1.00 20.54 ? 80  ILE A O   1 
ATOM   573  C CB  . ILE A 1 75  ? -4.230  -3.175  -4.141  1.00 25.71 ? 80  ILE A CB  1 
ATOM   574  C CG1 . ILE A 1 75  ? -3.887  -2.397  -2.912  1.00 27.97 ? 80  ILE A CG1 1 
ATOM   575  C CG2 . ILE A 1 75  ? -3.490  -4.487  -4.109  1.00 26.81 ? 80  ILE A CG2 1 
ATOM   576  C CD1 . ILE A 1 75  ? -3.170  -3.297  -1.918  1.00 29.09 ? 80  ILE A CD1 1 
ATOM   577  N N   . LEU A 1 76  ? -2.479  -0.479  -5.209  1.00 22.47 ? 81  LEU A N   1 
ATOM   578  C CA  . LEU A 1 76  ? -1.223  0.235   -5.143  1.00 22.09 ? 81  LEU A CA  1 
ATOM   579  C C   . LEU A 1 76  ? -0.802  0.685   -3.713  1.00 23.26 ? 81  LEU A C   1 
ATOM   580  O O   . LEU A 1 76  ? -1.563  1.312   -2.964  1.00 27.47 ? 81  LEU A O   1 
ATOM   581  C CB  . LEU A 1 76  ? -1.228  1.387   -6.173  1.00 21.49 ? 81  LEU A CB  1 
ATOM   582  C CG  . LEU A 1 76  ? 0.003   2.273   -6.199  1.00 21.10 ? 81  LEU A CG  1 
ATOM   583  C CD1 . LEU A 1 76  ? 0.952   1.806   -7.286  1.00 21.54 ? 81  LEU A CD1 1 
ATOM   584  C CD2 . LEU A 1 76  ? -0.448  3.683   -6.550  1.00 20.59 ? 81  LEU A CD2 1 
ATOM   585  N N   . LEU A 1 77  ? 0.428   0.334   -3.344  1.00 20.43 ? 82  LEU A N   1 
ATOM   586  C CA  . LEU A 1 77  ? 1.115   0.752   -2.131  1.00 18.41 ? 82  LEU A CA  1 
ATOM   587  C C   . LEU A 1 77  ? 2.097   1.840   -2.587  1.00 19.18 ? 82  LEU A C   1 
ATOM   588  O O   . LEU A 1 77  ? 2.907   1.622   -3.484  1.00 22.29 ? 82  LEU A O   1 
ATOM   589  C CB  . LEU A 1 77  ? 1.940   -0.416  -1.522  1.00 18.77 ? 82  LEU A CB  1 
ATOM   590  C CG  . LEU A 1 77  ? 2.426   -0.295  -0.071  1.00 15.32 ? 82  LEU A CG  1 
ATOM   591  C CD1 . LEU A 1 77  ? 3.860   -0.774  0.054   1.00 14.91 ? 82  LEU A CD1 1 
ATOM   592  C CD2 . LEU A 1 77  ? 2.164   1.038   0.648   1.00 11.15 ? 82  LEU A CD2 1 
ATOM   593  N N   . HIS A 1 78  ? 2.007   3.012   -1.991  1.00 16.85 ? 83  HIS A N   1 
ATOM   594  C CA  . HIS A 1 78  ? 2.801   4.111   -2.363  1.00 18.14 ? 83  HIS A CA  1 
ATOM   595  C C   . HIS A 1 78  ? 3.372   4.752   -1.155  1.00 21.11 ? 83  HIS A C   1 
ATOM   596  O O   . HIS A 1 78  ? 2.624   5.352   -0.409  1.00 23.78 ? 83  HIS A O   1 
ATOM   597  C CB  . HIS A 1 78  ? 1.879   5.057   -3.068  1.00 21.41 ? 83  HIS A CB  1 
ATOM   598  C CG  . HIS A 1 78  ? 2.569   6.263   -3.589  1.00 24.48 ? 83  HIS A CG  1 
ATOM   599  N ND1 . HIS A 1 78  ? 3.108   7.203   -2.716  1.00 24.72 ? 83  HIS A ND1 1 
ATOM   600  C CD2 . HIS A 1 78  ? 2.726   6.710   -4.873  1.00 22.43 ? 83  HIS A CD2 1 
ATOM   601  C CE1 . HIS A 1 78  ? 3.570   8.183   -3.471  1.00 23.50 ? 83  HIS A CE1 1 
ATOM   602  N NE2 . HIS A 1 78  ? 3.381   7.914   -4.765  1.00 22.05 ? 83  HIS A NE2 1 
ATOM   603  N N   . ILE A 1 79  ? 4.683   4.539   -0.904  1.00 21.34 ? 84  ILE A N   1 
ATOM   604  C CA  . ILE A 1 79  ? 5.282   5.064   0.276   1.00 21.82 ? 84  ILE A CA  1 
ATOM   605  C C   . ILE A 1 79  ? 5.397   6.552   0.240   1.00 24.32 ? 84  ILE A C   1 
ATOM   606  O O   . ILE A 1 79  ? 5.994   7.095   -0.678  1.00 26.54 ? 84  ILE A O   1 
ATOM   607  C CB  . ILE A 1 79  ? 6.602   4.432   0.642   1.00 22.46 ? 84  ILE A CB  1 
ATOM   608  C CG1 . ILE A 1 79  ? 6.395   2.945   0.861   1.00 25.76 ? 84  ILE A CG1 1 
ATOM   609  C CG2 . ILE A 1 79  ? 7.138   5.096   1.940   1.00 16.91 ? 84  ILE A CG2 1 
ATOM   610  C CD1 . ILE A 1 79  ? 6.400   2.158   -0.422  1.00 29.11 ? 84  ILE A CD1 1 
ATOM   611  N N   . GLY A 1 80  ? 4.849   7.215   1.288   1.00 25.50 ? 85  GLY A N   1 
ATOM   612  C CA  . GLY A 1 80  ? 4.881   8.672   1.437   1.00 23.58 ? 85  GLY A CA  1 
ATOM   613  C C   . GLY A 1 80  ? 4.289   9.425   0.240   1.00 23.42 ? 85  GLY A C   1 
ATOM   614  O O   . GLY A 1 80  ? 3.451   8.942   -0.495  1.00 26.67 ? 85  GLY A O   1 
ATOM   615  N N   . LEU A 1 81  ? 4.755   10.627  0.074   1.00 21.99 ? 86  LEU A N   1 
ATOM   616  C CA  . LEU A 1 81  ? 4.348   11.527  -0.958  1.00 23.88 ? 86  LEU A CA  1 
ATOM   617  C C   . LEU A 1 81  ? 5.642   12.080  -1.643  1.00 29.45 ? 86  LEU A C   1 
ATOM   618  O O   . LEU A 1 81  ? 6.685   12.242  -0.999  1.00 29.65 ? 86  LEU A O   1 
ATOM   619  C CB  . LEU A 1 81  ? 3.501   12.659  -0.314  1.00 21.60 ? 86  LEU A CB  1 
ATOM   620  C CG  . LEU A 1 81  ? 1.982   12.433  -0.282  1.00 20.22 ? 86  LEU A CG  1 
ATOM   621  C CD1 . LEU A 1 81  ? 1.595   10.981  -0.076  1.00 19.89 ? 86  LEU A CD1 1 
ATOM   622  C CD2 . LEU A 1 81  ? 1.349   13.254  0.818   1.00 18.40 ? 86  LEU A CD2 1 
ATOM   623  N N   . ASP A 1 82  ? 5.584   12.311  -2.975  1.00 32.18 ? 87  ASP A N   1 
ATOM   624  C CA  . ASP A 1 82  ? 6.686   12.836  -3.826  1.00 33.48 ? 87  ASP A CA  1 
ATOM   625  C C   . ASP A 1 82  ? 7.933   12.007  -3.928  1.00 33.68 ? 87  ASP A C   1 
ATOM   626  O O   . ASP A 1 82  ? 8.840   12.368  -4.655  1.00 34.80 ? 87  ASP A O   1 
ATOM   627  C CB  . ASP A 1 82  ? 7.012   14.348  -3.748  1.00 34.53 ? 87  ASP A CB  1 
ATOM   628  C CG  . ASP A 1 82  ? 6.201   15.184  -4.685  1.00 37.92 ? 87  ASP A CG  1 
ATOM   629  O OD1 . ASP A 1 82  ? 5.318   14.720  -5.414  1.00 38.84 ? 87  ASP A OD1 1 
ATOM   630  O OD2 . ASP A 1 82  ? 6.480   16.473  -4.580  1.00 38.83 ? 87  ASP A OD2 1 
ATOM   631  N N   . THR A 1 83  ? 7.975   10.926  -3.195  1.00 34.28 ? 88  THR A N   1 
ATOM   632  C CA  . THR A 1 83  ? 9.093   9.989   -3.181  1.00 34.47 ? 88  THR A CA  1 
ATOM   633  C C   . THR A 1 83  ? 9.757   9.650   -4.549  1.00 35.33 ? 88  THR A C   1 
ATOM   634  O O   . THR A 1 83  ? 10.926  9.238   -4.563  1.00 36.11 ? 88  THR A O   1 
ATOM   635  C CB  . THR A 1 83  ? 8.611   8.729   -2.474  1.00 34.50 ? 88  THR A CB  1 
ATOM   636  O OG1 . THR A 1 83  ? 7.285   8.441   -2.916  1.00 35.30 ? 88  THR A OG1 1 
ATOM   637  C CG2 . THR A 1 83  ? 8.582   9.017   -0.987  1.00 33.13 ? 88  THR A CG2 1 
ATOM   638  N N   . VAL A 1 84  ? 9.023   9.799   -5.706  1.00 33.81 ? 89  VAL A N   1 
ATOM   639  C CA  . VAL A 1 84  ? 9.617   9.563   -7.029  1.00 28.72 ? 89  VAL A CA  1 
ATOM   640  C C   . VAL A 1 84  ? 10.821  10.506  -7.231  1.00 26.80 ? 89  VAL A C   1 
ATOM   641  O O   . VAL A 1 84  ? 11.814  10.191  -7.856  1.00 27.97 ? 89  VAL A O   1 
ATOM   642  C CB  . VAL A 1 84  ? 8.613   9.723   -8.166  1.00 27.51 ? 89  VAL A CB  1 
ATOM   643  C CG1 . VAL A 1 84  ? 8.367   11.197  -8.420  1.00 27.19 ? 89  VAL A CG1 1 
ATOM   644  C CG2 . VAL A 1 84  ? 9.164   9.091   -9.447  1.00 27.70 ? 89  VAL A CG2 1 
ATOM   645  N N   . SER A 1 85  ? 10.700  11.672  -6.651  1.00 26.57 ? 90  SER A N   1 
ATOM   646  C CA  . SER A 1 85  ? 11.690  12.707  -6.657  1.00 27.64 ? 90  SER A CA  1 
ATOM   647  C C   . SER A 1 85  ? 13.032  12.274  -6.103  1.00 29.94 ? 90  SER A C   1 
ATOM   648  O O   . SER A 1 85  ? 14.042  12.888  -6.409  1.00 31.90 ? 90  SER A O   1 
ATOM   649  C CB  . SER A 1 85  ? 11.239  13.717  -5.674  1.00 26.87 ? 90  SER A CB  1 
ATOM   650  O OG  . SER A 1 85  ? 11.292  13.107  -4.386  1.00 26.56 ? 90  SER A OG  1 
ATOM   651  N N   . LEU A 1 86  ? 13.023  11.312  -5.193  1.00 29.86 ? 91  LEU A N   1 
ATOM   652  C CA  . LEU A 1 86  ? 14.232  10.871  -4.493  1.00 28.13 ? 91  LEU A CA  1 
ATOM   653  C C   . LEU A 1 86  ? 15.135  10.002  -5.328  1.00 29.48 ? 91  LEU A C   1 
ATOM   654  O O   . LEU A 1 86  ? 16.250  9.652   -4.927  1.00 27.01 ? 91  LEU A O   1 
ATOM   655  C CB  . LEU A 1 86  ? 13.921  10.205  -3.120  1.00 23.69 ? 91  LEU A CB  1 
ATOM   656  C CG  . LEU A 1 86  ? 13.077  11.070  -2.271  1.00 19.83 ? 91  LEU A CG  1 
ATOM   657  C CD1 . LEU A 1 86  ? 13.482  10.844  -0.847  1.00 23.69 ? 91  LEU A CD1 1 
ATOM   658  C CD2 . LEU A 1 86  ? 13.384  12.491  -2.631  1.00 17.80 ? 91  LEU A CD2 1 
ATOM   659  N N   . ASP A 1 87  ? 14.615  9.635   -6.489  1.00 33.85 ? 92  ASP A N   1 
ATOM   660  C CA  . ASP A 1 87  ? 15.306  8.749   -7.415  1.00 37.24 ? 92  ASP A CA  1 
ATOM   661  C C   . ASP A 1 87  ? 15.766  7.411   -6.718  1.00 37.57 ? 92  ASP A C   1 
ATOM   662  O O   . ASP A 1 87  ? 16.806  6.812   -6.972  1.00 37.71 ? 92  ASP A O   1 
ATOM   663  C CB  . ASP A 1 87  ? 16.558  9.433   -7.979  1.00 39.49 ? 92  ASP A CB  1 
ATOM   664  C CG  . ASP A 1 87  ? 16.171  10.041  -9.326  1.00 38.13 ? 92  ASP A CG  1 
ATOM   665  O OD1 . ASP A 1 87  ? 15.632  9.288   -10.233 1.00 45.08 ? 92  ASP A OD1 1 
ATOM   666  O OD2 . ASP A 1 87  ? 16.321  11.297  -9.541  1.00 38.13 ? 92  ASP A OD2 1 
ATOM   667  N N   . GLY A 1 88  ? 14.950  6.934   -5.790  1.00 35.50 ? 93  GLY A N   1 
ATOM   668  C CA  . GLY A 1 88  ? 15.255  5.687   -5.106  1.00 33.15 ? 93  GLY A CA  1 
ATOM   669  C C   . GLY A 1 88  ? 16.218  5.773   -3.913  1.00 29.39 ? 93  GLY A C   1 
ATOM   670  O O   . GLY A 1 88  ? 16.835  4.769   -3.546  1.00 26.84 ? 93  GLY A O   1 
ATOM   671  N N   . ASN A 1 89  ? 16.314  6.923   -3.289  1.00 29.17 ? 94  ASN A N   1 
ATOM   672  C CA  . ASN A 1 89  ? 17.254  7.063   -2.195  1.00 33.67 ? 94  ASN A CA  1 
ATOM   673  C C   . ASN A 1 89  ? 16.641  6.939   -0.809  1.00 36.67 ? 94  ASN A C   1 
ATOM   674  O O   . ASN A 1 89  ? 15.840  7.762   -0.374  1.00 39.09 ? 94  ASN A O   1 
ATOM   675  C CB  . ASN A 1 89  ? 18.130  8.305   -2.358  1.00 36.43 ? 94  ASN A CB  1 
ATOM   676  C CG  . ASN A 1 89  ? 19.078  8.541   -1.216  1.00 41.45 ? 94  ASN A CG  1 
ATOM   677  O OD1 . ASN A 1 89  ? 19.530  7.594   -0.510  1.00 43.64 ? 94  ASN A OD1 1 
ATOM   678  N ND2 . ASN A 1 89  ? 19.284  9.832   -0.936  1.00 41.70 ? 94  ASN A ND2 1 
ATOM   679  N N   . GLY A 1 90  ? 17.069  5.904   -0.105  1.00 38.18 ? 95  GLY A N   1 
ATOM   680  C CA  . GLY A 1 90  ? 16.577  5.604   1.221   1.00 38.59 ? 95  GLY A CA  1 
ATOM   681  C C   . GLY A 1 90  ? 15.773  4.325   1.191   1.00 38.54 ? 95  GLY A C   1 
ATOM   682  O O   . GLY A 1 90  ? 15.511  3.706   2.226   1.00 41.10 ? 95  GLY A O   1 
ATOM   683  N N   . PHE A 1 91  ? 15.401  3.960   -0.032  1.00 35.31 ? 96  PHE A N   1 
ATOM   684  C CA  . PHE A 1 91  ? 14.655  2.759   -0.328  1.00 31.53 ? 96  PHE A CA  1 
ATOM   685  C C   . PHE A 1 91  ? 15.627  1.625   -0.623  1.00 32.16 ? 96  PHE A C   1 
ATOM   686  O O   . PHE A 1 91  ? 16.588  1.821   -1.334  1.00 34.92 ? 96  PHE A O   1 
ATOM   687  C CB  . PHE A 1 91  ? 13.747  2.992   -1.576  1.00 24.67 ? 96  PHE A CB  1 
ATOM   688  C CG  . PHE A 1 91  ? 12.790  4.130   -1.384  1.00 17.83 ? 96  PHE A CG  1 
ATOM   689  C CD1 . PHE A 1 91  ? 13.248  5.450   -1.395  1.00 15.51 ? 96  PHE A CD1 1 
ATOM   690  C CD2 . PHE A 1 91  ? 11.419  3.889   -1.227  1.00 16.27 ? 96  PHE A CD2 1 
ATOM   691  C CE1 . PHE A 1 91  ? 12.358  6.512   -1.227  1.00 14.25 ? 96  PHE A CE1 1 
ATOM   692  C CE2 . PHE A 1 91  ? 10.511  4.933   -1.021  1.00 15.24 ? 96  PHE A CE2 1 
ATOM   693  C CZ  . PHE A 1 91  ? 11.000  6.243   -1.012  1.00 14.92 ? 96  PHE A CZ  1 
ATOM   694  N N   . GLU A 1 92  ? 15.387  0.461   -0.063  1.00 32.87 ? 97  GLU A N   1 
ATOM   695  C CA  . GLU A 1 92  ? 16.171  -0.741  -0.301  1.00 32.08 ? 97  GLU A CA  1 
ATOM   696  C C   . GLU A 1 92  ? 15.161  -1.760  -0.650  1.00 29.62 ? 97  GLU A C   1 
ATOM   697  O O   . GLU A 1 92  ? 14.462  -2.217  0.227   1.00 29.53 ? 97  GLU A O   1 
ATOM   698  C CB  . GLU A 1 92  ? 16.894  -1.214  0.972   1.00 37.74 ? 97  GLU A CB  1 
ATOM   699  C CG  . GLU A 1 92  ? 18.430  -1.052  0.923   1.00 45.87 ? 97  GLU A CG  1 
ATOM   700  C CD  . GLU A 1 92  ? 19.064  -1.609  -0.342  1.00 51.59 ? 97  GLU A CD  1 
ATOM   701  O OE1 . GLU A 1 92  ? 18.751  -2.699  -0.825  1.00 52.36 ? 97  GLU A OE1 1 
ATOM   702  O OE2 . GLU A 1 92  ? 19.973  -0.790  -0.883  1.00 54.85 ? 97  GLU A OE2 1 
ATOM   703  N N   . SER A 1 93  ? 14.944  -1.994  -1.920  1.00 29.79 ? 98  SER A N   1 
ATOM   704  C CA  . SER A 1 93  ? 13.876  -2.913  -2.274  1.00 31.38 ? 98  SER A CA  1 
ATOM   705  C C   . SER A 1 93  ? 14.339  -4.347  -2.211  1.00 28.72 ? 98  SER A C   1 
ATOM   706  O O   . SER A 1 93  ? 15.575  -4.615  -2.179  1.00 27.33 ? 98  SER A O   1 
ATOM   707  C CB  . SER A 1 93  ? 13.243  -2.614  -3.631  1.00 32.84 ? 98  SER A CB  1 
ATOM   708  O OG  . SER A 1 93  ? 13.698  -3.530  -4.607  1.00 34.36 ? 98  SER A OG  1 
ATOM   709  N N   . PHE A 1 94  ? 13.346  -5.263  -2.214  1.00 23.70 ? 99  PHE A N   1 
ATOM   710  C CA  . PHE A 1 94  ? 13.677  -6.666  -2.182  1.00 23.01 ? 99  PHE A CA  1 
ATOM   711  C C   . PHE A 1 94  ? 12.958  -7.441  -3.251  1.00 22.69 ? 99  PHE A C   1 
ATOM   712  O O   . PHE A 1 94  ? 13.012  -8.702  -3.271  1.00 22.68 ? 99  PHE A O   1 
ATOM   713  C CB  . PHE A 1 94  ? 13.426  -7.289  -0.813  1.00 23.90 ? 99  PHE A CB  1 
ATOM   714  C CG  . PHE A 1 94  ? 14.202  -6.607  0.255   1.00 21.52 ? 99  PHE A CG  1 
ATOM   715  C CD1 . PHE A 1 94  ? 15.520  -6.971  0.510   1.00 20.08 ? 99  PHE A CD1 1 
ATOM   716  C CD2 . PHE A 1 94  ? 13.634  -5.560  0.974   1.00 20.41 ? 99  PHE A CD2 1 
ATOM   717  C CE1 . PHE A 1 94  ? 16.233  -6.319  1.510   1.00 20.81 ? 99  PHE A CE1 1 
ATOM   718  C CE2 . PHE A 1 94  ? 14.344  -4.893  1.972   1.00 21.02 ? 99  PHE A CE2 1 
ATOM   719  C CZ  . PHE A 1 94  ? 15.659  -5.267  2.225   1.00 20.94 ? 99  PHE A CZ  1 
ATOM   720  N N   . VAL A 1 95  ? 12.316  -6.667  -4.133  1.00 21.08 ? 100 VAL A N   1 
ATOM   721  C CA  . VAL A 1 95  ? 11.473  -7.205  -5.164  1.00 22.35 ? 100 VAL A CA  1 
ATOM   722  C C   . VAL A 1 95  ? 11.762  -6.582  -6.524  1.00 24.76 ? 100 VAL A C   1 
ATOM   723  O O   . VAL A 1 95  ? 12.383  -5.515  -6.634  1.00 25.95 ? 100 VAL A O   1 
ATOM   724  C CB  . VAL A 1 95  ? 10.020  -6.903  -4.746  1.00 21.18 ? 100 VAL A CB  1 
ATOM   725  C CG1 . VAL A 1 95  ? 9.580   -7.837  -3.612  1.00 19.96 ? 100 VAL A CG1 1 
ATOM   726  C CG2 . VAL A 1 95  ? 9.970   -5.456  -4.248  1.00 17.36 ? 100 VAL A CG2 1 
ATOM   727  N N   . THR A 1 96  ? 11.268  -7.233  -7.558  1.00 24.07 ? 101 THR A N   1 
ATOM   728  C CA  . THR A 1 96  ? 11.419  -6.729  -8.915  1.00 24.25 ? 101 THR A CA  1 
ATOM   729  C C   . THR A 1 96  ? 10.100  -6.839  -9.601  1.00 23.44 ? 101 THR A C   1 
ATOM   730  O O   . THR A 1 96  ? 9.284   -7.683  -9.254  1.00 27.54 ? 101 THR A O   1 
ATOM   731  C CB  . THR A 1 96  ? 12.437  -7.531  -9.752  1.00 25.94 ? 101 THR A CB  1 
ATOM   732  O OG1 . THR A 1 96  ? 13.535  -7.927  -8.965  1.00 32.26 ? 101 THR A OG1 1 
ATOM   733  C CG2 . THR A 1 96  ? 12.923  -6.701  -10.904 1.00 22.98 ? 101 THR A CG2 1 
ATOM   734  N N   . GLN A 1 97  ? 9.900   -6.014  -10.562 1.00 22.56 ? 102 GLN A N   1 
ATOM   735  C CA  . GLN A 1 97  ? 8.690   -6.058  -11.290 1.00 27.39 ? 102 GLN A CA  1 
ATOM   736  C C   . GLN A 1 97  ? 8.419   -7.435  -11.879 1.00 29.54 ? 102 GLN A C   1 
ATOM   737  O O   . GLN A 1 97  ? 9.336   -8.214  -12.127 1.00 29.05 ? 102 GLN A O   1 
ATOM   738  C CB  . GLN A 1 97  ? 8.688   -5.012  -12.369 1.00 29.27 ? 102 GLN A CB  1 
ATOM   739  C CG  . GLN A 1 97  ? 7.293   -4.810  -12.914 1.00 34.01 ? 102 GLN A CG  1 
ATOM   740  C CD  . GLN A 1 97  ? 7.356   -3.853  -14.049 1.00 40.67 ? 102 GLN A CD  1 
ATOM   741  O OE1 . GLN A 1 97  ? 8.412   -3.731  -14.697 1.00 44.39 ? 102 GLN A OE1 1 
ATOM   742  N NE2 . GLN A 1 97  ? 6.276   -3.107  -14.236 1.00 42.40 ? 102 GLN A NE2 1 
ATOM   743  N N   . ASP A 1 98  ? 7.138   -7.726  -12.023 1.00 30.09 ? 103 ASP A N   1 
ATOM   744  C CA  . ASP A 1 98  ? 6.687   -8.963  -12.545 1.00 28.55 ? 103 ASP A CA  1 
ATOM   745  C C   . ASP A 1 98  ? 6.808   -10.081 -11.560 1.00 26.41 ? 103 ASP A C   1 
ATOM   746  O O   . ASP A 1 98  ? 6.401   -11.195 -11.874 1.00 28.06 ? 103 ASP A O   1 
ATOM   747  C CB  . ASP A 1 98  ? 7.454   -9.399  -13.797 1.00 34.02 ? 103 ASP A CB  1 
ATOM   748  C CG  . ASP A 1 98  ? 7.520   -8.437  -14.952 1.00 38.21 ? 103 ASP A CG  1 
ATOM   749  O OD1 . ASP A 1 98  ? 6.330   -8.034  -15.314 1.00 38.29 ? 103 ASP A OD1 1 
ATOM   750  O OD2 . ASP A 1 98  ? 8.483   -8.298  -15.686 1.00 39.83 ? 103 ASP A OD2 1 
ATOM   751  N N   . GLN A 1 99  ? 7.429   -9.827  -10.403 1.00 24.71 ? 104 GLN A N   1 
ATOM   752  C CA  . GLN A 1 99  ? 7.615   -10.850 -9.335  1.00 23.68 ? 104 GLN A CA  1 
ATOM   753  C C   . GLN A 1 99  ? 6.276   -11.207 -8.652  1.00 24.62 ? 104 GLN A C   1 
ATOM   754  O O   . GLN A 1 99  ? 5.437   -10.352 -8.385  1.00 26.15 ? 104 GLN A O   1 
ATOM   755  C CB  . GLN A 1 99  ? 8.564   -10.270 -8.239  1.00 25.07 ? 104 GLN A CB  1 
ATOM   756  C CG  . GLN A 1 99  ? 8.743   -11.145 -6.969  1.00 28.19 ? 104 GLN A CG  1 
ATOM   757  C CD  . GLN A 1 99  ? 9.798   -10.596 -5.974  1.00 33.23 ? 104 GLN A CD  1 
ATOM   758  O OE1 . GLN A 1 99  ? 9.661   -10.702 -4.702  1.00 34.44 ? 104 GLN A OE1 1 
ATOM   759  N NE2 . GLN A 1 99  ? 10.906  -10.068 -6.525  1.00 33.56 ? 104 GLN A NE2 1 
ATOM   760  N N   . GLU A 1 100 ? 6.077   -12.447 -8.316  1.00 23.80 ? 105 GLU A N   1 
ATOM   761  C CA  . GLU A 1 100 ? 4.906   -12.756 -7.614  1.00 24.74 ? 105 GLU A CA  1 
ATOM   762  C C   . GLU A 1 100 ? 5.260   -12.672 -6.099  1.00 23.84 ? 105 GLU A C   1 
ATOM   763  O O   . GLU A 1 100 ? 6.402   -12.965 -5.680  1.00 25.36 ? 105 GLU A O   1 
ATOM   764  C CB  . GLU A 1 100 ? 4.418   -14.167 -7.903  1.00 23.47 ? 105 GLU A CB  1 
ATOM   765  C CG  . GLU A 1 100 ? 3.076   -14.219 -8.637  1.00 32.83 ? 105 GLU A CG  1 
ATOM   766  C CD  . GLU A 1 100 ? 2.323   -15.531 -8.408  1.00 36.76 ? 105 GLU A CD  1 
ATOM   767  O OE1 . GLU A 1 100 ? 1.660   -15.711 -7.317  1.00 42.45 ? 105 GLU A OE1 1 
ATOM   768  O OE2 . GLU A 1 100 ? 2.352   -16.455 -9.307  1.00 41.06 ? 105 GLU A OE2 1 
ATOM   769  N N   . VAL A 1 101 ? 4.355   -12.092 -5.293  1.00 30.32 ? 106 VAL A N   1 
ATOM   770  C CA  . VAL A 1 101 ? 4.616   -11.941 -3.883  1.00 30.29 ? 106 VAL A CA  1 
ATOM   771  C C   . VAL A 1 101 ? 3.500   -12.535 -3.075  1.00 29.38 ? 106 VAL A C   1 
ATOM   772  O O   . VAL A 1 101 ? 2.395   -12.685 -3.564  1.00 28.65 ? 106 VAL A O   1 
ATOM   773  C CB  . VAL A 1 101 ? 4.803   -10.502 -3.461  1.00 31.10 ? 106 VAL A CB  1 
ATOM   774  C CG1 . VAL A 1 101 ? 6.206   -10.006 -3.791  1.00 31.76 ? 106 VAL A CG1 1 
ATOM   775  C CG2 . VAL A 1 101 ? 3.736   -9.618  -4.117  1.00 29.22 ? 106 VAL A CG2 1 
ATOM   776  N N   . ASN A 1 102 ? 3.811   -12.813 -1.804  1.00 31.10 ? 107 ASN A N   1 
ATOM   777  C CA  . ASN A 1 102 ? 2.824   -13.316 -0.836  1.00 32.81 ? 107 ASN A CA  1 
ATOM   778  C C   . ASN A 1 102 ? 2.547   -12.238 0.191   1.00 28.28 ? 107 ASN A C   1 
ATOM   779  O O   . ASN A 1 102 ? 3.483   -11.523 0.623   1.00 27.74 ? 107 ASN A O   1 
ATOM   780  C CB  . ASN A 1 102 ? 3.201   -14.640 -0.130  1.00 37.62 ? 107 ASN A CB  1 
ATOM   781  C CG  . ASN A 1 102 ? 3.058   -15.878 -1.008  1.00 43.65 ? 107 ASN A CG  1 
ATOM   782  O OD1 . ASN A 1 102 ? 3.867   -16.818 -0.931  1.00 47.68 ? 107 ASN A OD1 1 
ATOM   783  N ND2 . ASN A 1 102 ? 2.014   -15.903 -1.837  1.00 45.80 ? 107 ASN A ND2 1 
ATOM   784  N N   . ALA A 1 103 ? 1.270   -12.078 0.531   1.00 22.90 ? 108 ALA A N   1 
ATOM   785  C CA  . ALA A 1 103 ? 0.906   -11.050 1.467   1.00 20.57 ? 108 ALA A CA  1 
ATOM   786  C C   . ALA A 1 103 ? 1.688   -11.205 2.728   1.00 22.40 ? 108 ALA A C   1 
ATOM   787  O O   . ALA A 1 103 ? 1.832   -12.296 3.247   1.00 25.23 ? 108 ALA A O   1 
ATOM   788  C CB  . ALA A 1 103 ? -0.574  -11.066 1.719   1.00 21.69 ? 108 ALA A CB  1 
ATOM   789  N N   . GLY A 1 104 ? 2.229   -10.112 3.195   1.00 23.47 ? 109 GLY A N   1 
ATOM   790  C CA  . GLY A 1 104 ? 3.122   -10.142 4.335   1.00 22.85 ? 109 GLY A CA  1 
ATOM   791  C C   . GLY A 1 104 ? 4.616   -10.265 3.914   1.00 21.48 ? 109 GLY A C   1 
ATOM   792  O O   . GLY A 1 104 ? 5.508   -10.209 4.741   1.00 20.33 ? 109 GLY A O   1 
ATOM   793  N N   . ASP A 1 105 ? 4.907   -10.467 2.613   1.00 21.73 ? 110 ASP A N   1 
ATOM   794  C CA  . ASP A 1 105 ? 6.324   -10.503 2.181   1.00 20.92 ? 110 ASP A CA  1 
ATOM   795  C C   . ASP A 1 105 ? 6.870   -9.098  2.251   1.00 22.19 ? 110 ASP A C   1 
ATOM   796  O O   . ASP A 1 105 ? 6.118   -8.141  2.175   1.00 23.97 ? 110 ASP A O   1 
ATOM   797  C CB  . ASP A 1 105 ? 6.565   -10.980 0.759   1.00 21.07 ? 110 ASP A CB  1 
ATOM   798  C CG  . ASP A 1 105 ? 6.355   -12.425 0.590   1.00 23.49 ? 110 ASP A CG  1 
ATOM   799  O OD1 . ASP A 1 105 ? 6.411   -13.073 1.715   1.00 25.24 ? 110 ASP A OD1 1 
ATOM   800  O OD2 . ASP A 1 105 ? 6.086   -12.913 -0.472  1.00 25.38 ? 110 ASP A OD2 1 
ATOM   801  N N   . LYS A 1 106 ? 8.172   -8.968  2.443   1.00 20.50 ? 111 LYS A N   1 
ATOM   802  C CA  . LYS A 1 106 ? 8.730   -7.673  2.554   1.00 19.19 ? 111 LYS A CA  1 
ATOM   803  C C   . LYS A 1 106 ? 8.896   -7.076  1.189   1.00 26.23 ? 111 LYS A C   1 
ATOM   804  O O   . LYS A 1 106 ? 9.380   -7.760  0.285   1.00 31.54 ? 111 LYS A O   1 
ATOM   805  C CB  . LYS A 1 106 ? 10.039  -7.732  3.288   1.00 18.97 ? 111 LYS A CB  1 
ATOM   806  C CG  . LYS A 1 106 ? 10.446  -6.371  3.796   1.00 22.33 ? 111 LYS A CG  1 
ATOM   807  C CD  . LYS A 1 106 ? 11.611  -6.420  4.763   1.00 29.02 ? 111 LYS A CD  1 
ATOM   808  C CE  . LYS A 1 106 ? 12.605  -7.509  4.442   1.00 35.59 ? 111 LYS A CE  1 
ATOM   809  N NZ  . LYS A 1 106 ? 13.532  -7.774  5.566   1.00 38.97 ? 111 LYS A NZ  1 
ATOM   810  N N   . LEU A 1 107 ? 8.547   -5.805  0.986   1.00 24.66 ? 112 LEU A N   1 
ATOM   811  C CA  . LEU A 1 107 ? 8.789   -5.263  -0.334  1.00 21.17 ? 112 LEU A CA  1 
ATOM   812  C C   . LEU A 1 107 ? 10.075  -4.481  -0.327  1.00 24.01 ? 112 LEU A C   1 
ATOM   813  O O   . LEU A 1 107 ? 10.999  -4.713  -1.125  1.00 25.71 ? 112 LEU A O   1 
ATOM   814  C CB  . LEU A 1 107 ? 7.625   -4.428  -0.835  1.00 17.58 ? 112 LEU A CB  1 
ATOM   815  C CG  . LEU A 1 107 ? 6.364   -5.250  -0.814  1.00 16.03 ? 112 LEU A CG  1 
ATOM   816  C CD1 . LEU A 1 107 ? 5.162   -4.381  -1.113  1.00 12.81 ? 112 LEU A CD1 1 
ATOM   817  C CD2 . LEU A 1 107 ? 6.482   -6.422  -1.795  1.00 15.63 ? 112 LEU A CD2 1 
ATOM   818  N N   . VAL A 1 108 ? 10.145  -3.578  0.635   1.00 23.66 ? 113 VAL A N   1 
ATOM   819  C CA  . VAL A 1 108 ? 11.289  -2.733  0.727   1.00 25.80 ? 113 VAL A CA  1 
ATOM   820  C C   . VAL A 1 108 ? 11.522  -2.210  2.163   1.00 25.04 ? 113 VAL A C   1 
ATOM   821  O O   . VAL A 1 108 ? 10.676  -2.331  3.068   1.00 22.99 ? 113 VAL A O   1 
ATOM   822  C CB  . VAL A 1 108 ? 11.068  -1.578  -0.239  1.00 24.80 ? 113 VAL A CB  1 
ATOM   823  C CG1 . VAL A 1 108 ? 9.838   -0.872  0.245   1.00 25.28 ? 113 VAL A CG1 1 
ATOM   824  C CG2 . VAL A 1 108 ? 12.250  -0.609  -0.343  1.00 23.24 ? 113 VAL A CG2 1 
ATOM   825  N N   . THR A 1 109 ? 12.696  -1.621  2.348   1.00 22.27 ? 114 THR A N   1 
ATOM   826  C CA  . THR A 1 109 ? 13.019  -1.016  3.595   1.00 24.49 ? 114 THR A CA  1 
ATOM   827  C C   . THR A 1 109 ? 13.324  0.456   3.351   1.00 26.50 ? 114 THR A C   1 
ATOM   828  O O   . THR A 1 109 ? 14.157  0.809   2.503   1.00 27.67 ? 114 THR A O   1 
ATOM   829  C CB  . THR A 1 109 ? 14.125  -1.764  4.361   1.00 26.30 ? 114 THR A CB  1 
ATOM   830  O OG1 . THR A 1 109 ? 13.889  -3.159  4.255   1.00 25.38 ? 114 THR A OG1 1 
ATOM   831  C CG2 . THR A 1 109 ? 14.184  -1.305  5.844   1.00 26.58 ? 114 THR A CG2 1 
ATOM   832  N N   . VAL A 1 110 ? 12.569  1.324   4.030   1.00 26.55 ? 115 VAL A N   1 
ATOM   833  C CA  . VAL A 1 110 ? 12.732  2.765   3.836   1.00 26.95 ? 115 VAL A CA  1 
ATOM   834  C C   . VAL A 1 110 ? 13.401  3.528   4.964   1.00 26.47 ? 115 VAL A C   1 
ATOM   835  O O   . VAL A 1 110 ? 12.974  3.485   6.108   1.00 22.88 ? 115 VAL A O   1 
ATOM   836  C CB  . VAL A 1 110 ? 11.416  3.442   3.559   1.00 24.41 ? 115 VAL A CB  1 
ATOM   837  C CG1 . VAL A 1 110 ? 11.674  4.902   3.226   1.00 21.94 ? 115 VAL A CG1 1 
ATOM   838  C CG2 . VAL A 1 110 ? 10.743  2.750   2.399   1.00 25.45 ? 115 VAL A CG2 1 
ATOM   839  N N   . ASP A 1 111 ? 14.375  4.341   4.617   1.00 29.74 ? 116 ASP A N   1 
ATOM   840  C CA  . ASP A 1 111 ? 14.948  5.164   5.640   1.00 32.96 ? 116 ASP A CA  1 
ATOM   841  C C   . ASP A 1 111 ? 13.980  6.260   5.915   1.00 34.58 ? 116 ASP A C   1 
ATOM   842  O O   . ASP A 1 111 ? 14.217  7.395   5.490   1.00 35.50 ? 116 ASP A O   1 
ATOM   843  C CB  . ASP A 1 111 ? 16.282  5.760   5.251   1.00 35.26 ? 116 ASP A CB  1 
ATOM   844  C CG  . ASP A 1 111 ? 17.007  6.408   6.390   1.00 39.12 ? 116 ASP A CG  1 
ATOM   845  O OD1 . ASP A 1 111 ? 16.266  7.033   7.254   1.00 38.52 ? 116 ASP A OD1 1 
ATOM   846  O OD2 . ASP A 1 111 ? 18.201  6.522   6.402   1.00 43.93 ? 116 ASP A OD2 1 
ATOM   847  N N   . LEU A 1 112 ? 12.966  5.918   6.696   1.00 34.00 ? 117 LEU A N   1 
ATOM   848  C CA  . LEU A 1 112 ? 11.934  6.831   7.080   1.00 33.79 ? 117 LEU A CA  1 
ATOM   849  C C   . LEU A 1 112 ? 12.458  8.138   7.623   1.00 37.26 ? 117 LEU A C   1 
ATOM   850  O O   . LEU A 1 112 ? 11.964  9.207   7.208   1.00 36.99 ? 117 LEU A O   1 
ATOM   851  C CB  . LEU A 1 112 ? 10.879  6.182   7.989   1.00 31.86 ? 117 LEU A CB  1 
ATOM   852  C CG  . LEU A 1 112 ? 9.547   5.991   7.274   1.00 32.00 ? 117 LEU A CG  1 
ATOM   853  C CD1 . LEU A 1 112 ? 9.773   5.370   5.909   1.00 31.04 ? 117 LEU A CD1 1 
ATOM   854  C CD2 . LEU A 1 112 ? 8.578   5.143   8.114   1.00 32.84 ? 117 LEU A CD2 1 
ATOM   855  N N   . LYS A 1 113 ? 13.461  8.074   8.542   1.00 40.13 ? 118 LYS A N   1 
ATOM   856  C CA  . LYS A 1 113 ? 14.031  9.305   9.095   1.00 42.16 ? 118 LYS A CA  1 
ATOM   857  C C   . LYS A 1 113 ? 14.557  10.198  8.016   1.00 43.19 ? 118 LYS A C   1 
ATOM   858  O O   . LYS A 1 113 ? 14.328  11.390  8.042   1.00 46.27 ? 118 LYS A O   1 
ATOM   859  C CB  . LYS A 1 113 ? 15.117  9.121   10.120  1.00 45.64 ? 118 LYS A CB  1 
ATOM   860  C CG  . LYS A 1 113 ? 15.844  10.436  10.447  1.00 48.80 ? 118 LYS A CG  1 
ATOM   861  C CD  . LYS A 1 113 ? 16.905  10.311  11.558  1.00 51.69 ? 118 LYS A CD  1 
ATOM   862  C CE  . LYS A 1 113 ? 17.758  11.562  11.756  1.00 53.10 ? 118 LYS A CE  1 
ATOM   863  N NZ  . LYS A 1 113 ? 17.066  12.678  12.444  1.00 53.16 ? 118 LYS A NZ  1 
ATOM   864  N N   . SER A 1 114 ? 15.281  9.639   7.071   1.00 40.94 ? 119 SER A N   1 
ATOM   865  C CA  . SER A 1 114 ? 15.793  10.482  6.020   1.00 39.99 ? 119 SER A CA  1 
ATOM   866  C C   . SER A 1 114 ? 14.694  10.998  5.135   1.00 37.50 ? 119 SER A C   1 
ATOM   867  O O   . SER A 1 114 ? 14.463  12.198  5.043   1.00 38.08 ? 119 SER A O   1 
ATOM   868  C CB  . SER A 1 114 ? 16.860  9.779   5.237   1.00 43.20 ? 119 SER A CB  1 
ATOM   869  O OG  . SER A 1 114 ? 17.705  9.096   6.154   1.00 43.59 ? 119 SER A OG  1 
ATOM   870  N N   . VAL A 1 115 ? 14.000  10.072  4.512   1.00 35.79 ? 120 VAL A N   1 
ATOM   871  C CA  . VAL A 1 115 ? 12.907  10.391  3.608   1.00 32.74 ? 120 VAL A CA  1 
ATOM   872  C C   . VAL A 1 115 ? 11.946  11.418  4.130   1.00 38.94 ? 120 VAL A C   1 
ATOM   873  O O   . VAL A 1 115 ? 11.479  12.276  3.388   1.00 39.09 ? 120 VAL A O   1 
ATOM   874  C CB  . VAL A 1 115 ? 12.152  9.153   3.257   1.00 23.41 ? 120 VAL A CB  1 
ATOM   875  C CG1 . VAL A 1 115 ? 11.205  9.480   2.147   1.00 21.49 ? 120 VAL A CG1 1 
ATOM   876  C CG2 . VAL A 1 115 ? 13.140  8.109   2.799   1.00 23.17 ? 120 VAL A CG2 1 
ATOM   877  N N   . ALA A 1 116 ? 11.643  11.305  5.411   1.00 46.40 ? 121 ALA A N   1 
ATOM   878  C CA  . ALA A 1 116 ? 10.688  12.175  6.084   1.00 52.22 ? 121 ALA A CA  1 
ATOM   879  C C   . ALA A 1 116 ? 10.985  13.687  5.934   1.00 57.67 ? 121 ALA A C   1 
ATOM   880  O O   . ALA A 1 116 ? 10.077  14.542  6.003   1.00 59.21 ? 121 ALA A O   1 
ATOM   881  C CB  . ALA A 1 116 ? 10.534  11.745  7.540   1.00 52.38 ? 121 ALA A CB  1 
ATOM   882  N N   . LYS A 1 117 ? 12.271  14.028  5.734   1.00 60.41 ? 122 LYS A N   1 
ATOM   883  C CA  . LYS A 1 117 ? 12.680  15.430  5.580   1.00 61.70 ? 122 LYS A CA  1 
ATOM   884  C C   . LYS A 1 117 ? 12.666  15.882  4.134   1.00 61.34 ? 122 LYS A C   1 
ATOM   885  O O   . LYS A 1 117 ? 12.308  17.029  3.804   1.00 62.47 ? 122 LYS A O   1 
ATOM   886  C CB  . LYS A 1 117 ? 13.994  15.766  6.271   1.00 62.11 ? 122 LYS A CB  1 
ATOM   887  C CG  . LYS A 1 117 ? 15.059  14.681  6.181   1.00 62.60 ? 122 LYS A CG  1 
ATOM   888  C CD  . LYS A 1 117 ? 15.935  14.823  4.945   1.00 63.60 ? 122 LYS A CD  1 
ATOM   889  C CE  . LYS A 1 117 ? 17.431  14.603  5.204   1.00 62.25 ? 122 LYS A CE  1 
ATOM   890  N NZ  . LYS A 1 117 ? 18.304  15.518  4.424   1.00 59.89 ? 122 LYS A NZ  1 
ATOM   891  N N   . LYS A 1 118 ? 13.012  14.942  3.264   1.00 58.33 ? 123 LYS A N   1 
ATOM   892  C CA  . LYS A 1 118 ? 13.049  15.180  1.844   1.00 54.23 ? 123 LYS A CA  1 
ATOM   893  C C   . LYS A 1 118 ? 11.659  15.369  1.180   1.00 51.56 ? 123 LYS A C   1 
ATOM   894  O O   . LYS A 1 118 ? 11.517  16.046  0.164   1.00 50.29 ? 123 LYS A O   1 
ATOM   895  C CB  . LYS A 1 118 ? 13.893  14.128  1.159   1.00 53.48 ? 123 LYS A CB  1 
ATOM   896  C CG  . LYS A 1 118 ? 15.353  14.271  1.546   1.00 54.28 ? 123 LYS A CG  1 
ATOM   897  C CD  . LYS A 1 118 ? 16.217  13.153  0.992   1.00 56.65 ? 123 LYS A CD  1 
ATOM   898  C CE  . LYS A 1 118 ? 17.578  13.031  1.664   1.00 58.48 ? 123 LYS A CE  1 
ATOM   899  N NZ  . LYS A 1 118 ? 18.310  11.833  1.211   1.00 60.05 ? 123 LYS A NZ  1 
ATOM   900  N N   . VAL A 1 119 ? 10.610  14.795  1.750   1.00 49.47 ? 124 VAL A N   1 
ATOM   901  C CA  . VAL A 1 119 ? 9.296   14.874  1.122   1.00 43.88 ? 124 VAL A CA  1 
ATOM   902  C C   . VAL A 1 119 ? 8.215   15.496  1.974   1.00 40.46 ? 124 VAL A C   1 
ATOM   903  O O   . VAL A 1 119 ? 8.330   15.667  3.187   1.00 40.63 ? 124 VAL A O   1 
ATOM   904  C CB  . VAL A 1 119 ? 8.848   13.500  0.673   1.00 42.15 ? 124 VAL A CB  1 
ATOM   905  C CG1 . VAL A 1 119 ? 9.811   12.990  -0.395  1.00 42.17 ? 124 VAL A CG1 1 
ATOM   906  C CG2 . VAL A 1 119 ? 8.825   12.566  1.887   1.00 40.91 ? 124 VAL A CG2 1 
ATOM   907  N N   . PRO A 1 120 ? 7.129   15.808  1.297   1.00 38.39 ? 125 PRO A N   1 
ATOM   908  C CA  . PRO A 1 120 ? 5.996   16.407  1.938   1.00 35.44 ? 125 PRO A CA  1 
ATOM   909  C C   . PRO A 1 120 ? 5.369   15.531  2.995   1.00 32.24 ? 125 PRO A C   1 
ATOM   910  O O   . PRO A 1 120 ? 4.914   16.036  4.007   1.00 30.08 ? 125 PRO A O   1 
ATOM   911  C CB  . PRO A 1 120 ? 4.976   16.746  0.833   1.00 36.09 ? 125 PRO A CB  1 
ATOM   912  C CG  . PRO A 1 120 ? 5.646   16.493  -0.503  1.00 36.23 ? 125 PRO A CG  1 
ATOM   913  C CD  . PRO A 1 120 ? 6.993   15.839  -0.198  1.00 38.32 ? 125 PRO A CD  1 
ATOM   914  N N   . SER A 1 121 ? 5.335   14.223  2.765   1.00 33.81 ? 126 SER A N   1 
ATOM   915  C CA  . SER A 1 121 ? 4.721   13.344  3.751   1.00 35.21 ? 126 SER A CA  1 
ATOM   916  C C   . SER A 1 121 ? 5.118   11.890  3.590   1.00 36.12 ? 126 SER A C   1 
ATOM   917  O O   . SER A 1 121 ? 5.261   11.429  2.469   1.00 39.47 ? 126 SER A O   1 
ATOM   918  C CB  . SER A 1 121 ? 3.210   13.461  3.687   1.00 35.30 ? 126 SER A CB  1 
ATOM   919  O OG  . SER A 1 121 ? 2.641   12.624  4.662   1.00 36.57 ? 126 SER A OG  1 
ATOM   920  N N   . ILE A 1 122 ? 5.284   11.154  4.720   1.00 32.30 ? 127 ILE A N   1 
ATOM   921  C CA  . ILE A 1 122 ? 5.557   9.713   4.660   1.00 26.43 ? 127 ILE A CA  1 
ATOM   922  C C   . ILE A 1 122 ? 4.276   8.882   4.817   1.00 23.67 ? 127 ILE A C   1 
ATOM   923  O O   . ILE A 1 122 ? 4.299   7.656   4.789   1.00 23.89 ? 127 ILE A O   1 
ATOM   924  C CB  . ILE A 1 122 ? 6.690   9.169   5.514   1.00 24.49 ? 127 ILE A CB  1 
ATOM   925  C CG1 . ILE A 1 122 ? 6.428   9.395   6.992   1.00 25.84 ? 127 ILE A CG1 1 
ATOM   926  C CG2 . ILE A 1 122 ? 8.046   9.692   5.103   1.00 24.81 ? 127 ILE A CG2 1 
ATOM   927  C CD1 . ILE A 1 122 ? 6.734   8.148   7.809   1.00 28.01 ? 127 ILE A CD1 1 
ATOM   928  N N   . LYS A 1 123 ? 3.170   9.559   5.018   1.00 20.45 ? 128 LYS A N   1 
ATOM   929  C CA  . LYS A 1 123 ? 1.917   8.884   5.089   1.00 21.96 ? 128 LYS A CA  1 
ATOM   930  C C   . LYS A 1 123 ? 1.776   8.163   3.761   1.00 22.69 ? 128 LYS A C   1 
ATOM   931  O O   . LYS A 1 123 ? 1.959   8.796   2.739   1.00 24.04 ? 128 LYS A O   1 
ATOM   932  C CB  . LYS A 1 123 ? 0.835   9.913   5.255   1.00 23.25 ? 128 LYS A CB  1 
ATOM   933  C CG  . LYS A 1 123 ? 0.653   10.378  6.696   1.00 24.73 ? 128 LYS A CG  1 
ATOM   934  C CD  . LYS A 1 123 ? -0.514  11.360  6.756   1.00 25.82 ? 128 LYS A CD  1 
ATOM   935  C CE  . LYS A 1 123 ? -0.306  12.507  7.719   1.00 25.61 ? 128 LYS A CE  1 
ATOM   936  N NZ  . LYS A 1 123 ? -1.305  13.581  7.543   1.00 27.04 ? 128 LYS A NZ  1 
ATOM   937  N N   . SER A 1 124 ? 1.621   6.834   3.801   1.00 22.90 ? 129 SER A N   1 
ATOM   938  C CA  . SER A 1 124 ? 1.616   5.983   2.624   1.00 23.97 ? 129 SER A CA  1 
ATOM   939  C C   . SER A 1 124 ? 0.261   5.485   2.178   1.00 23.00 ? 129 SER A C   1 
ATOM   940  O O   . SER A 1 124 ? -0.374  4.740   2.888   1.00 22.71 ? 129 SER A O   1 
ATOM   941  C CB  . SER A 1 124 ? 2.562   4.822   2.824   1.00 26.51 ? 129 SER A CB  1 
ATOM   942  O OG  . SER A 1 124 ? 3.891   5.309   3.075   1.00 28.33 ? 129 SER A OG  1 
ATOM   943  N N   . PRO A 1 125 ? -0.121  5.812   0.938   1.00 20.51 ? 130 PRO A N   1 
ATOM   944  C CA  . PRO A 1 125 ? -1.412  5.409   0.455   1.00 19.87 ? 130 PRO A CA  1 
ATOM   945  C C   . PRO A 1 125 ? -1.527  3.993   -0.091  1.00 21.29 ? 130 PRO A C   1 
ATOM   946  O O   . PRO A 1 125 ? -0.627  3.454   -0.753  1.00 21.12 ? 130 PRO A O   1 
ATOM   947  C CB  . PRO A 1 125 ? -1.838  6.454   -0.555  1.00 20.72 ? 130 PRO A CB  1 
ATOM   948  C CG  . PRO A 1 125 ? -0.828  7.587   -0.491  1.00 19.64 ? 130 PRO A CG  1 
ATOM   949  C CD  . PRO A 1 125 ? 0.315   7.116   0.372   1.00 18.52 ? 130 PRO A CD  1 
ATOM   950  N N   . ILE A 1 126 ? -2.688  3.394   0.182   1.00 22.87 ? 131 ILE A N   1 
ATOM   951  C CA  . ILE A 1 126 ? -3.065  2.056   -0.276  1.00 27.00 ? 131 ILE A CA  1 
ATOM   952  C C   . ILE A 1 126 ? -4.312  2.192   -1.144  1.00 27.65 ? 131 ILE A C   1 
ATOM   953  O O   . ILE A 1 126 ? -5.438  2.343   -0.634  1.00 29.08 ? 131 ILE A O   1 
ATOM   954  C CB  . ILE A 1 126 ? -3.411  1.108   0.903   1.00 31.20 ? 131 ILE A CB  1 
ATOM   955  C CG1 . ILE A 1 126 ? -2.391  1.164   2.031   1.00 30.05 ? 131 ILE A CG1 1 
ATOM   956  C CG2 . ILE A 1 126 ? -3.560  -0.329  0.411   1.00 33.00 ? 131 ILE A CG2 1 
ATOM   957  C CD1 . ILE A 1 126 ? -0.975  0.891   1.551   1.00 29.67 ? 131 ILE A CD1 1 
ATOM   958  N N   . ILE A 1 127 ? -4.164  2.182   -2.447  1.00 27.22 ? 132 ILE A N   1 
ATOM   959  C CA  . ILE A 1 127 ? -5.365  2.360   -3.226  1.00 26.75 ? 132 ILE A CA  1 
ATOM   960  C C   . ILE A 1 127 ? -5.618  1.246   -4.147  1.00 22.62 ? 132 ILE A C   1 
ATOM   961  O O   . ILE A 1 127 ? -4.718  0.640   -4.663  1.00 23.96 ? 132 ILE A O   1 
ATOM   962  C CB  . ILE A 1 127 ? -5.330  3.645   -4.035  1.00 32.82 ? 132 ILE A CB  1 
ATOM   963  C CG1 . ILE A 1 127 ? -3.961  3.831   -4.648  1.00 34.88 ? 132 ILE A CG1 1 
ATOM   964  C CG2 . ILE A 1 127 ? -5.675  4.892   -3.212  1.00 34.35 ? 132 ILE A CG2 1 
ATOM   965  C CD1 . ILE A 1 127 ? -4.087  4.565   -5.982  1.00 34.81 ? 132 ILE A CD1 1 
ATOM   966  N N   . PHE A 1 128 ? -6.864  0.987   -4.361  1.00 23.01 ? 133 PHE A N   1 
ATOM   967  C CA  . PHE A 1 128 ? -7.235  -0.003  -5.321  1.00 24.30 ? 133 PHE A CA  1 
ATOM   968  C C   . PHE A 1 128 ? -7.392  0.722   -6.638  1.00 28.32 ? 133 PHE A C   1 
ATOM   969  O O   . PHE A 1 128 ? -8.333  1.580   -6.829  1.00 27.73 ? 133 PHE A O   1 
ATOM   970  C CB  . PHE A 1 128 ? -8.518  -0.759  -4.964  1.00 24.45 ? 133 PHE A CB  1 
ATOM   971  C CG  . PHE A 1 128 ? -8.476  -1.330  -3.585  1.00 22.95 ? 133 PHE A CG  1 
ATOM   972  C CD1 . PHE A 1 128 ? -8.587  -0.486  -2.482  1.00 22.03 ? 133 PHE A CD1 1 
ATOM   973  C CD2 . PHE A 1 128 ? -8.288  -2.695  -3.381  1.00 22.22 ? 133 PHE A CD2 1 
ATOM   974  C CE1 . PHE A 1 128 ? -8.474  -0.999  -1.191  1.00 24.49 ? 133 PHE A CE1 1 
ATOM   975  C CE2 . PHE A 1 128 ? -8.260  -3.230  -2.094  1.00 22.41 ? 133 PHE A CE2 1 
ATOM   976  C CZ  . PHE A 1 128 ? -8.315  -2.372  -0.997  1.00 22.80 ? 133 PHE A CZ  1 
ATOM   977  N N   . THR A 1 129 ? -6.381  0.462   -7.496  1.00 28.78 ? 134 THR A N   1 
ATOM   978  C CA  . THR A 1 129 ? -6.337  1.042   -8.797  1.00 27.97 ? 134 THR A CA  1 
ATOM   979  C C   . THR A 1 129 ? -7.293  0.315   -9.745  1.00 29.40 ? 134 THR A C   1 
ATOM   980  O O   . THR A 1 129 ? -7.640  0.784   -10.810 1.00 28.18 ? 134 THR A O   1 
ATOM   981  C CB  . THR A 1 129 ? -4.896  1.163   -9.305  1.00 25.98 ? 134 THR A CB  1 
ATOM   982  O OG1 . THR A 1 129 ? -4.525  2.562   -9.284  1.00 27.38 ? 134 THR A OG1 1 
ATOM   983  C CG2 . THR A 1 129 ? -4.745  0.536   -10.720 1.00 22.82 ? 134 THR A CG2 1 
ATOM   984  N N   . ASN A 1 130 ? -7.763  -0.829  -9.293  1.00 30.72 ? 135 ASN A N   1 
ATOM   985  C CA  . ASN A 1 130 ? -8.684  -1.591  -10.049 1.00 29.82 ? 135 ASN A CA  1 
ATOM   986  C C   . ASN A 1 130 ? -9.385  -2.640  -9.181  1.00 30.44 ? 135 ASN A C   1 
ATOM   987  O O   . ASN A 1 130 ? -8.763  -3.473  -8.549  1.00 30.63 ? 135 ASN A O   1 
ATOM   988  C CB  . ASN A 1 130 ? -7.998  -2.149  -11.276 1.00 28.55 ? 135 ASN A CB  1 
ATOM   989  C CG  . ASN A 1 130 ? -8.848  -3.170  -12.001 1.00 29.76 ? 135 ASN A CG  1 
ATOM   990  O OD1 . ASN A 1 130 ? -8.325  -4.049  -12.720 1.00 34.11 ? 135 ASN A OD1 1 
ATOM   991  N ND2 . ASN A 1 130 ? -10.143 -3.095  -11.821 1.00 26.20 ? 135 ASN A ND2 1 
ATOM   992  N N   . ASN A 1 131 ? -10.701 -2.633  -9.193  1.00 33.90 ? 136 ASN A N   1 
ATOM   993  C CA  . ASN A 1 131 ? -11.458 -3.588  -8.392  1.00 37.48 ? 136 ASN A CA  1 
ATOM   994  C C   . ASN A 1 131 ? -12.539 -4.405  -9.070  1.00 38.11 ? 136 ASN A C   1 
ATOM   995  O O   . ASN A 1 131 ? -12.362 -5.572  -9.355  1.00 38.41 ? 136 ASN A O   1 
ATOM   996  C CB  . ASN A 1 131 ? -12.040 -2.951  -7.125  1.00 40.22 ? 136 ASN A CB  1 
ATOM   997  C CG  . ASN A 1 131 ? -12.852 -1.701  -7.412  1.00 42.32 ? 136 ASN A CG  1 
ATOM   998  O OD1 . ASN A 1 131 ? -13.370 -1.465  -8.503  1.00 43.39 ? 136 ASN A OD1 1 
ATOM   999  N ND2 . ASN A 1 131 ? -12.896 -0.847  -6.425  1.00 43.75 ? 136 ASN A ND2 1 
ATOM   1000 N N   . GLY A 1 132 ? -13.717 -3.812  -9.226  1.00 41.40 ? 137 GLY A N   1 
ATOM   1001 C CA  . GLY A 1 132 ? -14.894 -4.530  -9.739  1.00 42.07 ? 137 GLY A CA  1 
ATOM   1002 C C   . GLY A 1 132 ? -15.804 -4.826  -8.543  1.00 44.50 ? 137 GLY A C   1 
ATOM   1003 O O   . GLY A 1 132 ? -16.973 -4.392  -8.478  1.00 45.51 ? 137 GLY A O   1 
ATOM   1004 N N   . GLY A 1 133 ? -15.184 -5.517  -7.544  1.00 44.12 ? 138 GLY A N   1 
ATOM   1005 C CA  . GLY A 1 133 ? -15.769 -5.850  -6.267  1.00 37.98 ? 138 GLY A CA  1 
ATOM   1006 C C   . GLY A 1 133 ? -15.584 -4.650  -5.419  1.00 36.81 ? 138 GLY A C   1 
ATOM   1007 O O   . GLY A 1 133 ? -15.347 -4.737  -4.260  1.00 38.64 ? 138 GLY A O   1 
ATOM   1008 N N   . LYS A 1 134 ? -15.640 -3.523  -6.085  1.00 38.60 ? 139 LYS A N   1 
ATOM   1009 C CA  . LYS A 1 134 ? -15.400 -2.199  -5.568  1.00 41.01 ? 139 LYS A CA  1 
ATOM   1010 C C   . LYS A 1 134 ? -16.009 -1.839  -4.239  1.00 43.66 ? 139 LYS A C   1 
ATOM   1011 O O   . LYS A 1 134 ? -16.306 -0.623  -3.995  1.00 46.81 ? 139 LYS A O   1 
ATOM   1012 C CB  . LYS A 1 134 ? -15.685 -1.102  -6.569  1.00 42.18 ? 139 LYS A CB  1 
ATOM   1013 C CG  . LYS A 1 134 ? -17.138 -0.749  -6.653  1.00 44.34 ? 139 LYS A CG  1 
ATOM   1014 C CD  . LYS A 1 134 ? -17.561 -0.454  -8.086  1.00 46.92 ? 139 LYS A CD  1 
ATOM   1015 C CE  . LYS A 1 134 ? -17.273 -1.624  -9.016  1.00 49.79 ? 139 LYS A CE  1 
ATOM   1016 N NZ  . LYS A 1 134 ? -15.857 -1.787  -9.371  1.00 49.82 ? 139 LYS A NZ  1 
ATOM   1017 N N   . THR A 1 135 ? -16.174 -2.823  -3.364  1.00 40.71 ? 140 THR A N   1 
ATOM   1018 C CA  . THR A 1 135 ? -16.643 -2.454  -2.062  1.00 40.84 ? 140 THR A CA  1 
ATOM   1019 C C   . THR A 1 135 ? -15.660 -2.775  -0.989  1.00 36.56 ? 140 THR A C   1 
ATOM   1020 O O   . THR A 1 135 ? -15.218 -3.914  -0.895  1.00 35.00 ? 140 THR A O   1 
ATOM   1021 C CB  . THR A 1 135 ? -18.096 -2.891  -1.712  1.00 40.75 ? 140 THR A CB  1 
ATOM   1022 O OG1 . THR A 1 135 ? -18.111 -4.129  -1.028  1.00 39.38 ? 140 THR A OG1 1 
ATOM   1023 C CG2 . THR A 1 135 ? -18.908 -2.988  -3.011  1.00 40.18 ? 140 THR A CG2 1 
ATOM   1024 N N   . LEU A 1 136 ? -15.332 -1.768  -0.184  1.00 34.00 ? 141 LEU A N   1 
ATOM   1025 C CA  . LEU A 1 136 ? -14.550 -2.024  0.994   1.00 32.35 ? 141 LEU A CA  1 
ATOM   1026 C C   . LEU A 1 136 ? -15.570 -2.214  2.116   1.00 31.18 ? 141 LEU A C   1 
ATOM   1027 O O   . LEU A 1 136 ? -15.866 -1.185  2.717   1.00 34.93 ? 141 LEU A O   1 
ATOM   1028 C CB  . LEU A 1 136 ? -13.689 -0.797  1.346   1.00 34.26 ? 141 LEU A CB  1 
ATOM   1029 C CG  . LEU A 1 136 ? -12.436 -0.609  0.490   1.00 33.49 ? 141 LEU A CG  1 
ATOM   1030 C CD1 . LEU A 1 136 ? -11.250 -1.320  1.143   1.00 30.76 ? 141 LEU A CD1 1 
ATOM   1031 C CD2 . LEU A 1 136 ? -12.701 -1.186  -0.901  1.00 34.92 ? 141 LEU A CD2 1 
ATOM   1032 N N   . GLU A 1 137 ? -16.209 -3.448  2.301   1.00 27.53 ? 142 GLU A N   1 
ATOM   1033 C CA  . GLU A 1 137 ? -17.269 -3.644  3.365   1.00 28.04 ? 142 GLU A CA  1 
ATOM   1034 C C   . GLU A 1 137 ? -16.650 -2.988  4.639   1.00 33.29 ? 142 GLU A C   1 
ATOM   1035 O O   . GLU A 1 137 ? -17.203 -2.002  5.181   1.00 35.44 ? 142 GLU A O   1 
ATOM   1036 C CB  . GLU A 1 137 ? -17.877 -5.179  3.589   1.00 23.18 ? 142 GLU A CB  1 
ATOM   1037 C CG  . GLU A 1 137 ? -19.467 -5.471  3.839   1.00 18.41 ? 142 GLU A CG  1 
ATOM   1038 C CD  . GLU A 1 137 ? -20.011 -6.954  4.237   1.00 12.09 ? 142 GLU A CD  1 
ATOM   1039 O OE1 . GLU A 1 137 ? -19.487 -7.478  5.215   1.00 6.37  ? 142 GLU A OE1 1 
ATOM   1040 O OE2 . GLU A 1 137 ? -20.970 -7.561  3.766   1.00 13.32 ? 142 GLU A OE2 1 
ATOM   1041 N N   . ILE A 1 138 ? -15.398 -3.335  4.952   1.00 32.30 ? 143 ILE A N   1 
ATOM   1042 C CA  . ILE A 1 138 ? -14.794 -2.807  6.160   1.00 33.00 ? 143 ILE A CA  1 
ATOM   1043 C C   . ILE A 1 138 ? -13.337 -2.398  6.080   1.00 32.76 ? 143 ILE A C   1 
ATOM   1044 O O   . ILE A 1 138 ? -12.485 -3.166  5.647   1.00 36.67 ? 143 ILE A O   1 
ATOM   1045 C CB  . ILE A 1 138 ? -14.940 -3.855  7.286   1.00 34.56 ? 143 ILE A CB  1 
ATOM   1046 C CG1 . ILE A 1 138 ? -16.310 -4.491  7.258   1.00 36.85 ? 143 ILE A CG1 1 
ATOM   1047 C CG2 . ILE A 1 138 ? -14.650 -3.313  8.684   1.00 34.52 ? 143 ILE A CG2 1 
ATOM   1048 C CD1 . ILE A 1 138 ? -16.304 -5.815  6.499   1.00 40.25 ? 143 ILE A CD1 1 
ATOM   1049 N N   . VAL A 1 139 ? -13.038 -1.205  6.599   1.00 27.45 ? 144 VAL A N   1 
ATOM   1050 C CA  . VAL A 1 139 ? -11.682 -0.798  6.756   1.00 26.43 ? 144 VAL A CA  1 
ATOM   1051 C C   . VAL A 1 139 ? -11.410 -0.623  8.243   1.00 23.81 ? 144 VAL A C   1 
ATOM   1052 O O   . VAL A 1 139 ? -11.915 0.288   8.851   1.00 19.74 ? 144 VAL A O   1 
ATOM   1053 C CB  . VAL A 1 139 ? -11.227 0.495   6.036   1.00 29.05 ? 144 VAL A CB  1 
ATOM   1054 C CG1 . VAL A 1 139 ? -9.774  0.793   6.477   1.00 27.45 ? 144 VAL A CG1 1 
ATOM   1055 C CG2 . VAL A 1 139 ? -11.285 0.390   4.524   1.00 29.45 ? 144 VAL A CG2 1 
ATOM   1056 N N   . LYS A 1 140 ? -10.577 -1.463  8.820   1.00 27.65 ? 145 LYS A N   1 
ATOM   1057 C CA  . LYS A 1 140 ? -10.227 -1.311  10.218  1.00 28.38 ? 145 LYS A CA  1 
ATOM   1058 C C   . LYS A 1 140 ? -9.273  -0.128  10.369  1.00 30.26 ? 145 LYS A C   1 
ATOM   1059 O O   . LYS A 1 140 ? -8.255  -0.054  9.655   1.00 35.46 ? 145 LYS A O   1 
ATOM   1060 C CB  . LYS A 1 140 ? -9.742  -2.609  10.850  1.00 30.45 ? 145 LYS A CB  1 
ATOM   1061 C CG  . LYS A 1 140 ? -8.914  -2.418  12.123  1.00 34.37 ? 145 LYS A CG  1 
ATOM   1062 C CD  . LYS A 1 140 ? -7.810  -3.468  12.295  1.00 38.78 ? 145 LYS A CD  1 
ATOM   1063 C CE  . LYS A 1 140 ? -8.238  -4.758  13.016  1.00 41.97 ? 145 LYS A CE  1 
ATOM   1064 N NZ  . LYS A 1 140 ? -7.155  -5.784  13.126  1.00 42.72 ? 145 LYS A NZ  1 
ATOM   1065 N N   . MET A 1 141 ? -9.670  0.855   11.242  1.00 24.06 ? 146 MET A N   1 
ATOM   1066 C CA  . MET A 1 141 ? -8.942  2.075   11.464  1.00 20.25 ? 146 MET A CA  1 
ATOM   1067 C C   . MET A 1 141 ? -8.166  2.079   12.758  1.00 21.39 ? 146 MET A C   1 
ATOM   1068 O O   . MET A 1 141 ? -8.233  1.167   13.550  1.00 22.97 ? 146 MET A O   1 
ATOM   1069 C CB  . MET A 1 141 ? -9.902  3.251   11.429  1.00 20.70 ? 146 MET A CB  1 
ATOM   1070 C CG  . MET A 1 141 ? -10.477 3.461   10.051  1.00 23.92 ? 146 MET A CG  1 
ATOM   1071 S SD  . MET A 1 141 ? -9.638  4.779   9.210   1.00 25.63 ? 146 MET A SD  1 
ATOM   1072 C CE  . MET A 1 141 ? -9.674  5.964   10.573  1.00 27.49 ? 146 MET A CE  1 
ATOM   1073 N N   . GLY A 1 142 ? -7.389  3.103   12.979  1.00 20.86 ? 147 GLY A N   1 
ATOM   1074 C CA  . GLY A 1 142 ? -6.682  3.143   14.210  1.00 21.08 ? 147 GLY A CA  1 
ATOM   1075 C C   . GLY A 1 142 ? -5.313  2.523   14.121  1.00 22.24 ? 147 GLY A C   1 
ATOM   1076 O O   . GLY A 1 142 ? -4.764  2.378   13.039  1.00 19.43 ? 147 GLY A O   1 
ATOM   1077 N N   . GLU A 1 143 ? -4.772  2.207   15.331  1.00 25.00 ? 148 GLU A N   1 
ATOM   1078 C CA  . GLU A 1 143 ? -3.455  1.652   15.569  1.00 26.80 ? 148 GLU A CA  1 
ATOM   1079 C C   . GLU A 1 143 ? -3.408  0.144   15.195  1.00 28.88 ? 148 GLU A C   1 
ATOM   1080 O O   . GLU A 1 143 ? -4.271  -0.656  15.608  1.00 29.72 ? 148 GLU A O   1 
ATOM   1081 C CB  . GLU A 1 143 ? -3.049  1.954   17.023  1.00 29.94 ? 148 GLU A CB  1 
ATOM   1082 C CG  . GLU A 1 143 ? -1.594  2.446   17.212  1.00 37.38 ? 148 GLU A CG  1 
ATOM   1083 C CD  . GLU A 1 143 ? -1.284  3.844   16.681  1.00 40.03 ? 148 GLU A CD  1 
ATOM   1084 O OE1 . GLU A 1 143 ? -1.885  4.361   15.752  1.00 41.70 ? 148 GLU A OE1 1 
ATOM   1085 O OE2 . GLU A 1 143 ? -0.267  4.426   17.306  1.00 38.81 ? 148 GLU A OE2 1 
ATOM   1086 N N   . VAL A 1 144 ? -2.433  -0.238  14.324  1.00 28.17 ? 149 VAL A N   1 
ATOM   1087 C CA  . VAL A 1 144 ? -2.316  -1.604  13.796  1.00 25.10 ? 149 VAL A CA  1 
ATOM   1088 C C   . VAL A 1 144 ? -0.914  -2.145  13.794  1.00 24.81 ? 149 VAL A C   1 
ATOM   1089 O O   . VAL A 1 144 ? 0.075   -1.455  13.907  1.00 24.67 ? 149 VAL A O   1 
ATOM   1090 C CB  . VAL A 1 144 ? -2.838  -1.751  12.337  1.00 24.27 ? 149 VAL A CB  1 
ATOM   1091 C CG1 . VAL A 1 144 ? -4.316  -1.412  12.202  1.00 23.70 ? 149 VAL A CG1 1 
ATOM   1092 C CG2 . VAL A 1 144 ? -2.026  -0.898  11.374  1.00 24.64 ? 149 VAL A CG2 1 
ATOM   1093 N N   . LYS A 1 145 ? -0.864  -3.430  13.585  1.00 27.36 ? 150 LYS A N   1 
ATOM   1094 C CA  . LYS A 1 145 ? 0.362   -4.124  13.460  1.00 27.72 ? 150 LYS A CA  1 
ATOM   1095 C C   . LYS A 1 145 ? 0.463   -4.676  12.077  1.00 27.10 ? 150 LYS A C   1 
ATOM   1096 O O   . LYS A 1 145 ? -0.538  -5.138  11.480  1.00 26.58 ? 150 LYS A O   1 
ATOM   1097 C CB  . LYS A 1 145 ? 0.462   -5.216  14.483  1.00 29.89 ? 150 LYS A CB  1 
ATOM   1098 C CG  . LYS A 1 145 ? 0.511   -4.625  15.872  1.00 33.10 ? 150 LYS A CG  1 
ATOM   1099 C CD  . LYS A 1 145 ? 1.936   -4.437  16.369  1.00 38.67 ? 150 LYS A CD  1 
ATOM   1100 C CE  . LYS A 1 145 ? 2.389   -5.524  17.369  1.00 42.49 ? 150 LYS A CE  1 
ATOM   1101 N NZ  . LYS A 1 145 ? 3.398   -5.074  18.356  1.00 44.72 ? 150 LYS A NZ  1 
ATOM   1102 N N   . GLN A 1 146 ? 1.674   -4.613  11.552  1.00 25.98 ? 151 GLN A N   1 
ATOM   1103 C CA  . GLN A 1 146 ? 1.934   -5.127  10.215  1.00 25.33 ? 151 GLN A CA  1 
ATOM   1104 C C   . GLN A 1 146 ? 1.459   -6.579  10.096  1.00 26.66 ? 151 GLN A C   1 
ATOM   1105 O O   . GLN A 1 146 ? 1.889   -7.437  10.879  1.00 27.32 ? 151 GLN A O   1 
ATOM   1106 C CB  . GLN A 1 146 ? 3.445   -5.044  9.892   1.00 21.12 ? 151 GLN A CB  1 
ATOM   1107 C CG  . GLN A 1 146 ? 3.797   -5.648  8.542   1.00 18.66 ? 151 GLN A CG  1 
ATOM   1108 C CD  . GLN A 1 146 ? 4.165   -7.087  8.645   1.00 19.95 ? 151 GLN A CD  1 
ATOM   1109 O OE1 . GLN A 1 146 ? 3.681   -7.965  7.869   1.00 17.52 ? 151 GLN A OE1 1 
ATOM   1110 N NE2 . GLN A 1 146 ? 5.091   -7.329  9.582   1.00 23.26 ? 151 GLN A NE2 1 
ATOM   1111 N N   . GLY A 1 147 ? 0.556   -6.857  9.135   1.00 24.09 ? 152 GLY A N   1 
ATOM   1112 C CA  . GLY A 1 147 ? 0.055   -8.213  8.931   1.00 21.03 ? 152 GLY A CA  1 
ATOM   1113 C C   . GLY A 1 147 ? -1.320  -8.413  9.566   1.00 21.29 ? 152 GLY A C   1 
ATOM   1114 O O   . GLY A 1 147 ? -1.812  -9.540  9.714   1.00 22.00 ? 152 GLY A O   1 
ATOM   1115 N N   . ASP A 1 148 ? -1.917  -7.304  9.959   1.00 20.22 ? 153 ASP A N   1 
ATOM   1116 C CA  . ASP A 1 148 ? -3.207  -7.305  10.591  1.00 20.12 ? 153 ASP A CA  1 
ATOM   1117 C C   . ASP A 1 148 ? -4.186  -7.101  9.527   1.00 17.92 ? 153 ASP A C   1 
ATOM   1118 O O   . ASP A 1 148 ? -3.926  -6.279  8.664   1.00 16.06 ? 153 ASP A O   1 
ATOM   1119 C CB  . ASP A 1 148 ? -3.352  -6.020  11.472  1.00 20.77 ? 153 ASP A CB  1 
ATOM   1120 C CG  . ASP A 1 148 ? -2.802  -6.035  12.867  1.00 21.73 ? 153 ASP A CG  1 
ATOM   1121 O OD1 . ASP A 1 148 ? -2.113  -7.079  13.113  1.00 23.90 ? 153 ASP A OD1 1 
ATOM   1122 O OD2 . ASP A 1 148 ? -2.976  -5.147  13.675  1.00 23.68 ? 153 ASP A OD2 1 
ATOM   1123 N N   . VAL A 1 149 ? -5.343  -7.706  9.635   1.00 19.11 ? 154 VAL A N   1 
ATOM   1124 C CA  . VAL A 1 149 ? -6.345  -7.364  8.660   1.00 20.92 ? 154 VAL A CA  1 
ATOM   1125 C C   . VAL A 1 149 ? -6.773  -5.902  8.877   1.00 24.88 ? 154 VAL A C   1 
ATOM   1126 O O   . VAL A 1 149 ? -6.875  -5.421  9.997   1.00 26.19 ? 154 VAL A O   1 
ATOM   1127 C CB  . VAL A 1 149 ? -7.505  -8.337  8.555   1.00 19.17 ? 154 VAL A CB  1 
ATOM   1128 C CG1 . VAL A 1 149 ? -8.596  -7.714  7.690   1.00 19.83 ? 154 VAL A CG1 1 
ATOM   1129 C CG2 . VAL A 1 149 ? -7.013  -9.601  7.898   1.00 17.61 ? 154 VAL A CG2 1 
ATOM   1130 N N   . VAL A 1 150 ? -6.997  -5.192  7.781   1.00 25.82 ? 155 VAL A N   1 
ATOM   1131 C CA  . VAL A 1 150 ? -7.257  -3.762  7.748   1.00 22.88 ? 155 VAL A CA  1 
ATOM   1132 C C   . VAL A 1 150 ? -8.413  -3.388  6.779   1.00 22.29 ? 155 VAL A C   1 
ATOM   1133 O O   . VAL A 1 150 ? -8.920  -2.279  6.782   1.00 24.42 ? 155 VAL A O   1 
ATOM   1134 C CB  . VAL A 1 150 ? -5.893  -3.097  7.396   1.00 21.82 ? 155 VAL A CB  1 
ATOM   1135 C CG1 . VAL A 1 150 ? -5.968  -1.903  6.456   1.00 23.35 ? 155 VAL A CG1 1 
ATOM   1136 C CG2 . VAL A 1 150 ? -5.136  -2.732  8.662   1.00 23.12 ? 155 VAL A CG2 1 
ATOM   1137 N N   . ALA A 1 151 ? -8.835  -4.320  5.943   1.00 20.50 ? 156 ALA A N   1 
ATOM   1138 C CA  . ALA A 1 151 ? -9.916  -4.074  5.012   1.00 17.31 ? 156 ALA A CA  1 
ATOM   1139 C C   . ALA A 1 151 ? -10.289 -5.288  4.256   1.00 17.77 ? 156 ALA A C   1 
ATOM   1140 O O   . ALA A 1 151 ? -9.533  -6.218  4.050   1.00 18.60 ? 156 ALA A O   1 
ATOM   1141 C CB  . ALA A 1 151 ? -9.630  -2.969  4.031   1.00 16.85 ? 156 ALA A CB  1 
ATOM   1142 N N   . ILE A 1 152 ? -11.515 -5.254  3.866   1.00 21.56 ? 157 ILE A N   1 
ATOM   1143 C CA  . ILE A 1 152 ? -12.167 -6.304  3.117   1.00 22.34 ? 157 ILE A CA  1 
ATOM   1144 C C   . ILE A 1 152 ? -12.706 -5.666  1.893   1.00 20.22 ? 157 ILE A C   1 
ATOM   1145 O O   . ILE A 1 152 ? -13.343 -4.609  2.006   1.00 17.91 ? 157 ILE A O   1 
ATOM   1146 C CB  . ILE A 1 152 ? -13.371 -6.866  3.912   1.00 23.66 ? 157 ILE A CB  1 
ATOM   1147 C CG1 . ILE A 1 152 ? -12.919 -7.454  5.227   1.00 20.03 ? 157 ILE A CG1 1 
ATOM   1148 C CG2 . ILE A 1 152 ? -14.134 -7.910  3.118   1.00 23.19 ? 157 ILE A CG2 1 
ATOM   1149 C CD1 . ILE A 1 152 ? -12.085 -8.699  5.044   1.00 16.79 ? 157 ILE A CD1 1 
ATOM   1150 N N   . LEU A 1 153 ? -12.331 -6.257  0.750   1.00 23.48 ? 158 LEU A N   1 
ATOM   1151 C CA  . LEU A 1 153 ? -12.801 -5.907  -0.603  1.00 24.52 ? 158 LEU A CA  1 
ATOM   1152 C C   . LEU A 1 153 ? -13.624 -7.124  -0.939  1.00 25.72 ? 158 LEU A C   1 
ATOM   1153 O O   . LEU A 1 153 ? -13.086 -8.203  -1.148  1.00 25.18 ? 158 LEU A O   1 
ATOM   1154 C CB  . LEU A 1 153 ? -11.650 -5.577  -1.628  1.00 24.46 ? 158 LEU A CB  1 
ATOM   1155 C CG  . LEU A 1 153 ? -12.158 -4.986  -2.968  1.00 25.77 ? 158 LEU A CG  1 
ATOM   1156 C CD1 . LEU A 1 153 ? -12.346 -3.463  -2.913  1.00 24.28 ? 158 LEU A CD1 1 
ATOM   1157 C CD2 . LEU A 1 153 ? -11.198 -5.347  -4.100  1.00 26.26 ? 158 LEU A CD2 1 
ATOM   1158 N N   . LYS A 1 154 ? -14.915 -7.009  -0.684  1.00 29.12 ? 159 LYS A N   1 
ATOM   1159 C CA  . LYS A 1 154 ? -15.811 -8.140  -0.755  1.00 31.33 ? 159 LYS A CA  1 
ATOM   1160 C C   . LYS A 1 154 ? -16.463 -8.331  -2.100  1.00 32.01 ? 159 LYS A C   1 
ATOM   1161 O O   . LYS A 1 154 ? -17.071 -7.371  -2.614  1.00 26.82 ? 159 LYS A O   1 
ATOM   1162 C CB  . LYS A 1 154 ? -16.801 -8.144  0.425   1.00 32.79 ? 159 LYS A CB  1 
ATOM   1163 C CG  . LYS A 1 154 ? -17.512 -9.477  0.646   1.00 33.94 ? 159 LYS A CG  1 
ATOM   1164 C CD  . LYS A 1 154 ? -18.253 -9.603  1.992   1.00 34.57 ? 159 LYS A CD  1 
ATOM   1165 C CE  . LYS A 1 154 ? -18.124 -10.989 2.698   1.00 35.94 ? 159 LYS A CE  1 
ATOM   1166 N NZ  . LYS A 1 154 ? -19.082 -12.052 2.257   1.00 37.44 ? 159 LYS A NZ  1 
ATOM   1167 O OXT . LYS A 1 154 ? -16.347 -9.475  -2.611  1.00 35.87 ? 159 LYS A OXT 1 
HETATM 1168 O O   . HOH B 2 .   ? -1.042  -2.897  -10.134 1.00 57.72 ? 160 HOH A O   1 
HETATM 1169 O O   . HOH B 2 .   ? -28.159 -19.036 0.355   1.00 64.39 ? 161 HOH A O   1 
HETATM 1170 O O   . HOH B 2 .   ? 17.991  -4.726  -1.608  1.00 54.84 ? 162 HOH A O   1 
HETATM 1171 O O   . HOH B 2 .   ? 2.326   11.088  -3.055  1.00 68.02 ? 163 HOH A O   1 
HETATM 1172 O O   . HOH B 2 .   ? 12.072  19.340  3.170   1.00 66.56 ? 164 HOH A O   1 
HETATM 1173 O O   . HOH B 2 .   ? -0.942  5.300   20.351  1.00 42.90 ? 165 HOH A O   1 
HETATM 1174 O O   . HOH B 2 .   ? -7.447  -0.629  15.443  1.00 34.71 ? 166 HOH A O   1 
HETATM 1175 O O   . HOH B 2 .   ? 0.463   -14.837 -5.982  1.00 63.95 ? 167 HOH A O   1 
HETATM 1176 O O   . HOH B 2 .   ? -3.908  16.822  6.142   1.00 61.91 ? 168 HOH A O   1 
HETATM 1177 O O   . HOH B 2 .   ? 9.039   -11.922 2.482   1.00 59.44 ? 169 HOH A O   1 
HETATM 1178 O O   . HOH B 2 .   ? -6.198  8.086   -5.837  1.00 36.57 ? 170 HOH A O   1 
HETATM 1179 O O   . HOH B 2 .   ? -13.187 -0.075  -4.343  1.00 45.68 ? 171 HOH A O   1 
HETATM 1180 O O   . HOH B 2 .   ? -4.587  16.447  2.901   1.00 49.68 ? 172 HOH A O   1 
HETATM 1181 O O   . HOH B 2 .   ? 2.132   16.632  4.717   1.00 50.39 ? 173 HOH A O   1 
HETATM 1182 O O   . HOH B 2 .   ? -13.433 3.564   -6.142  1.00 65.56 ? 174 HOH A O   1 
HETATM 1183 O O   . HOH B 2 .   ? -0.173  -18.768 -3.914  1.00 50.18 ? 175 HOH A O   1 
HETATM 1184 O O   . HOH B 2 .   ? 15.292  -10.703 4.330   1.00 50.46 ? 176 HOH A O   1 
HETATM 1185 O O   . HOH B 2 .   ? 11.066  -9.251  0.225   1.00 60.93 ? 177 HOH A O   1 
HETATM 1186 O O   . HOH B 2 .   ? -19.224 -1.152  -10.958 1.00 33.05 ? 178 HOH A O   1 
HETATM 1187 O O   . HOH B 2 .   ? -11.267 9.940   -12.533 1.00 57.19 ? 179 HOH A O   1 
HETATM 1188 O O   . HOH B 2 .   ? -10.176 6.785   3.063   1.00 35.69 ? 180 HOH A O   1 
HETATM 1189 O O   . HOH B 2 .   ? 1.793   -7.794  5.458   1.00 50.32 ? 181 HOH A O   1 
HETATM 1190 O O   . HOH B 2 .   ? 10.336  -6.663  8.861   1.00 49.13 ? 182 HOH A O   1 
HETATM 1191 O O   . HOH B 2 .   ? -13.217 8.538   -8.152  1.00 62.47 ? 183 HOH A O   1 
HETATM 1192 O O   . HOH B 2 .   ? 16.791  19.007  1.959   1.00 55.32 ? 184 HOH A O   1 
HETATM 1193 O O   . HOH B 2 .   ? -5.662  -5.008  -14.623 1.00 42.22 ? 185 HOH A O   1 
HETATM 1194 O O   . HOH B 2 .   ? -17.312 -8.815  6.104   1.00 33.97 ? 186 HOH A O   1 
HETATM 1195 O O   . HOH B 2 .   ? 9.213   0.080   -6.825  1.00 52.32 ? 187 HOH A O   1 
HETATM 1196 O O   . HOH B 2 .   ? -1.847  16.534  7.668   1.00 55.29 ? 188 HOH A O   1 
HETATM 1197 O O   . HOH B 2 .   ? 7.296   -4.240  9.630   1.00 56.49 ? 189 HOH A O   1 
HETATM 1198 O O   . HOH B 2 .   ? -25.363 -15.593 -2.106  1.00 64.69 ? 190 HOH A O   1 
HETATM 1199 O O   . HOH B 2 .   ? -8.219  -15.918 -0.700  1.00 53.30 ? 191 HOH A O   1 
HETATM 1200 O O   . HOH B 2 .   ? -2.825  -5.476  16.814  1.00 69.02 ? 192 HOH A O   1 
HETATM 1201 O O   . HOH B 2 .   ? 4.692   -13.386 -11.760 1.00 39.77 ? 193 HOH A O   1 
HETATM 1202 O O   . HOH B 2 .   ? 3.914   16.619  -5.489  1.00 48.41 ? 194 HOH A O   1 
HETATM 1203 O O   . HOH B 2 .   ? 19.895  3.258   -2.392  1.00 68.27 ? 195 HOH A O   1 
HETATM 1204 O O   . HOH B 2 .   ? -8.339  -13.014 0.942   1.00 27.92 ? 196 HOH A O   1 
HETATM 1205 O O   . HOH B 2 .   ? -21.626 -10.925 -0.102  1.00 61.14 ? 197 HOH A O   1 
HETATM 1206 O O   . HOH B 2 .   ? 13.242  8.110   -4.641  1.00 68.44 ? 198 HOH A O   1 
HETATM 1207 O O   . HOH B 2 .   ? 2.445   -12.655 7.342   1.00 48.88 ? 199 HOH A O   1 
HETATM 1208 O O   . HOH B 2 .   ? 6.656   2.013   17.381  1.00 54.69 ? 200 HOH A O   1 
HETATM 1209 O O   . HOH B 2 .   ? -13.107 3.504   9.097   1.00 68.47 ? 201 HOH A O   1 
HETATM 1210 O O   . HOH B 2 .   ? 20.486  7.462   -4.122  1.00 37.10 ? 202 HOH A O   1 
HETATM 1211 O O   . HOH B 2 .   ? -1.023  8.542   14.506  1.00 54.02 ? 203 HOH A O   1 
HETATM 1212 O O   . HOH B 2 .   ? -10.391 -12.938 3.132   1.00 45.57 ? 204 HOH A O   1 
HETATM 1213 O O   . HOH B 2 .   ? 0.264   -9.490  -16.026 1.00 32.49 ? 205 HOH A O   1 
HETATM 1214 O O   . HOH B 2 .   ? -22.313 -13.975 -1.761  1.00 50.01 ? 206 HOH A O   1 
HETATM 1215 O O   . HOH B 2 .   ? -16.317 -0.313  10.875  1.00 52.48 ? 207 HOH A O   1 
HETATM 1216 O O   . HOH B 2 .   ? -13.822 12.666  1.436   1.00 40.98 ? 208 HOH A O   1 
HETATM 1217 O O   . HOH B 2 .   ? -7.600  16.735  4.107   1.00 68.99 ? 209 HOH A O   1 
HETATM 1218 O O   . HOH B 2 .   ? 10.657  -11.342 4.151   1.00 69.67 ? 210 HOH A O   1 
HETATM 1219 O O   . HOH B 2 .   ? -2.092  -12.506 -10.465 1.00 63.43 ? 211 HOH A O   1 
HETATM 1220 O O   . HOH B 2 .   ? 14.072  5.359   9.063   1.00 67.59 ? 212 HOH A O   1 
HETATM 1221 O O   . HOH B 2 .   ? 13.481  13.243  10.706  1.00 67.37 ? 213 HOH A O   1 
HETATM 1222 O O   . HOH B 2 .   ? -4.263  18.364  0.683   1.00 65.25 ? 214 HOH A O   1 
HETATM 1223 O O   . HOH B 2 .   ? -12.241 16.127  -3.958  1.00 67.46 ? 215 HOH A O   1 
HETATM 1224 O O   . HOH B 2 .   ? -14.586 16.095  4.161   1.00 63.71 ? 216 HOH A O   1 
HETATM 1225 O O   . HOH B 2 .   ? -19.383 -7.533  -4.042  1.00 52.44 ? 217 HOH A O   1 
HETATM 1226 O O   . HOH B 2 .   ? 1.012   8.201   17.041  1.00 61.96 ? 218 HOH A O   1 
HETATM 1227 O O   . HOH B 2 .   ? 1.107   -9.630  12.861  1.00 68.55 ? 219 HOH A O   1 
HETATM 1228 O O   . HOH B 2 .   ? 4.218   -7.340  -14.675 1.00 61.90 ? 220 HOH A O   1 
HETATM 1229 O O   . HOH B 2 .   ? 20.885  10.054  -4.223  1.00 44.91 ? 221 HOH A O   1 
# 
